data_7QWC
# 
_entry.id   7QWC 
# 
_audit_conform.dict_name       mmcif_pdbx.dic 
_audit_conform.dict_version    5.365 
_audit_conform.dict_location   http://mmcif.pdb.org/dictionaries/ascii/mmcif_pdbx.dic 
# 
loop_
_database_2.database_id 
_database_2.database_code 
_database_2.pdbx_database_accession 
_database_2.pdbx_DOI 
PDB   7QWC         pdb_00007qwc 10.2210/pdb7qwc/pdb 
WWPDB D_1292120427 ?            ?                   
# 
_pdbx_database_related.db_name        PDB 
_pdbx_database_related.details        'alanine to aib mutation' 
_pdbx_database_related.db_id          3R4A 
_pdbx_database_related.content_type   unspecified 
# 
_pdbx_database_status.status_code                     REL 
_pdbx_database_status.status_code_sf                  REL 
_pdbx_database_status.status_code_mr                  ? 
_pdbx_database_status.entry_id                        7QWC 
_pdbx_database_status.recvd_initial_deposition_date   2022-01-25 
_pdbx_database_status.SG_entry                        N 
_pdbx_database_status.deposit_site                    PDBE 
_pdbx_database_status.process_site                    PDBE 
_pdbx_database_status.status_code_cs                  ? 
_pdbx_database_status.status_code_nmr_data            ? 
_pdbx_database_status.methods_development_category    ? 
_pdbx_database_status.pdb_format_compatible           Y 
# 
loop_
_audit_author.name 
_audit_author.pdbx_ordinal 
_audit_author.identifier_ORCID 
'Martin, F.J.O.'   1 0000-0001-6456-2860 
'Zieleniewski, F.' 2 0000-0003-1529-8594 
'Dawson, W.M.'     3 0000-0003-2710-6879 
'Woolfson, D.N.'   4 0000-0002-0394-3202 
# 
_citation.abstract                  ? 
_citation.abstract_id_CAS           ? 
_citation.book_id_ISBN              ? 
_citation.book_publisher            ? 
_citation.book_publisher_city       ? 
_citation.book_title                ? 
_citation.coordinate_linkage        ? 
_citation.country                   ? 
_citation.database_id_Medline       ? 
_citation.details                   ? 
_citation.id                        primary 
_citation.journal_abbrev            'To Be Published' 
_citation.journal_id_ASTM           ? 
_citation.journal_id_CSD            0353 
_citation.journal_id_ISSN           ? 
_citation.journal_full              ? 
_citation.journal_issue             ? 
_citation.journal_volume            ? 
_citation.language                  ? 
_citation.page_first                ? 
_citation.page_last                 ? 
_citation.title                     'CC-Type1-(UbUc)4' 
_citation.year                      ? 
_citation.database_id_CSD           ? 
_citation.pdbx_database_id_DOI      ? 
_citation.pdbx_database_id_PubMed   ? 
_citation.pdbx_database_id_patent   ? 
_citation.unpublished_flag          ? 
# 
loop_
_citation_author.citation_id 
_citation_author.name 
_citation_author.ordinal 
_citation_author.identifier_ORCID 
primary 'Martin, F.J.O.'   1 0000-0001-6456-2860 
primary 'Zieleniewski, F.' 2 0000-0003-1529-8594 
primary 'Dawson, W.M.'     3 0000-0003-2710-6879 
primary 'Woolfson, D.N.'   4 0000-0002-0394-3202 
# 
_cell.angle_alpha                  90.000 
_cell.angle_alpha_esd              ? 
_cell.angle_beta                   90.000 
_cell.angle_beta_esd               ? 
_cell.angle_gamma                  90.000 
_cell.angle_gamma_esd              ? 
_cell.entry_id                     7QWC 
_cell.details                      ? 
_cell.formula_units_Z              ? 
_cell.length_a                     39.833 
_cell.length_a_esd                 ? 
_cell.length_b                     39.833 
_cell.length_b_esd                 ? 
_cell.length_c                     73.196 
_cell.length_c_esd                 ? 
_cell.volume                       ? 
_cell.volume_esd                   ? 
_cell.Z_PDB                        12 
_cell.reciprocal_angle_alpha       ? 
_cell.reciprocal_angle_beta        ? 
_cell.reciprocal_angle_gamma       ? 
_cell.reciprocal_angle_alpha_esd   ? 
_cell.reciprocal_angle_beta_esd    ? 
_cell.reciprocal_angle_gamma_esd   ? 
_cell.reciprocal_length_a          ? 
_cell.reciprocal_length_b          ? 
_cell.reciprocal_length_c          ? 
_cell.reciprocal_length_a_esd      ? 
_cell.reciprocal_length_b_esd      ? 
_cell.reciprocal_length_c_esd      ? 
_cell.pdbx_unique_axis             ? 
# 
_symmetry.entry_id                         7QWC 
_symmetry.cell_setting                     ? 
_symmetry.Int_Tables_number                76 
_symmetry.space_group_name_Hall            ? 
_symmetry.space_group_name_H-M             'P 41' 
_symmetry.pdbx_full_space_group_name_H-M   ? 
# 
loop_
_entity.id 
_entity.type 
_entity.src_method 
_entity.pdbx_description 
_entity.formula_weight 
_entity.pdbx_number_of_molecules 
_entity.pdbx_ec 
_entity.pdbx_mutation 
_entity.pdbx_fragment 
_entity.details 
1 polymer syn 'CC-Type1-(UbUc)4' 3386.947 3  ? W19BrPhe ? ? 
2 water   nat water              18.015   33 ? ?        ? ? 
# 
_entity_poly.entity_id                      1 
_entity_poly.type                           'polypeptide(L)' 
_entity_poly.nstd_linkage                   no 
_entity_poly.nstd_monomer                   yes 
_entity_poly.pdbx_seq_one_letter_code       '(ACE)GEL(AIB)(AIB)IKQEL(AIB)(AIB)IKKEL(AIB)(AIB)IK(4BF)EL(AIB)(AIB)IKQG(NH2)' 
_entity_poly.pdbx_seq_one_letter_code_can   XGELAAIKQELAAIKKELAAIKYELAAIKQGX 
_entity_poly.pdbx_strand_id                 B,C,E 
_entity_poly.pdbx_target_identifier         ? 
# 
loop_
_entity_poly_seq.entity_id 
_entity_poly_seq.num 
_entity_poly_seq.mon_id 
_entity_poly_seq.hetero 
1 1  ACE n 
1 2  GLY n 
1 3  GLU n 
1 4  LEU n 
1 5  AIB n 
1 6  AIB n 
1 7  ILE n 
1 8  LYS n 
1 9  GLN n 
1 10 GLU n 
1 11 LEU n 
1 12 AIB n 
1 13 AIB n 
1 14 ILE n 
1 15 LYS n 
1 16 LYS n 
1 17 GLU n 
1 18 LEU n 
1 19 AIB n 
1 20 AIB n 
1 21 ILE n 
1 22 LYS n 
1 23 4BF n 
1 24 GLU n 
1 25 LEU n 
1 26 AIB n 
1 27 AIB n 
1 28 ILE n 
1 29 LYS n 
1 30 GLN n 
1 31 GLY n 
1 32 NH2 n 
# 
_pdbx_entity_src_syn.entity_id              1 
_pdbx_entity_src_syn.pdbx_src_id            1 
_pdbx_entity_src_syn.pdbx_alt_source_flag   sample 
_pdbx_entity_src_syn.pdbx_beg_seq_num       1 
_pdbx_entity_src_syn.pdbx_end_seq_num       32 
_pdbx_entity_src_syn.organism_scientific    'synthetic construct' 
_pdbx_entity_src_syn.organism_common_name   ? 
_pdbx_entity_src_syn.ncbi_taxonomy_id       32630 
_pdbx_entity_src_syn.details                ? 
# 
_struct_ref.id                         1 
_struct_ref.db_name                    PDB 
_struct_ref.db_code                    7QWC 
_struct_ref.pdbx_db_accession          7QWC 
_struct_ref.pdbx_db_isoform            ? 
_struct_ref.entity_id                  1 
_struct_ref.pdbx_seq_one_letter_code   ? 
_struct_ref.pdbx_align_begin           1 
# 
loop_
_struct_ref_seq.align_id 
_struct_ref_seq.ref_id 
_struct_ref_seq.pdbx_PDB_id_code 
_struct_ref_seq.pdbx_strand_id 
_struct_ref_seq.seq_align_beg 
_struct_ref_seq.pdbx_seq_align_beg_ins_code 
_struct_ref_seq.seq_align_end 
_struct_ref_seq.pdbx_seq_align_end_ins_code 
_struct_ref_seq.pdbx_db_accession 
_struct_ref_seq.db_align_beg 
_struct_ref_seq.pdbx_db_align_beg_ins_code 
_struct_ref_seq.db_align_end 
_struct_ref_seq.pdbx_db_align_end_ins_code 
_struct_ref_seq.pdbx_auth_seq_align_beg 
_struct_ref_seq.pdbx_auth_seq_align_end 
1 1 7QWC B 1 ? 32 ? 7QWC 0 ? 31 ? 0 31 
2 1 7QWC C 1 ? 32 ? 7QWC 0 ? 31 ? 0 31 
3 1 7QWC E 1 ? 32 ? 7QWC 0 ? 31 ? 0 31 
# 
loop_
_chem_comp.id 
_chem_comp.type 
_chem_comp.mon_nstd_flag 
_chem_comp.name 
_chem_comp.pdbx_synonyms 
_chem_comp.formula 
_chem_comp.formula_weight 
4BF 'L-peptide linking' n 4-BROMO-L-PHENYLALANINE      P-BROMO-L-PHENYLALANINE 'C9 H10 Br N O2' 244.085 
ACE non-polymer         . 'ACETYL GROUP'               ?                       'C2 H4 O'        44.053  
AIB 'L-peptide linking' n 'ALPHA-AMINOISOBUTYRIC ACID' ?                       'C4 H9 N O2'     103.120 
GLN 'L-peptide linking' y GLUTAMINE                    ?                       'C5 H10 N2 O3'   146.144 
GLU 'L-peptide linking' y 'GLUTAMIC ACID'              ?                       'C5 H9 N O4'     147.129 
GLY 'peptide linking'   y GLYCINE                      ?                       'C2 H5 N O2'     75.067  
HOH non-polymer         . WATER                        ?                       'H2 O'           18.015  
ILE 'L-peptide linking' y ISOLEUCINE                   ?                       'C6 H13 N O2'    131.173 
LEU 'L-peptide linking' y LEUCINE                      ?                       'C6 H13 N O2'    131.173 
LYS 'L-peptide linking' y LYSINE                       ?                       'C6 H15 N2 O2 1' 147.195 
NH2 non-polymer         . 'AMINO GROUP'                ?                       'H2 N'           16.023  
# 
_exptl.absorpt_coefficient_mu     ? 
_exptl.absorpt_correction_T_max   ? 
_exptl.absorpt_correction_T_min   ? 
_exptl.absorpt_correction_type    ? 
_exptl.absorpt_process_details    ? 
_exptl.entry_id                   7QWC 
_exptl.crystals_number            1 
_exptl.details                    ? 
_exptl.method                     'X-RAY DIFFRACTION' 
_exptl.method_details             ? 
# 
_exptl_crystal.colour                      ? 
_exptl_crystal.density_diffrn              ? 
_exptl_crystal.density_Matthews            2.86 
_exptl_crystal.density_method              ? 
_exptl_crystal.density_percent_sol         56.96 
_exptl_crystal.description                 ? 
_exptl_crystal.F_000                       ? 
_exptl_crystal.id                          1 
_exptl_crystal.preparation                 ? 
_exptl_crystal.size_max                    ? 
_exptl_crystal.size_mid                    ? 
_exptl_crystal.size_min                    ? 
_exptl_crystal.size_rad                    ? 
_exptl_crystal.colour_lustre               ? 
_exptl_crystal.colour_modifier             ? 
_exptl_crystal.colour_primary              ? 
_exptl_crystal.density_meas                ? 
_exptl_crystal.density_meas_esd            ? 
_exptl_crystal.density_meas_gt             ? 
_exptl_crystal.density_meas_lt             ? 
_exptl_crystal.density_meas_temp           ? 
_exptl_crystal.density_meas_temp_esd       ? 
_exptl_crystal.density_meas_temp_gt        ? 
_exptl_crystal.density_meas_temp_lt        ? 
_exptl_crystal.pdbx_crystal_image_url      ? 
_exptl_crystal.pdbx_crystal_image_format   ? 
_exptl_crystal.pdbx_mosaicity              ? 
_exptl_crystal.pdbx_mosaicity_esd          ? 
# 
_exptl_crystal_grow.apparatus       ? 
_exptl_crystal_grow.atmosphere      ? 
_exptl_crystal_grow.crystal_id      1 
_exptl_crystal_grow.details         ? 
_exptl_crystal_grow.method          'VAPOR DIFFUSION, SITTING DROP' 
_exptl_crystal_grow.method_ref      ? 
_exptl_crystal_grow.pH              7.5 
_exptl_crystal_grow.pressure        ? 
_exptl_crystal_grow.pressure_esd    ? 
_exptl_crystal_grow.seeding         ? 
_exptl_crystal_grow.seeding_ref     ? 
_exptl_crystal_grow.temp            293 
_exptl_crystal_grow.temp_details    ? 
_exptl_crystal_grow.temp_esd        ? 
_exptl_crystal_grow.time            ? 
_exptl_crystal_grow.pdbx_details    '1.5 mM peptide, 0.5 M Sodium acetate trihydrate, 50 mM Sodium HEPES, at pH 7.5' 
_exptl_crystal_grow.pdbx_pH_range   ? 
# 
_diffrn.ambient_environment              ? 
_diffrn.ambient_temp                     100 
_diffrn.ambient_temp_details             ? 
_diffrn.ambient_temp_esd                 ? 
_diffrn.crystal_id                       1 
_diffrn.crystal_support                  ? 
_diffrn.crystal_treatment                ? 
_diffrn.details                          ? 
_diffrn.id                               1 
_diffrn.ambient_pressure                 ? 
_diffrn.ambient_pressure_esd             ? 
_diffrn.ambient_pressure_gt              ? 
_diffrn.ambient_pressure_lt              ? 
_diffrn.ambient_temp_gt                  ? 
_diffrn.ambient_temp_lt                  ? 
_diffrn.pdbx_serial_crystal_experiment   N 
# 
_diffrn_detector.details                      ? 
_diffrn_detector.detector                     PIXEL 
_diffrn_detector.diffrn_id                    1 
_diffrn_detector.type                         'DECTRIS EIGER X 16M' 
_diffrn_detector.area_resol_mean              ? 
_diffrn_detector.dtime                        ? 
_diffrn_detector.pdbx_frames_total            ? 
_diffrn_detector.pdbx_collection_time_total   ? 
_diffrn_detector.pdbx_collection_date         2020-02-16 
_diffrn_detector.pdbx_frequency               ? 
# 
_diffrn_radiation.collimation                      ? 
_diffrn_radiation.diffrn_id                        1 
_diffrn_radiation.filter_edge                      ? 
_diffrn_radiation.inhomogeneity                    ? 
_diffrn_radiation.monochromator                    ? 
_diffrn_radiation.polarisn_norm                    ? 
_diffrn_radiation.polarisn_ratio                   ? 
_diffrn_radiation.probe                            ? 
_diffrn_radiation.type                             ? 
_diffrn_radiation.xray_symbol                      ? 
_diffrn_radiation.wavelength_id                    1 
_diffrn_radiation.pdbx_monochromatic_or_laue_m_l   M 
_diffrn_radiation.pdbx_wavelength_list             ? 
_diffrn_radiation.pdbx_wavelength                  ? 
_diffrn_radiation.pdbx_diffrn_protocol             'SINGLE WAVELENGTH' 
_diffrn_radiation.pdbx_analyzer                    ? 
_diffrn_radiation.pdbx_scattering_type             x-ray 
# 
_diffrn_radiation_wavelength.id           1 
_diffrn_radiation_wavelength.wavelength   0.9200 
_diffrn_radiation_wavelength.wt           1.0 
# 
_diffrn_source.current                     ? 
_diffrn_source.details                     ? 
_diffrn_source.diffrn_id                   1 
_diffrn_source.power                       ? 
_diffrn_source.size                        ? 
_diffrn_source.source                      SYNCHROTRON 
_diffrn_source.target                      ? 
_diffrn_source.type                        'DIAMOND BEAMLINE I04' 
_diffrn_source.voltage                     ? 
_diffrn_source.take-off_angle              ? 
_diffrn_source.pdbx_wavelength_list        0.9200 
_diffrn_source.pdbx_wavelength             ? 
_diffrn_source.pdbx_synchrotron_beamline   I04 
_diffrn_source.pdbx_synchrotron_site       Diamond 
# 
_reflns.B_iso_Wilson_estimate                          33.66 
_reflns.entry_id                                       7QWC 
_reflns.data_reduction_details                         ? 
_reflns.data_reduction_method                          ? 
_reflns.d_resolution_high                              1.69 
_reflns.d_resolution_low                               39.86 
_reflns.details                                        ? 
_reflns.limit_h_max                                    ? 
_reflns.limit_h_min                                    ? 
_reflns.limit_k_max                                    ? 
_reflns.limit_k_min                                    ? 
_reflns.limit_l_max                                    ? 
_reflns.limit_l_min                                    ? 
_reflns.number_all                                     ? 
_reflns.number_obs                                     12804 
_reflns.observed_criterion                             ? 
_reflns.observed_criterion_F_max                       ? 
_reflns.observed_criterion_F_min                       ? 
_reflns.observed_criterion_I_max                       ? 
_reflns.observed_criterion_I_min                       ? 
_reflns.observed_criterion_sigma_F                     ? 
_reflns.observed_criterion_sigma_I                     ? 
_reflns.percent_possible_obs                           99.85 
_reflns.R_free_details                                 ? 
_reflns.Rmerge_F_all                                   ? 
_reflns.Rmerge_F_obs                                   ? 
_reflns.Friedel_coverage                               ? 
_reflns.number_gt                                      ? 
_reflns.threshold_expression                           ? 
_reflns.pdbx_redundancy                                13.1 
_reflns.pdbx_Rmerge_I_obs                              0.008827 
_reflns.pdbx_Rmerge_I_all                              ? 
_reflns.pdbx_Rsym_value                                ? 
_reflns.pdbx_netI_over_av_sigmaI                       ? 
_reflns.pdbx_netI_over_sigmaI                          13.32 
_reflns.pdbx_res_netI_over_av_sigmaI_2                 ? 
_reflns.pdbx_res_netI_over_sigmaI_2                    ? 
_reflns.pdbx_chi_squared                               ? 
_reflns.pdbx_scaling_rejects                           ? 
_reflns.pdbx_d_res_high_opt                            ? 
_reflns.pdbx_d_res_low_opt                             ? 
_reflns.pdbx_d_res_opt_method                          ? 
_reflns.phase_calculation_details                      ? 
_reflns.pdbx_Rrim_I_all                                0.09171 
_reflns.pdbx_Rpim_I_all                                0.02474 
_reflns.pdbx_d_opt                                     ? 
_reflns.pdbx_number_measured_all                       ? 
_reflns.pdbx_diffrn_id                                 1 
_reflns.pdbx_ordinal                                   1 
_reflns.pdbx_CC_half                                   0.999 
_reflns.pdbx_CC_star                                   1 
_reflns.pdbx_R_split                                   ? 
_reflns.pdbx_aniso_diffraction_limit_axis_1_ortho[1]   ? 
_reflns.pdbx_aniso_diffraction_limit_axis_1_ortho[2]   ? 
_reflns.pdbx_aniso_diffraction_limit_axis_1_ortho[3]   ? 
_reflns.pdbx_aniso_diffraction_limit_axis_2_ortho[1]   ? 
_reflns.pdbx_aniso_diffraction_limit_axis_2_ortho[2]   ? 
_reflns.pdbx_aniso_diffraction_limit_axis_2_ortho[3]   ? 
_reflns.pdbx_aniso_diffraction_limit_axis_3_ortho[1]   ? 
_reflns.pdbx_aniso_diffraction_limit_axis_3_ortho[2]   ? 
_reflns.pdbx_aniso_diffraction_limit_axis_3_ortho[3]   ? 
_reflns.pdbx_aniso_diffraction_limit_1                 ? 
_reflns.pdbx_aniso_diffraction_limit_2                 ? 
_reflns.pdbx_aniso_diffraction_limit_3                 ? 
_reflns.pdbx_aniso_B_tensor_eigenvector_1_ortho[1]     ? 
_reflns.pdbx_aniso_B_tensor_eigenvector_1_ortho[2]     ? 
_reflns.pdbx_aniso_B_tensor_eigenvector_1_ortho[3]     ? 
_reflns.pdbx_aniso_B_tensor_eigenvector_2_ortho[1]     ? 
_reflns.pdbx_aniso_B_tensor_eigenvector_2_ortho[2]     ? 
_reflns.pdbx_aniso_B_tensor_eigenvector_2_ortho[3]     ? 
_reflns.pdbx_aniso_B_tensor_eigenvector_3_ortho[1]     ? 
_reflns.pdbx_aniso_B_tensor_eigenvector_3_ortho[2]     ? 
_reflns.pdbx_aniso_B_tensor_eigenvector_3_ortho[3]     ? 
_reflns.pdbx_aniso_B_tensor_eigenvalue_1               ? 
_reflns.pdbx_aniso_B_tensor_eigenvalue_2               ? 
_reflns.pdbx_aniso_B_tensor_eigenvalue_3               ? 
_reflns.pdbx_orthogonalization_convention              ? 
_reflns.pdbx_percent_possible_ellipsoidal              ? 
_reflns.pdbx_percent_possible_spherical                ? 
_reflns.pdbx_percent_possible_ellipsoidal_anomalous    ? 
_reflns.pdbx_percent_possible_spherical_anomalous      ? 
_reflns.pdbx_redundancy_anomalous                      ? 
_reflns.pdbx_CC_half_anomalous                         ? 
_reflns.pdbx_absDiff_over_sigma_anomalous              ? 
_reflns.pdbx_percent_possible_anomalous                ? 
_reflns.pdbx_observed_signal_threshold                 ? 
_reflns.pdbx_signal_type                               ? 
_reflns.pdbx_signal_details                            ? 
_reflns.pdbx_signal_software_id                        ? 
# 
_reflns_shell.d_res_high                                    1.69 
_reflns_shell.d_res_low                                     1.75 
_reflns_shell.meanI_over_sigI_all                           ? 
_reflns_shell.meanI_over_sigI_obs                           0.46 
_reflns_shell.number_measured_all                           ? 
_reflns_shell.number_measured_obs                           ? 
_reflns_shell.number_possible                               ? 
_reflns_shell.number_unique_all                             ? 
_reflns_shell.number_unique_obs                             1265 
_reflns_shell.percent_possible_all                          ? 
_reflns_shell.percent_possible_obs                          ? 
_reflns_shell.Rmerge_F_all                                  ? 
_reflns_shell.Rmerge_F_obs                                  ? 
_reflns_shell.Rmerge_I_all                                  ? 
_reflns_shell.Rmerge_I_obs                                  1.694 
_reflns_shell.meanI_over_sigI_gt                            ? 
_reflns_shell.meanI_over_uI_all                             ? 
_reflns_shell.meanI_over_uI_gt                              ? 
_reflns_shell.number_measured_gt                            ? 
_reflns_shell.number_unique_gt                              ? 
_reflns_shell.percent_possible_gt                           ? 
_reflns_shell.Rmerge_F_gt                                   ? 
_reflns_shell.Rmerge_I_gt                                   ? 
_reflns_shell.pdbx_redundancy                               ? 
_reflns_shell.pdbx_Rsym_value                               ? 
_reflns_shell.pdbx_chi_squared                              ? 
_reflns_shell.pdbx_netI_over_sigmaI_all                     ? 
_reflns_shell.pdbx_netI_over_sigmaI_obs                     ? 
_reflns_shell.pdbx_Rrim_I_all                               1.791 
_reflns_shell.pdbx_Rpim_I_all                               0.5658 
_reflns_shell.pdbx_rejects                                  ? 
_reflns_shell.pdbx_ordinal                                  1 
_reflns_shell.pdbx_diffrn_id                                1 
_reflns_shell.pdbx_CC_half                                  0.561 
_reflns_shell.pdbx_CC_star                                  0.848 
_reflns_shell.pdbx_R_split                                  ? 
_reflns_shell.pdbx_percent_possible_ellipsoidal             ? 
_reflns_shell.pdbx_percent_possible_spherical               ? 
_reflns_shell.pdbx_percent_possible_ellipsoidal_anomalous   ? 
_reflns_shell.pdbx_percent_possible_spherical_anomalous     ? 
_reflns_shell.pdbx_redundancy_anomalous                     ? 
_reflns_shell.pdbx_CC_half_anomalous                        ? 
_reflns_shell.pdbx_absDiff_over_sigma_anomalous             ? 
_reflns_shell.pdbx_percent_possible_anomalous               ? 
# 
_refine.aniso_B[1][1]                            0.8100 
_refine.aniso_B[1][2]                            -0.0000 
_refine.aniso_B[1][3]                            -0.0000 
_refine.aniso_B[2][2]                            0.8100 
_refine.aniso_B[2][3]                            -0.0000 
_refine.aniso_B[3][3]                            -1.6200 
_refine.B_iso_max                                172.250 
_refine.B_iso_mean                               42.1990 
_refine.B_iso_min                                21.580 
_refine.correlation_coeff_Fo_to_Fc               0.9560 
_refine.correlation_coeff_Fo_to_Fc_free          0.9370 
_refine.details                                  'HYDROGENS HAVE BEEN ADDED IN THE RIDING POSITIONS U VALUES      : WITH TLS ADDED' 
_refine.diff_density_max                         ? 
_refine.diff_density_max_esd                     ? 
_refine.diff_density_min                         ? 
_refine.diff_density_min_esd                     ? 
_refine.diff_density_rms                         ? 
_refine.diff_density_rms_esd                     ? 
_refine.entry_id                                 7QWC 
_refine.pdbx_refine_id                           'X-RAY DIFFRACTION' 
_refine.ls_abs_structure_details                 ? 
_refine.ls_abs_structure_Flack                   ? 
_refine.ls_abs_structure_Flack_esd               ? 
_refine.ls_abs_structure_Rogers                  ? 
_refine.ls_abs_structure_Rogers_esd              ? 
_refine.ls_d_res_high                            1.6900 
_refine.ls_d_res_low                             39.8600 
_refine.ls_extinction_coef                       ? 
_refine.ls_extinction_coef_esd                   ? 
_refine.ls_extinction_expression                 ? 
_refine.ls_extinction_method                     ? 
_refine.ls_goodness_of_fit_all                   ? 
_refine.ls_goodness_of_fit_all_esd               ? 
_refine.ls_goodness_of_fit_obs                   ? 
_refine.ls_goodness_of_fit_obs_esd               ? 
_refine.ls_hydrogen_treatment                    ? 
_refine.ls_matrix_type                           ? 
_refine.ls_number_constraints                    ? 
_refine.ls_number_parameters                     ? 
_refine.ls_number_reflns_all                     ? 
_refine.ls_number_reflns_obs                     12194 
_refine.ls_number_reflns_R_free                  608 
_refine.ls_number_reflns_R_work                  ? 
_refine.ls_number_restraints                     ? 
_refine.ls_percent_reflns_obs                    99.8800 
_refine.ls_percent_reflns_R_free                 4.7000 
_refine.ls_R_factor_all                          ? 
_refine.ls_R_factor_obs                          0.2009 
_refine.ls_R_factor_R_free                       0.2342 
_refine.ls_R_factor_R_free_error                 ? 
_refine.ls_R_factor_R_free_error_details         ? 
_refine.ls_R_factor_R_work                       0.1991 
_refine.ls_R_Fsqd_factor_obs                     ? 
_refine.ls_R_I_factor_obs                        ? 
_refine.ls_redundancy_reflns_all                 ? 
_refine.ls_redundancy_reflns_obs                 ? 
_refine.ls_restrained_S_all                      ? 
_refine.ls_restrained_S_obs                      ? 
_refine.ls_shift_over_esd_max                    ? 
_refine.ls_shift_over_esd_mean                   ? 
_refine.ls_structure_factor_coef                 ? 
_refine.ls_weighting_details                     ? 
_refine.ls_weighting_scheme                      ? 
_refine.ls_wR_factor_all                         ? 
_refine.ls_wR_factor_obs                         ? 
_refine.ls_wR_factor_R_free                      ? 
_refine.ls_wR_factor_R_work                      ? 
_refine.occupancy_max                            ? 
_refine.occupancy_min                            ? 
_refine.solvent_model_details                    MASK 
_refine.solvent_model_param_bsol                 ? 
_refine.solvent_model_param_ksol                 ? 
_refine.pdbx_R_complete                          ? 
_refine.ls_R_factor_gt                           ? 
_refine.ls_goodness_of_fit_gt                    ? 
_refine.ls_goodness_of_fit_ref                   ? 
_refine.ls_shift_over_su_max                     ? 
_refine.ls_shift_over_su_max_lt                  ? 
_refine.ls_shift_over_su_mean                    ? 
_refine.ls_shift_over_su_mean_lt                 ? 
_refine.pdbx_ls_sigma_I                          ? 
_refine.pdbx_ls_sigma_F                          0.000 
_refine.pdbx_ls_sigma_Fsqd                       ? 
_refine.pdbx_data_cutoff_high_absF               ? 
_refine.pdbx_data_cutoff_high_rms_absF           ? 
_refine.pdbx_data_cutoff_low_absF                ? 
_refine.pdbx_isotropic_thermal_model             ? 
_refine.pdbx_ls_cross_valid_method               THROUGHOUT 
_refine.pdbx_method_to_determine_struct          SAD 
_refine.pdbx_starting_model                      ? 
_refine.pdbx_stereochemistry_target_values       'MAXIMUM LIKELIHOOD' 
_refine.pdbx_R_Free_selection_details            RANDOM 
_refine.pdbx_stereochem_target_val_spec_case     ? 
_refine.pdbx_overall_ESU_R                       0.0930 
_refine.pdbx_overall_ESU_R_Free                  0.0960 
_refine.pdbx_solvent_vdw_probe_radii             1.7000 
_refine.pdbx_solvent_ion_probe_radii             1.0000 
_refine.pdbx_solvent_shrinkage_radii             1.0000 
_refine.pdbx_real_space_R                        ? 
_refine.pdbx_density_correlation                 ? 
_refine.pdbx_pd_number_of_powder_patterns        ? 
_refine.pdbx_pd_number_of_points                 ? 
_refine.pdbx_pd_meas_number_of_points            ? 
_refine.pdbx_pd_proc_ls_prof_R_factor            ? 
_refine.pdbx_pd_proc_ls_prof_wR_factor           ? 
_refine.pdbx_pd_Marquardt_correlation_coeff      ? 
_refine.pdbx_pd_Fsqrd_R_factor                   ? 
_refine.pdbx_pd_ls_matrix_band_width             ? 
_refine.pdbx_overall_phase_error                 ? 
_refine.pdbx_overall_SU_R_free_Cruickshank_DPI   ? 
_refine.pdbx_overall_SU_R_free_Blow_DPI          ? 
_refine.pdbx_overall_SU_R_Blow_DPI               ? 
_refine.pdbx_TLS_residual_ADP_flag               ? 
_refine.pdbx_diffrn_id                           1 
_refine.overall_SU_B                             4.9260 
_refine.overall_SU_ML                            0.0760 
_refine.overall_SU_R_Cruickshank_DPI             0.0934 
_refine.overall_SU_R_free                        ? 
_refine.overall_FOM_free_R_set                   ? 
_refine.overall_FOM_work_R_set                   ? 
_refine.pdbx_average_fsc_overall                 ? 
_refine.pdbx_average_fsc_work                    ? 
_refine.pdbx_average_fsc_free                    ? 
# 
_refine_hist.pdbx_refine_id                   'X-RAY DIFFRACTION' 
_refine_hist.cycle_id                         final 
_refine_hist.details                          ? 
_refine_hist.d_res_high                       1.6900 
_refine_hist.d_res_low                        39.8600 
_refine_hist.number_atoms_solvent             33 
_refine_hist.number_atoms_total               700 
_refine_hist.number_reflns_all                ? 
_refine_hist.number_reflns_obs                ? 
_refine_hist.number_reflns_R_free             ? 
_refine_hist.number_reflns_R_work             ? 
_refine_hist.R_factor_all                     ? 
_refine_hist.R_factor_obs                     ? 
_refine_hist.R_factor_R_free                  ? 
_refine_hist.R_factor_R_work                  ? 
_refine_hist.pdbx_number_residues_total       87 
_refine_hist.pdbx_B_iso_mean_ligand           ? 
_refine_hist.pdbx_B_iso_mean_solvent          44.35 
_refine_hist.pdbx_number_atoms_protein        667 
_refine_hist.pdbx_number_atoms_nucleic_acid   0 
_refine_hist.pdbx_number_atoms_ligand         0 
_refine_hist.pdbx_number_atoms_lipid          ? 
_refine_hist.pdbx_number_atoms_carb           ? 
_refine_hist.pdbx_pseudo_atom_details         ? 
# 
loop_
_refine_ls_restr.pdbx_refine_id 
_refine_ls_restr.criterion 
_refine_ls_restr.dev_ideal 
_refine_ls_restr.dev_ideal_target 
_refine_ls_restr.number 
_refine_ls_restr.rejects 
_refine_ls_restr.type 
_refine_ls_restr.weight 
_refine_ls_restr.pdbx_restraint_function 
'X-RAY DIFFRACTION' ? 0.008  0.012  667  ? r_bond_refined_d       ? ? 
'X-RAY DIFFRACTION' ? 0.001  0.017  766  ? r_bond_other_d         ? ? 
'X-RAY DIFFRACTION' ? 1.333  1.656  927  ? r_angle_refined_deg    ? ? 
'X-RAY DIFFRACTION' ? 1.017  1.578  1729 ? r_angle_other_deg      ? ? 
'X-RAY DIFFRACTION' ? 4.001  5.000  82   ? r_dihedral_angle_1_deg ? ? 
'X-RAY DIFFRACTION' ? 32.722 27.222 18   ? r_dihedral_angle_2_deg ? ? 
'X-RAY DIFFRACTION' ? 14.076 15.000 138  ? r_dihedral_angle_3_deg ? ? 
'X-RAY DIFFRACTION' ? 0.084  0.200  70   ? r_chiral_restr         ? ? 
'X-RAY DIFFRACTION' ? 0.005  0.020  684  ? r_gen_planes_refined   ? ? 
'X-RAY DIFFRACTION' ? 0.001  0.020  104  ? r_gen_planes_other     ? ? 
# 
loop_
_refine_ls_restr_ncs.pdbx_refine_id 
_refine_ls_restr_ncs.dom_id 
_refine_ls_restr_ncs.ncs_model_details 
_refine_ls_restr_ncs.rms_dev_B_iso 
_refine_ls_restr_ncs.rms_dev_position 
_refine_ls_restr_ncs.weight_B_iso 
_refine_ls_restr_ncs.weight_position 
_refine_ls_restr_ncs.pdbx_ordinal 
_refine_ls_restr_ncs.pdbx_type 
_refine_ls_restr_ncs.pdbx_asym_id 
_refine_ls_restr_ncs.pdbx_auth_asym_id 
_refine_ls_restr_ncs.pdbx_number 
_refine_ls_restr_ncs.pdbx_rms 
_refine_ls_restr_ncs.pdbx_weight 
_refine_ls_restr_ncs.pdbx_ens_id 
'X-RAY DIFFRACTION' 1 ? ? 0.160 ? 0.050 1 'interatomic distance' ? B 728 ? ? 1 
'X-RAY DIFFRACTION' 2 ? ? 0.160 ? 0.050 2 'interatomic distance' ? C 728 ? ? 1 
'X-RAY DIFFRACTION' 1 ? ? 0.150 ? 0.050 3 'interatomic distance' ? B 743 ? ? 2 
'X-RAY DIFFRACTION' 2 ? ? 0.150 ? 0.050 4 'interatomic distance' ? E 743 ? ? 2 
'X-RAY DIFFRACTION' 1 ? ? 0.150 ? 0.050 5 'interatomic distance' ? C 729 ? ? 3 
'X-RAY DIFFRACTION' 2 ? ? 0.150 ? 0.050 6 'interatomic distance' ? E 729 ? ? 3 
# 
_refine_ls_shell.pdbx_refine_id                   'X-RAY DIFFRACTION' 
_refine_ls_shell.d_res_high                       1.6900 
_refine_ls_shell.d_res_low                        1.7340 
_refine_ls_shell.number_reflns_all                936 
_refine_ls_shell.number_reflns_obs                ? 
_refine_ls_shell.number_reflns_R_free             51 
_refine_ls_shell.number_reflns_R_work             885 
_refine_ls_shell.percent_reflns_obs               99.0500 
_refine_ls_shell.percent_reflns_R_free            ? 
_refine_ls_shell.R_factor_all                     ? 
_refine_ls_shell.R_factor_obs                     ? 
_refine_ls_shell.R_factor_R_free                  0.3090 
_refine_ls_shell.R_factor_R_free_error            0.0000 
_refine_ls_shell.R_factor_R_work                  0.3110 
_refine_ls_shell.redundancy_reflns_all            ? 
_refine_ls_shell.redundancy_reflns_obs            ? 
_refine_ls_shell.wR_factor_all                    ? 
_refine_ls_shell.wR_factor_obs                    ? 
_refine_ls_shell.wR_factor_R_free                 ? 
_refine_ls_shell.wR_factor_R_work                 ? 
_refine_ls_shell.pdbx_R_complete                  ? 
_refine_ls_shell.pdbx_total_number_of_bins_used   20 
_refine_ls_shell.pdbx_phase_error                 ? 
_refine_ls_shell.pdbx_fsc_work                    ? 
_refine_ls_shell.pdbx_fsc_free                    ? 
# 
loop_
_struct_ncs_dom.pdbx_ens_id 
_struct_ncs_dom.id 
_struct_ncs_dom.details 
1 1 B 
1 2 C 
2 1 B 
2 2 E 
3 1 C 
3 2 E 
# 
loop_
_struct_ncs_dom_lim.pdbx_ens_id 
_struct_ncs_dom_lim.dom_id 
_struct_ncs_dom_lim.pdbx_component_id 
_struct_ncs_dom_lim.pdbx_refine_code 
_struct_ncs_dom_lim.beg_auth_asym_id 
_struct_ncs_dom_lim.beg_auth_seq_id 
_struct_ncs_dom_lim.end_auth_asym_id 
_struct_ncs_dom_lim.end_auth_seq_id 
_struct_ncs_dom_lim.selection_details 
_struct_ncs_dom_lim.beg_label_asym_id 
_struct_ncs_dom_lim.beg_label_comp_id 
_struct_ncs_dom_lim.beg_label_seq_id 
_struct_ncs_dom_lim.beg_label_alt_id 
_struct_ncs_dom_lim.end_label_asym_id 
_struct_ncs_dom_lim.end_label_comp_id 
_struct_ncs_dom_lim.end_label_seq_id 
_struct_ncs_dom_lim.end_label_alt_id 
1 1 0 0 B 1 B 27 ? ? ? ? ? ? ? ? ? 
1 2 0 0 C 1 C 27 ? ? ? ? ? ? ? ? ? 
2 1 0 0 B 1 B 28 ? ? ? ? ? ? ? ? ? 
2 2 0 0 E 1 E 28 ? ? ? ? ? ? ? ? ? 
3 1 0 0 C 1 C 27 ? ? ? ? ? ? ? ? ? 
3 2 0 0 E 1 E 27 ? ? ? ? ? ? ? ? ? 
# 
loop_
_struct_ncs_ens.id 
_struct_ncs_ens.details 
1 ? 
2 ? 
3 ? 
# 
_struct.entry_id                     7QWC 
_struct.title                        'CC-Type1-(UbUc)4' 
_struct.pdbx_model_details           ? 
_struct.pdbx_formula_weight          ? 
_struct.pdbx_formula_weight_method   ? 
_struct.pdbx_model_type_details      ? 
_struct.pdbx_CASP_flag               N 
# 
_struct_keywords.entry_id        7QWC 
_struct_keywords.text            'aib, coiled coil, trimer, 2-Aminoisobutyric acid, DE NOVO PROTEIN' 
_struct_keywords.pdbx_keywords   'DE NOVO PROTEIN' 
# 
loop_
_struct_asym.id 
_struct_asym.pdbx_blank_PDB_chainid_flag 
_struct_asym.pdbx_modified 
_struct_asym.entity_id 
_struct_asym.details 
A N N 1 ? 
B N N 1 ? 
C N N 1 ? 
D N N 2 ? 
E N N 2 ? 
F N N 2 ? 
# 
loop_
_struct_conf.conf_type_id 
_struct_conf.id 
_struct_conf.pdbx_PDB_helix_id 
_struct_conf.beg_label_comp_id 
_struct_conf.beg_label_asym_id 
_struct_conf.beg_label_seq_id 
_struct_conf.pdbx_beg_PDB_ins_code 
_struct_conf.end_label_comp_id 
_struct_conf.end_label_asym_id 
_struct_conf.end_label_seq_id 
_struct_conf.pdbx_end_PDB_ins_code 
_struct_conf.beg_auth_comp_id 
_struct_conf.beg_auth_asym_id 
_struct_conf.beg_auth_seq_id 
_struct_conf.end_auth_comp_id 
_struct_conf.end_auth_asym_id 
_struct_conf.end_auth_seq_id 
_struct_conf.pdbx_PDB_helix_class 
_struct_conf.details 
_struct_conf.pdbx_PDB_helix_length 
HELX_P HELX_P1 AA1 AIB A 5 ? LYS A 29 ? AIB B 4 LYS B 28 1 ? 25 
HELX_P HELX_P2 AA2 GLY B 2 ? GLN B 30 ? GLY C 1 GLN C 29 1 ? 29 
HELX_P HELX_P3 AA3 GLY C 2 ? LYS C 29 ? GLY E 1 LYS E 28 1 ? 28 
# 
_struct_conf_type.id          HELX_P 
_struct_conf_type.criteria    ? 
_struct_conf_type.reference   ? 
# 
loop_
_struct_conn.id 
_struct_conn.conn_type_id 
_struct_conn.pdbx_leaving_atom_flag 
_struct_conn.pdbx_PDB_id 
_struct_conn.ptnr1_label_asym_id 
_struct_conn.ptnr1_label_comp_id 
_struct_conn.ptnr1_label_seq_id 
_struct_conn.ptnr1_label_atom_id 
_struct_conn.pdbx_ptnr1_label_alt_id 
_struct_conn.pdbx_ptnr1_PDB_ins_code 
_struct_conn.pdbx_ptnr1_standard_comp_id 
_struct_conn.ptnr1_symmetry 
_struct_conn.ptnr2_label_asym_id 
_struct_conn.ptnr2_label_comp_id 
_struct_conn.ptnr2_label_seq_id 
_struct_conn.ptnr2_label_atom_id 
_struct_conn.pdbx_ptnr2_label_alt_id 
_struct_conn.pdbx_ptnr2_PDB_ins_code 
_struct_conn.ptnr1_auth_asym_id 
_struct_conn.ptnr1_auth_comp_id 
_struct_conn.ptnr1_auth_seq_id 
_struct_conn.ptnr2_auth_asym_id 
_struct_conn.ptnr2_auth_comp_id 
_struct_conn.ptnr2_auth_seq_id 
_struct_conn.ptnr2_symmetry 
_struct_conn.pdbx_ptnr3_label_atom_id 
_struct_conn.pdbx_ptnr3_label_seq_id 
_struct_conn.pdbx_ptnr3_label_comp_id 
_struct_conn.pdbx_ptnr3_label_asym_id 
_struct_conn.pdbx_ptnr3_label_alt_id 
_struct_conn.pdbx_ptnr3_PDB_ins_code 
_struct_conn.details 
_struct_conn.pdbx_dist_value 
_struct_conn.pdbx_value_order 
_struct_conn.pdbx_role 
covale1  covale both ? A LEU 4  C ? ? ? 1_555 A AIB 5  N ? ? B LEU 3  B AIB 4  1_555 ? ? ? ? ? ? ? 1.336 ? ? 
covale2  covale both ? A AIB 5  C ? ? ? 1_555 A AIB 6  N ? ? B AIB 4  B AIB 5  1_555 ? ? ? ? ? ? ? 1.338 ? ? 
covale3  covale both ? A AIB 6  C ? ? ? 1_555 A ILE 7  N ? ? B AIB 5  B ILE 6  1_555 ? ? ? ? ? ? ? 1.338 ? ? 
covale4  covale both ? A LEU 11 C ? ? ? 1_555 A AIB 12 N ? ? B LEU 10 B AIB 11 1_555 ? ? ? ? ? ? ? 1.348 ? ? 
covale5  covale both ? A AIB 12 C ? ? ? 1_555 A AIB 13 N ? ? B AIB 11 B AIB 12 1_555 ? ? ? ? ? ? ? 1.341 ? ? 
covale6  covale both ? A AIB 13 C ? ? ? 1_555 A ILE 14 N ? ? B AIB 12 B ILE 13 1_555 ? ? ? ? ? ? ? 1.338 ? ? 
covale7  covale both ? A LEU 18 C ? ? ? 1_555 A AIB 19 N ? ? B LEU 17 B AIB 18 1_555 ? ? ? ? ? ? ? 1.347 ? ? 
covale8  covale both ? A AIB 19 C ? ? ? 1_555 A AIB 20 N ? ? B AIB 18 B AIB 19 1_555 ? ? ? ? ? ? ? 1.348 ? ? 
covale9  covale both ? A AIB 20 C ? ? ? 1_555 A ILE 21 N ? ? B AIB 19 B ILE 20 1_555 ? ? ? ? ? ? ? 1.344 ? ? 
covale10 covale both ? A LYS 22 C ? ? ? 1_555 A 4BF 23 N ? ? B LYS 21 B 4BF 22 1_555 ? ? ? ? ? ? ? 1.352 ? ? 
covale11 covale both ? A 4BF 23 C ? ? ? 1_555 A GLU 24 N ? ? B 4BF 22 B GLU 23 1_555 ? ? ? ? ? ? ? 1.341 ? ? 
covale12 covale both ? A LEU 25 C ? ? ? 1_555 A AIB 26 N ? ? B LEU 24 B AIB 25 1_555 ? ? ? ? ? ? ? 1.341 ? ? 
covale13 covale both ? A AIB 26 C ? ? ? 1_555 A AIB 27 N ? ? B AIB 25 B AIB 26 1_555 ? ? ? ? ? ? ? 1.345 ? ? 
covale14 covale both ? A AIB 27 C ? ? ? 1_555 A ILE 28 N ? ? B AIB 26 B ILE 27 1_555 ? ? ? ? ? ? ? 1.341 ? ? 
covale15 covale both ? B ACE 1  C ? ? ? 1_555 B GLY 2  N ? ? C ACE 0  C GLY 1  1_555 ? ? ? ? ? ? ? 1.347 ? ? 
covale16 covale both ? B LEU 4  C ? ? ? 1_555 B AIB 5  N ? ? C LEU 3  C AIB 4  1_555 ? ? ? ? ? ? ? 1.342 ? ? 
covale17 covale both ? B AIB 5  C ? ? ? 1_555 B AIB 6  N ? ? C AIB 4  C AIB 5  1_555 ? ? ? ? ? ? ? 1.346 ? ? 
covale18 covale both ? B AIB 6  C ? ? ? 1_555 B ILE 7  N ? ? C AIB 5  C ILE 6  1_555 ? ? ? ? ? ? ? 1.331 ? ? 
covale19 covale both ? B LEU 11 C ? ? ? 1_555 B AIB 12 N ? ? C LEU 10 C AIB 11 1_555 ? ? ? ? ? ? ? 1.347 ? ? 
covale20 covale both ? B AIB 12 C ? ? ? 1_555 B AIB 13 N ? ? C AIB 11 C AIB 12 1_555 ? ? ? ? ? ? ? 1.336 ? ? 
covale21 covale both ? B AIB 13 C ? ? ? 1_555 B ILE 14 N ? ? C AIB 12 C ILE 13 1_555 ? ? ? ? ? ? ? 1.327 ? ? 
covale22 covale both ? B LEU 18 C ? ? ? 1_555 B AIB 19 N ? ? C LEU 17 C AIB 18 1_555 ? ? ? ? ? ? ? 1.350 ? ? 
covale23 covale both ? B AIB 19 C ? ? ? 1_555 B AIB 20 N ? ? C AIB 18 C AIB 19 1_555 ? ? ? ? ? ? ? 1.334 ? ? 
covale24 covale both ? B AIB 20 C ? ? ? 1_555 B ILE 21 N ? ? C AIB 19 C ILE 20 1_555 ? ? ? ? ? ? ? 1.342 ? ? 
covale25 covale both ? B LYS 22 C ? ? ? 1_555 B 4BF 23 N ? ? C LYS 21 C 4BF 22 1_555 ? ? ? ? ? ? ? 1.336 ? ? 
covale26 covale both ? B 4BF 23 C ? ? ? 1_555 B GLU 24 N ? ? C 4BF 22 C GLU 23 1_555 ? ? ? ? ? ? ? 1.338 ? ? 
covale27 covale both ? B LEU 25 C ? ? ? 1_555 B AIB 26 N ? ? C LEU 24 C AIB 25 1_555 ? ? ? ? ? ? ? 1.336 ? ? 
covale28 covale both ? B AIB 26 C ? ? ? 1_555 B AIB 27 N ? ? C AIB 25 C AIB 26 1_555 ? ? ? ? ? ? ? 1.343 ? ? 
covale29 covale both ? B AIB 27 C ? ? ? 1_555 B ILE 28 N ? ? C AIB 26 C ILE 27 1_555 ? ? ? ? ? ? ? 1.335 ? ? 
covale30 covale both ? C ACE 1  C ? ? ? 1_555 C GLY 2  N ? ? E ACE 0  E GLY 1  1_555 ? ? ? ? ? ? ? 1.314 ? ? 
covale31 covale both ? C LEU 4  C ? ? ? 1_555 C AIB 5  N ? ? E LEU 3  E AIB 4  1_555 ? ? ? ? ? ? ? 1.341 ? ? 
covale32 covale both ? C AIB 5  C ? ? ? 1_555 C AIB 6  N ? ? E AIB 4  E AIB 5  1_555 ? ? ? ? ? ? ? 1.335 ? ? 
covale33 covale both ? C AIB 6  C ? ? ? 1_555 C ILE 7  N ? ? E AIB 5  E ILE 6  1_555 ? ? ? ? ? ? ? 1.331 ? ? 
covale34 covale both ? C LEU 11 C ? ? ? 1_555 C AIB 12 N ? ? E LEU 10 E AIB 11 1_555 ? ? ? ? ? ? ? 1.341 ? ? 
covale35 covale both ? C AIB 12 C ? ? ? 1_555 C AIB 13 N ? ? E AIB 11 E AIB 12 1_555 ? ? ? ? ? ? ? 1.336 ? ? 
covale36 covale both ? C AIB 13 C ? ? ? 1_555 C ILE 14 N ? ? E AIB 12 E ILE 13 1_555 ? ? ? ? ? ? ? 1.336 ? ? 
covale37 covale both ? C LEU 18 C ? ? ? 1_555 C AIB 19 N ? ? E LEU 17 E AIB 18 1_555 ? ? ? ? ? ? ? 1.346 ? ? 
covale38 covale both ? C AIB 19 C ? ? ? 1_555 C AIB 20 N ? ? E AIB 18 E AIB 19 1_555 ? ? ? ? ? ? ? 1.337 ? ? 
covale39 covale both ? C AIB 20 C ? ? ? 1_555 C ILE 21 N ? ? E AIB 19 E ILE 20 1_555 ? ? ? ? ? ? ? 1.342 ? ? 
covale40 covale both ? C LYS 22 C ? ? ? 1_555 C 4BF 23 N ? ? E LYS 21 E 4BF 22 1_555 ? ? ? ? ? ? ? 1.338 ? ? 
covale41 covale both ? C 4BF 23 C ? ? ? 1_555 C GLU 24 N ? ? E 4BF 22 E GLU 23 1_555 ? ? ? ? ? ? ? 1.327 ? ? 
covale42 covale both ? C LEU 25 C ? ? ? 1_555 C AIB 26 N ? ? E LEU 24 E AIB 25 1_555 ? ? ? ? ? ? ? 1.341 ? ? 
covale43 covale both ? C AIB 26 C ? ? ? 1_555 C AIB 27 N ? ? E AIB 25 E AIB 26 1_555 ? ? ? ? ? ? ? 1.344 ? ? 
covale44 covale both ? C AIB 27 C ? ? ? 1_555 C ILE 28 N ? ? E AIB 26 E ILE 27 1_555 ? ? ? ? ? ? ? 1.333 ? ? 
# 
_struct_conn_type.id          covale 
_struct_conn_type.criteria    ? 
_struct_conn_type.reference   ? 
# 
_atom_sites.entry_id                    7QWC 
_atom_sites.Cartn_transf_matrix[1][1]   ? 
_atom_sites.Cartn_transf_matrix[1][2]   ? 
_atom_sites.Cartn_transf_matrix[1][3]   ? 
_atom_sites.Cartn_transf_matrix[2][1]   ? 
_atom_sites.Cartn_transf_matrix[2][2]   ? 
_atom_sites.Cartn_transf_matrix[2][3]   ? 
_atom_sites.Cartn_transf_matrix[3][1]   ? 
_atom_sites.Cartn_transf_matrix[3][2]   ? 
_atom_sites.Cartn_transf_matrix[3][3]   ? 
_atom_sites.Cartn_transf_vector[1]      ? 
_atom_sites.Cartn_transf_vector[2]      ? 
_atom_sites.Cartn_transf_vector[3]      ? 
_atom_sites.fract_transf_matrix[1][1]   -0.01870336 
_atom_sites.fract_transf_matrix[1][2]   -0.01546273 
_atom_sites.fract_transf_matrix[1][3]   -0.00643036 
_atom_sites.fract_transf_matrix[2][1]   0.01583174 
_atom_sites.fract_transf_matrix[2][2]   -0.01946866 
_atom_sites.fract_transf_matrix[2][3]   0.00076700 
_atom_sites.fract_transf_matrix[3][1]   -0.00297081 
_atom_sites.fract_transf_matrix[3][2]   -0.00189581 
_atom_sites.fract_transf_matrix[3][3]   0.01319964 
_atom_sites.fract_transf_vector[1]      0.376949 
_atom_sites.fract_transf_vector[2]      -0.343363 
_atom_sites.fract_transf_vector[3]      -0.077160 
_atom_sites.solution_primary            ? 
_atom_sites.solution_secondary          ? 
_atom_sites.solution_hydrogens          ? 
_atom_sites.special_details             ? 
# 
loop_
_atom_type.symbol 
BR 
C  
N  
O  
# 
loop_
_atom_site.group_PDB 
_atom_site.id 
_atom_site.type_symbol 
_atom_site.label_atom_id 
_atom_site.label_alt_id 
_atom_site.label_comp_id 
_atom_site.label_asym_id 
_atom_site.label_entity_id 
_atom_site.label_seq_id 
_atom_site.pdbx_PDB_ins_code 
_atom_site.Cartn_x 
_atom_site.Cartn_y 
_atom_site.Cartn_z 
_atom_site.occupancy 
_atom_site.B_iso_or_equiv 
_atom_site.pdbx_formal_charge 
_atom_site.auth_seq_id 
_atom_site.auth_comp_id 
_atom_site.auth_asym_id 
_atom_site.auth_atom_id 
_atom_site.pdbx_PDB_model_num 
ATOM   1   N  N   . GLY A 1 2  ? -4.069  -19.457 10.440  1.00 70.73  ? 1   GLY B N   1 
ATOM   2   C  CA  . GLY A 1 2  ? -3.721  -18.757 11.715  1.00 63.04  ? 1   GLY B CA  1 
ATOM   3   C  C   . GLY A 1 2  ? -3.153  -17.352 11.498  1.00 45.11  ? 1   GLY B C   1 
ATOM   4   O  O   . GLY A 1 2  ? -3.286  -16.789 10.393  1.00 43.56  ? 1   GLY B O   1 
ATOM   5   N  N   . GLU A 1 3  ? -2.547  -16.796 12.552  1.00 55.79  ? 2   GLU B N   1 
ATOM   6   C  CA  . GLU A 1 3  ? -2.041  -15.395 12.581  1.00 53.27  ? 2   GLU B CA  1 
ATOM   7   C  C   . GLU A 1 3  ? -0.939  -15.217 11.533  1.00 46.08  ? 2   GLU B C   1 
ATOM   8   O  O   . GLU A 1 3  ? -0.965  -14.200 10.842  1.00 50.92  ? 2   GLU B O   1 
ATOM   9   C  CB  . GLU A 1 3  ? -1.579  -15.012 13.994  1.00 61.44  ? 2   GLU B CB  1 
ATOM   10  C  CG  . GLU A 1 3  ? -0.394  -15.801 14.530  1.00 73.60  ? 2   GLU B CG  1 
ATOM   11  C  CD  . GLU A 1 3  ? -0.059  -15.594 16.001  1.00 120.31 ? 2   GLU B CD  1 
ATOM   12  O  OE1 . GLU A 1 3  ? -0.630  -14.670 16.630  1.00 71.60  ? 2   GLU B OE1 1 
ATOM   13  O  OE2 . GLU A 1 3  ? 0.787   -16.358 16.517  1.00 79.36  ? 2   GLU B OE2 1 
ATOM   14  N  N   . LEU A 1 4  ? -0.008  -16.166 11.402  1.00 43.94  ? 3   LEU B N   1 
ATOM   15  C  CA  . LEU A 1 4  ? 1.069   -16.060 10.373  1.00 36.29  ? 3   LEU B CA  1 
ATOM   16  C  C   . LEU A 1 4  ? 0.464   -16.129 8.966   1.00 38.24  ? 3   LEU B C   1 
ATOM   17  O  O   . LEU A 1 4  ? 0.773   -15.317 8.102   1.00 40.05  ? 3   LEU B O   1 
ATOM   18  C  CB  . LEU A 1 4  ? 2.106   -17.173 10.595  1.00 40.41  ? 3   LEU B CB  1 
ATOM   19  C  CG  . LEU A 1 4  ? 3.189   -16.925 11.650  1.00 53.57  ? 3   LEU B CG  1 
ATOM   20  C  CD1 . LEU A 1 4  ? 2.684   -16.205 12.880  1.00 58.19  ? 3   LEU B CD1 1 
ATOM   21  C  CD2 . LEU A 1 4  ? 3.852   -18.229 12.053  1.00 51.08  ? 3   LEU B CD2 1 
HETATM 22  N  N   . AIB A 1 5  ? -0.404  -17.123 8.755   1.00 43.49  ? 4   AIB B N   1 
HETATM 23  C  CA  . AIB A 1 5  ? -1.057  -17.342 7.469   1.00 48.10  ? 4   AIB B CA  1 
HETATM 24  C  C   . AIB A 1 5  ? -1.738  -16.058 6.996   1.00 39.72  ? 4   AIB B C   1 
HETATM 25  O  O   . AIB A 1 5  ? -1.514  -15.620 5.876   1.00 42.41  ? 4   AIB B O   1 
HETATM 26  C  CB1 . AIB A 1 5  ? 0.013   -17.757 6.451   1.00 52.06  ? 4   AIB B CB1 1 
HETATM 27  C  CB2 . AIB A 1 5  ? -2.120  -18.424 7.672   1.00 73.61  ? 4   AIB B CB2 1 
HETATM 28  N  N   . AIB A 1 6  ? -2.490  -15.416 7.898   1.00 43.97  ? 5   AIB B N   1 
HETATM 29  C  CA  . AIB A 1 6  ? -3.297  -14.245 7.590   1.00 39.16  ? 5   AIB B CA  1 
HETATM 30  C  C   . AIB A 1 6  ? -2.540  -13.105 6.913   1.00 34.62  ? 5   AIB B C   1 
HETATM 31  O  O   . AIB A 1 6  ? -3.151  -12.279 6.242   1.00 41.24  ? 5   AIB B O   1 
HETATM 32  C  CB1 . AIB A 1 6  ? -4.403  -14.703 6.645   1.00 46.69  ? 5   AIB B CB1 1 
HETATM 33  C  CB2 . AIB A 1 6  ? -3.847  -13.693 8.904   1.00 54.82  ? 5   AIB B CB2 1 
ATOM   34  N  N   . ILE A 1 7  ? -1.222  -13.029 7.132   1.00 37.88  ? 6   ILE B N   1 
ATOM   35  C  CA  . ILE A 1 7  ? -0.422  -11.956 6.562   1.00 34.31  ? 6   ILE B CA  1 
ATOM   36  C  C   . ILE A 1 7  ? -0.497  -11.998 5.032   1.00 40.52  ? 6   ILE B C   1 
ATOM   37  O  O   . ILE A 1 7  ? -0.582  -10.944 4.398   1.00 35.51  ? 6   ILE B O   1 
ATOM   38  C  CB  . ILE A 1 7  ? 1.024   -12.040 7.077   1.00 34.72  ? 6   ILE B CB  1 
ATOM   39  C  CG1 . ILE A 1 7  ? 1.147   -11.849 8.587   1.00 39.85  ? 6   ILE B CG1 1 
ATOM   40  C  CG2 . ILE A 1 7  ? 1.919   -11.077 6.321   1.00 38.52  ? 6   ILE B CG2 1 
ATOM   41  C  CD1 . ILE A 1 7  ? 0.411   -10.659 9.120   1.00 63.45  ? 6   ILE B CD1 1 
ATOM   42  N  N   . LYS A 1 8  ? -0.486  -13.190 4.438   1.00 39.49  ? 7   LYS B N   1 
ATOM   43  C  CA  . LYS A 1 8  ? -0.576  -13.323 2.957   1.00 33.80  ? 7   LYS B CA  1 
ATOM   44  C  C   . LYS A 1 8  ? -1.878  -12.703 2.427   1.00 31.58  ? 7   LYS B C   1 
ATOM   45  O  O   . LYS A 1 8  ? -1.844  -12.074 1.355   1.00 42.37  ? 7   LYS B O   1 
ATOM   46  C  CB  . LYS A 1 8  ? -0.426  -14.791 2.547   1.00 39.73  ? 7   LYS B CB  1 
ATOM   47  C  CG  . LYS A 1 8  ? 0.914   -15.416 2.901   1.00 45.11  ? 7   LYS B CG  1 
ATOM   48  C  CD  . LYS A 1 8  ? 1.020   -16.886 2.520   1.00 48.65  ? 7   LYS B CD  1 
ATOM   49  C  CE  . LYS A 1 8  ? 1.644   -17.124 1.164   1.00 55.20  ? 7   LYS B CE  1 
ATOM   50  N  NZ  . LYS A 1 8  ? 2.018   -18.542 0.967   1.00 64.32  ? 7   LYS B NZ  1 
ATOM   51  N  N   . GLN A 1 9  ? -3.002  -12.861 3.121   1.00 38.53  ? 8   GLN B N   1 
ATOM   52  C  CA  . GLN A 1 9  ? -4.293  -12.276 2.667   1.00 37.69  ? 8   GLN B CA  1 
ATOM   53  C  C   . GLN A 1 9  ? -4.276  -10.745 2.814   1.00 37.20  ? 8   GLN B C   1 
ATOM   54  O  O   . GLN A 1 9  ? -4.858  -10.036 1.947   1.00 34.25  ? 8   GLN B O   1 
ATOM   55  C  CB  . GLN A 1 9  ? -5.479  -12.913 3.387   1.00 52.46  ? 8   GLN B CB  1 
ATOM   56  C  CG  . GLN A 1 9  ? -5.707  -14.372 2.985   1.00 74.01  ? 8   GLN B CG  1 
ATOM   57  C  CD  . GLN A 1 9  ? -5.522  -14.649 1.510   1.00 148.22 ? 8   GLN B CD  1 
ATOM   58  O  OE1 . GLN A 1 9  ? -6.013  -13.919 0.648   1.00 74.42  ? 8   GLN B OE1 1 
ATOM   59  N  NE2 . GLN A 1 9  ? -4.817  -15.728 1.202   1.00 98.67  ? 8   GLN B NE2 1 
ATOM   60  N  N   . GLU A 1 10 ? -3.654  -10.248 3.881   1.00 35.10  ? 9   GLU B N   1 
ATOM   61  C  CA  . GLU A 1 10 ? -3.433  -8.787  4.102   1.00 35.84  ? 9   GLU B CA  1 
ATOM   62  C  C   . GLU A 1 10 ? -2.632  -8.207  2.927   1.00 27.35  ? 9   GLU B C   1 
ATOM   63  O  O   . GLU A 1 10 ? -2.979  -7.135  2.406   1.00 30.51  ? 9   GLU B O   1 
ATOM   64  C  CB  . GLU A 1 10 ? -2.621  -8.591  5.387   1.00 41.68  ? 9   GLU B CB  1 
ATOM   65  C  CG  . GLU A 1 10 ? -3.312  -9.075  6.648   1.00 46.55  ? 9   GLU B CG  1 
ATOM   66  C  CD  . GLU A 1 10 ? -4.260  -8.080  7.294   1.00 62.53  ? 9   GLU B CD  1 
ATOM   67  O  OE1 . GLU A 1 10 ? -4.504  -7.027  6.694   1.00 57.95  ? 9   GLU B OE1 1 
ATOM   68  O  OE2 . GLU A 1 10 ? -4.766  -8.374  8.395   1.00 67.28  ? 9   GLU B OE2 1 
ATOM   69  N  N   . LEU A 1 11 ? -1.563  -8.905  2.530   1.00 29.37  ? 10  LEU B N   1 
ATOM   70  C  CA  . LEU A 1 11 ? -0.677  -8.440  1.431   1.00 28.37  ? 10  LEU B CA  1 
ATOM   71  C  C   . LEU A 1 11 ? -1.440  -8.426  0.119   1.00 29.87  ? 10  LEU B C   1 
ATOM   72  O  O   . LEU A 1 11 ? -1.324  -7.459  -0.624  1.00 29.44  ? 10  LEU B O   1 
ATOM   73  C  CB  . LEU A 1 11 ? 0.576   -9.308  1.352   1.00 30.08  ? 10  LEU B CB  1 
ATOM   74  C  CG  . LEU A 1 11 ? 1.602   -9.040  2.432   1.00 36.65  ? 10  LEU B CG  1 
ATOM   75  C  CD1 . LEU A 1 11 ? 2.659   -10.131 2.421   1.00 45.39  ? 10  LEU B CD1 1 
ATOM   76  C  CD2 . LEU A 1 11 ? 2.227   -7.662  2.223   1.00 37.97  ? 10  LEU B CD2 1 
HETATM 77  N  N   . AIB A 1 12 ? -2.204  -9.507  -0.134  1.00 31.47  ? 11  AIB B N   1 
HETATM 78  C  CA  . AIB A 1 12 ? -3.002  -9.615  -1.342  1.00 38.56  ? 11  AIB B CA  1 
HETATM 79  C  C   . AIB A 1 12 ? -3.901  -8.381  -1.473  1.00 30.50  ? 11  AIB B C   1 
HETATM 80  O  O   . AIB A 1 12 ? -3.941  -7.722  -2.522  1.00 30.67  ? 11  AIB B O   1 
HETATM 81  C  CB1 . AIB A 1 12 ? -2.021  -9.724  -2.515  1.00 37.54  ? 11  AIB B CB1 1 
HETATM 82  C  CB2 . AIB A 1 12 ? -3.893  -10.854 -1.225  1.00 43.17  ? 11  AIB B CB2 1 
HETATM 83  N  N   . AIB A 1 13 ? -4.630  -8.072  -0.390  1.00 32.54  ? 12  AIB B N   1 
HETATM 84  C  CA  . AIB A 1 13 ? -5.573  -6.959  -0.360  1.00 30.96  ? 12  AIB B CA  1 
HETATM 85  C  C   . AIB A 1 13 ? -4.874  -5.649  -0.723  1.00 31.37  ? 12  AIB B C   1 
HETATM 86  O  O   . AIB A 1 13 ? -5.372  -4.869  -1.541  1.00 29.99  ? 12  AIB B O   1 
HETATM 87  C  CB1 . AIB A 1 13 ? -6.701  -7.220  -1.361  1.00 45.18  ? 12  AIB B CB1 1 
HETATM 88  C  CB2 . AIB A 1 13 ? -6.121  -6.892  1.060   1.00 36.18  ? 12  AIB B CB2 1 
ATOM   89  N  N   . ILE A 1 14 ? -3.704  -5.436  -0.110  1.00 26.53  ? 13  ILE B N   1 
ATOM   90  C  CA  . ILE A 1 14 ? -2.944  -4.203  -0.288  1.00 28.19  ? 13  ILE B CA  1 
ATOM   91  C  C   . ILE A 1 14 ? -2.489  -4.069  -1.734  1.00 26.52  ? 13  ILE B C   1 
ATOM   92  O  O   . ILE A 1 14 ? -2.612  -2.966  -2.291  1.00 27.23  ? 13  ILE B O   1 
ATOM   93  C  CB  . ILE A 1 14 ? -1.775  -4.154  0.715   1.00 26.37  ? 13  ILE B CB  1 
ATOM   94  C  CG1 . ILE A 1 14 ? -2.308  -3.906  2.133   1.00 27.69  ? 13  ILE B CG1 1 
ATOM   95  C  CG2 . ILE A 1 14 ? -0.709  -3.140  0.302   1.00 29.43  ? 13  ILE B CG2 1 
ATOM   96  C  CD1 . ILE A 1 14 ? -1.337  -4.259  3.216   1.00 26.85  ? 13  ILE B CD1 1 
ATOM   97  N  N   . LYS A 1 15 ? -1.962  -5.141  -2.333  1.00 27.38  ? 14  LYS B N   1 
ATOM   98  C  CA  . LYS A 1 15 ? -1.429  -5.069  -3.723  1.00 27.98  ? 14  LYS B CA  1 
ATOM   99  C  C   . LYS A 1 15 ? -2.572  -4.688  -4.668  1.00 26.73  ? 14  LYS B C   1 
ATOM   100 O  O   . LYS A 1 15 ? -2.331  -3.893  -5.616  1.00 28.69  ? 14  LYS B O   1 
ATOM   101 C  CB  . LYS A 1 15 ? -0.718  -6.372  -4.066  1.00 31.89  ? 14  LYS B CB  1 
ATOM   102 C  CG  . LYS A 1 15 ? 0.594   -6.555  -3.298  1.00 32.24  ? 14  LYS B CG  1 
ATOM   103 C  CD  . LYS A 1 15 ? 1.351   -7.799  -3.661  1.00 40.31  ? 14  LYS B CD  1 
ATOM   104 C  CE  . LYS A 1 15 ? 1.967   -7.734  -5.042  1.00 41.64  ? 14  LYS B CE  1 
ATOM   105 N  NZ  . LYS A 1 15 ? 2.881   -8.875  -5.308  1.00 44.11  ? 14  LYS B NZ  1 
ATOM   106 N  N   . LYS A 1 16 ? -3.759  -5.250  -4.455  1.00 28.16  ? 15  LYS B N   1 
ATOM   107 C  CA  . LYS A 1 16 ? -4.940  -4.951  -5.302  1.00 32.81  ? 15  LYS B CA  1 
ATOM   108 C  C   . LYS A 1 16 ? -5.273  -3.456  -5.178  1.00 37.21  ? 15  LYS B C   1 
ATOM   109 O  O   . LYS A 1 16 ? -5.523  -2.802  -6.199  1.00 27.91  ? 15  LYS B O   1 
ATOM   110 C  CB  . LYS A 1 16 ? -6.108  -5.843  -4.908  1.00 35.05  ? 15  LYS B CB  1 
ATOM   111 C  CG  . LYS A 1 16 ? -7.394  -5.561  -5.675  1.00 60.50  ? 15  LYS B CG  1 
ATOM   112 C  CD  . LYS A 1 16 ? -8.567  -6.411  -5.233  1.00 97.56  ? 15  LYS B CD  1 
ATOM   113 C  CE  . LYS A 1 16 ? -9.215  -5.908  -3.959  1.00 99.94  ? 15  LYS B CE  1 
ATOM   114 N  NZ  . LYS A 1 16 ? -10.240 -6.855  -3.459  1.00 112.59 ? 15  LYS B NZ  1 
ATOM   115 N  N   . GLU A 1 17 ? -5.251  -2.911  -3.958  1.00 31.34  ? 16  GLU B N   1 
ATOM   116 C  CA  . GLU A 1 17 ? -5.589  -1.485  -3.772  1.00 27.25  ? 16  GLU B CA  1 
ATOM   117 C  C   . GLU A 1 17 ? -4.484  -0.592  -4.322  1.00 27.37  ? 16  GLU B C   1 
ATOM   118 O  O   . GLU A 1 17 ? -4.852  0.437   -4.874  1.00 27.09  ? 16  GLU B O   1 
ATOM   119 C  CB  . GLU A 1 17 ? -5.985  -1.233  -2.309  1.00 35.54  ? 16  GLU B CB  1 
ATOM   120 C  CG  . GLU A 1 17 ? -7.381  -1.769  -2.007  1.00 64.18  ? 16  GLU B CG  1 
ATOM   121 C  CD  . GLU A 1 17 ? -8.507  -1.139  -2.829  1.00 38.95  ? 16  GLU B CD  1 
ATOM   122 O  OE1 . GLU A 1 17 ? -8.341  0.063   -3.216  1.00 50.38  ? 16  GLU B OE1 1 
ATOM   123 O  OE2 . GLU A 1 17 ? -9.504  -1.839  -3.094  1.00 75.98  ? 16  GLU B OE2 1 
ATOM   124 N  N   . LEU A 1 18 ? -3.196  -0.975  -4.272  1.00 26.04  ? 17  LEU B N   1 
ATOM   125 C  CA  . LEU A 1 18 ? -2.118  -0.149  -4.852  1.00 26.96  ? 17  LEU B CA  1 
ATOM   126 C  C   . LEU A 1 18 ? -2.306  -0.061  -6.355  1.00 28.05  ? 17  LEU B C   1 
ATOM   127 O  O   . LEU A 1 18 ? -2.182  1.028   -6.922  1.00 25.24  ? 17  LEU B O   1 
ATOM   128 C  CB  . LEU A 1 18 ? -0.739  -0.732  -4.538  1.00 30.51  ? 17  LEU B CB  1 
ATOM   129 C  CG  . LEU A 1 18 ? -0.221  -0.492  -3.142  1.00 29.13  ? 17  LEU B CG  1 
ATOM   130 C  CD1 . LEU A 1 18 ? 0.971   -1.403  -2.882  1.00 38.64  ? 17  LEU B CD1 1 
ATOM   131 C  CD2 . LEU A 1 18 ? 0.155   0.964   -3.002  1.00 30.43  ? 17  LEU B CD2 1 
HETATM 132 N  N   . AIB A 1 19 ? -2.617  -1.218  -6.970  1.00 27.07  ? 18  AIB B N   1 
HETATM 133 C  CA  . AIB A 1 19 ? -2.805  -1.285  -8.417  1.00 26.64  ? 18  AIB B CA  1 
HETATM 134 C  C   . AIB A 1 19 ? -3.901  -0.291  -8.785  1.00 26.35  ? 18  AIB B C   1 
HETATM 135 O  O   . AIB A 1 19 ? -3.734  0.542   -9.693  1.00 27.65  ? 18  AIB B O   1 
HETATM 136 C  CB1 . AIB A 1 19 ? -1.469  -0.968  -9.095  1.00 29.70  ? 18  AIB B CB1 1 
HETATM 137 C  CB2 . AIB A 1 19 ? -3.280  -2.682  -8.814  1.00 28.11  ? 18  AIB B CB2 1 
HETATM 138 N  N   . AIB A 1 20 ? -5.067  -0.435  -8.124  1.00 27.63  ? 19  AIB B N   1 
HETATM 139 C  CA  . AIB A 1 20 ? -6.236  0.384   -8.371  1.00 26.43  ? 19  AIB B CA  1 
HETATM 140 C  C   . AIB A 1 20 ? -5.840  1.853   -8.344  1.00 28.33  ? 19  AIB B C   1 
HETATM 141 O  O   . AIB A 1 20 ? -6.232  2.621   -9.213  1.00 26.65  ? 19  AIB B O   1 
HETATM 142 C  CB1 . AIB A 1 20 ? -6.826  0.021   -9.742  1.00 25.02  ? 19  AIB B CB1 1 
HETATM 143 C  CB2 . AIB A 1 20 ? -7.248  0.119   -7.258  1.00 31.89  ? 19  AIB B CB2 1 
ATOM   144 N  N   . ILE A 1 21 ? -5.148  2.256   -7.265  1.00 25.97  ? 20  ILE B N   1 
ATOM   145 C  CA  . ILE A 1 21 ? -4.810  3.663   -7.045  1.00 27.40  ? 20  ILE B CA  1 
ATOM   146 C  C   . ILE A 1 21 ? -3.868  4.181   -8.133  1.00 26.10  ? 20  ILE B C   1 
ATOM   147 O  O   . ILE A 1 21 ? -4.087  5.288   -8.649  1.00 26.42  ? 20  ILE B O   1 
ATOM   148 C  CB  . ILE A 1 21 ? -4.203  3.861   -5.638  1.00 26.30  ? 20  ILE B CB  1 
ATOM   149 C  CG1 . ILE A 1 21 ? -5.273  3.666   -4.571  1.00 27.77  ? 20  ILE B CG1 1 
ATOM   150 C  CG2 . ILE A 1 21 ? -3.566  5.240   -5.560  1.00 28.65  ? 20  ILE B CG2 1 
ATOM   151 C  CD1 . ILE A 1 21 ? -4.727  3.399   -3.205  1.00 32.55  ? 20  ILE B CD1 1 
ATOM   152 N  N   . LYS A 1 22 ? -2.833  3.419   -8.480  1.00 26.85  ? 21  LYS B N   1 
ATOM   153 C  CA  . LYS A 1 22 ? -1.842  3.869   -9.491  1.00 30.84  ? 21  LYS B CA  1 
ATOM   154 C  C   . LYS A 1 22 ? -2.546  4.078   -10.820 1.00 24.98  ? 21  LYS B C   1 
ATOM   155 O  O   . LYS A 1 22 ? -2.279  5.039   -11.558 1.00 27.61  ? 21  LYS B O   1 
ATOM   156 C  CB  . LYS A 1 22 ? -0.713  2.855   -9.636  1.00 27.66  ? 21  LYS B CB  1 
ATOM   157 C  CG  . LYS A 1 22 ? 0.370   2.826   -8.610  1.00 34.42  ? 21  LYS B CG  1 
ATOM   158 C  CD  . LYS A 1 22 ? 1.459   1.826   -8.987  1.00 33.48  ? 21  LYS B CD  1 
ATOM   159 C  CE  . LYS A 1 22 ? 2.485   2.343   -9.955  1.00 34.96  ? 21  LYS B CE  1 
ATOM   160 N  NZ  . LYS A 1 22 ? 3.605   1.383   -10.161 1.00 40.59  ? 21  LYS B NZ  1 
HETATM 161 C  CD1 . 4BF A 1 23 ? -7.190  2.298   -13.703 1.00 34.05  ? 22  4BF B CD1 1 
HETATM 162 C  CE1 . 4BF A 1 23 ? -7.968  2.340   -14.840 1.00 35.11  ? 22  4BF B CE1 1 
HETATM 163 C  CZ  . 4BF A 1 23 ? -7.370  2.071   -16.045 1.00 34.20  ? 22  4BF B CZ  1 
HETATM 164 BR BR  . 4BF A 1 23 ? -8.426  2.144   -17.595 1.00 46.39  ? 22  4BF B BR  1 
HETATM 165 C  CE2 . 4BF A 1 23 ? -6.043  1.755   -16.160 1.00 29.80  ? 22  4BF B CE2 1 
HETATM 166 C  CD2 . 4BF A 1 23 ? -5.297  1.674   -15.001 1.00 26.76  ? 22  4BF B CD2 1 
HETATM 167 C  CG  . 4BF A 1 23 ? -5.856  1.950   -13.764 1.00 26.96  ? 22  4BF B CG  1 
HETATM 168 C  CB  . 4BF A 1 23 ? -5.015  1.935   -12.528 1.00 26.84  ? 22  4BF B CB  1 
HETATM 169 C  CA  . 4BF A 1 23 ? -4.225  3.232   -12.368 1.00 26.71  ? 22  4BF B CA  1 
HETATM 170 N  N   . 4BF A 1 23 ? -3.474  3.148   -11.137 1.00 24.67  ? 22  4BF B N   1 
HETATM 171 C  C   . 4BF A 1 23 ? -5.121  4.470   -12.378 1.00 25.35  ? 22  4BF B C   1 
HETATM 172 O  O   . 4BF A 1 23 ? -5.198  5.152   -13.386 1.00 27.69  ? 22  4BF B O   1 
ATOM   173 N  N   . GLU A 1 24 ? -5.812  4.737   -11.261 1.00 27.17  ? 23  GLU B N   1 
ATOM   174 C  CA  . GLU A 1 24 ? -6.721  5.868   -11.133 1.00 29.17  ? 23  GLU B CA  1 
ATOM   175 C  C   . GLU A 1 24 ? -5.942  7.185   -11.274 1.00 32.48  ? 23  GLU B C   1 
ATOM   176 O  O   . GLU A 1 24 ? -6.435  8.094   -11.987 1.00 36.94  ? 23  GLU B O   1 
ATOM   177 C  CB  . GLU A 1 24 ? -7.433  5.861   -9.781  1.00 39.19  ? 23  GLU B CB  1 
ATOM   178 C  CG  . GLU A 1 24 ? -8.539  4.831   -9.644  1.00 80.01  ? 23  GLU B CG  1 
ATOM   179 C  CD  . GLU A 1 24 ? -9.235  4.867   -8.286  1.00 172.25 ? 23  GLU B CD  1 
ATOM   180 O  OE1 . GLU A 1 24 ? -9.945  5.864   -8.038  1.00 100.41 ? 23  GLU B OE1 1 
ATOM   181 O  OE2 . GLU A 1 24 ? -9.059  3.919   -7.461  1.00 60.63  ? 23  GLU B OE2 1 
ATOM   182 N  N   . LEU A 1 25 ? -4.770  7.290   -10.655 1.00 30.81  ? 24  LEU B N   1 
ATOM   183 C  CA  . LEU A 1 25 ? -3.931  8.517   -10.753 1.00 34.53  ? 24  LEU B CA  1 
ATOM   184 C  C   . LEU A 1 25 ? -3.462  8.734   -12.182 1.00 33.50  ? 24  LEU B C   1 
ATOM   185 O  O   . LEU A 1 25 ? -3.589  9.837   -12.728 1.00 40.69  ? 24  LEU B O   1 
ATOM   186 C  CB  . LEU A 1 25 ? -2.744  8.380   -9.800  1.00 32.91  ? 24  LEU B CB  1 
ATOM   187 C  CG  . LEU A 1 25 ? -3.010  8.875   -8.394  1.00 44.82  ? 24  LEU B CG  1 
ATOM   188 C  CD1 . LEU A 1 25 ? -1.827  8.594   -7.488  1.00 43.37  ? 24  LEU B CD1 1 
ATOM   189 C  CD2 . LEU A 1 25 ? -3.339  10.347  -8.410  1.00 42.53  ? 24  LEU B CD2 1 
HETATM 190 N  N   . AIB A 1 26 ? -2.907  7.665   -12.773 1.00 28.13  ? 25  AIB B N   1 
HETATM 191 C  CA  . AIB A 1 26 ? -2.426  7.698   -14.147 1.00 32.04  ? 25  AIB B CA  1 
HETATM 192 C  C   . AIB A 1 26 ? -3.524  8.237   -15.059 1.00 37.36  ? 25  AIB B C   1 
HETATM 193 O  O   . AIB A 1 26 ? -3.312  9.168   -15.849 1.00 36.37  ? 25  AIB B O   1 
HETATM 194 C  CB1 . AIB A 1 26 ? -1.180  8.602   -14.192 1.00 35.93  ? 25  AIB B CB1 1 
HETATM 195 C  CB2 . AIB A 1 26 ? -2.119  6.258   -14.578 1.00 32.98  ? 25  AIB B CB2 1 
HETATM 196 N  N   . AIB A 1 27 ? -4.708  7.613   -14.929 1.00 34.16  ? 26  AIB B N   1 
HETATM 197 C  CA  . AIB A 1 27 ? -5.862  7.894   -15.771 1.00 43.82  ? 26  AIB B CA  1 
HETATM 198 C  C   . AIB A 1 27 ? -6.248  9.366   -15.724 1.00 52.55  ? 26  AIB B C   1 
HETATM 199 O  O   . AIB A 1 27 ? -6.646  9.925   -16.745 1.00 52.14  ? 26  AIB B O   1 
HETATM 200 C  CB1 . AIB A 1 27 ? -5.502  7.486   -17.201 1.00 65.27  ? 26  AIB B CB1 1 
HETATM 201 C  CB2 . AIB A 1 27 ? -7.033  7.075   -15.239 1.00 42.55  ? 26  AIB B CB2 1 
ATOM   202 N  N   . ILE A 1 28 ? -6.149  9.977   -14.534 1.00 50.23  ? 27  ILE B N   1 
ATOM   203 C  CA  . ILE A 1 28 ? -6.495  11.375  -14.340 1.00 56.06  ? 27  ILE B CA  1 
ATOM   204 C  C   . ILE A 1 28 ? -5.545  12.277  -15.142 1.00 59.66  ? 27  ILE B C   1 
ATOM   205 O  O   . ILE A 1 28 ? -6.042  13.225  -15.777 1.00 115.80 ? 27  ILE B O   1 
ATOM   206 C  CB  . ILE A 1 28 ? -6.456  11.739  -12.837 1.00 61.64  ? 27  ILE B CB  1 
ATOM   207 C  CG1 . ILE A 1 28 ? -7.636  11.148  -12.073 1.00 65.09  ? 27  ILE B CG1 1 
ATOM   208 C  CG2 . ILE A 1 28 ? -6.375  13.251  -12.633 1.00 119.89 ? 27  ILE B CG2 1 
ATOM   209 C  CD1 . ILE A 1 28 ? -7.508  11.281  -10.569 1.00 61.93  ? 27  ILE B CD1 1 
ATOM   210 N  N   . LYS A 1 29 ? -4.236  12.008  -15.102 1.00 57.95  ? 28  LYS B N   1 
ATOM   211 C  CA  . LYS A 1 29 ? -3.167  13.013  -15.390 1.00 72.67  ? 28  LYS B CA  1 
ATOM   212 C  C   . LYS A 1 29 ? -3.216  13.490  -16.854 1.00 69.31  ? 28  LYS B C   1 
ATOM   213 O  O   . LYS A 1 29 ? -3.649  12.823  -17.800 1.00 60.92  ? 28  LYS B O   1 
ATOM   214 C  CB  . LYS A 1 29 ? -1.791  12.429  -15.052 1.00 70.25  ? 28  LYS B CB  1 
ATOM   215 C  CG  . LYS A 1 29 ? -0.700  13.456  -14.773 1.00 64.73  ? 28  LYS B CG  1 
ATOM   216 C  CD  . LYS A 1 29 ? 0.696   12.880  -14.822 1.00 83.89  ? 28  LYS B CD  1 
HETATM 217 C  C   . ACE B 1 1  ? 8.904   -9.060  19.395  1.00 101.06 ? 0   ACE C C   1 
HETATM 218 O  O   . ACE B 1 1  ? 8.771   -8.041  20.003  1.00 80.34  ? 0   ACE C O   1 
HETATM 219 C  CH3 . ACE B 1 1  ? 8.593   -10.388 20.070  1.00 132.65 ? 0   ACE C CH3 1 
ATOM   220 N  N   . GLY B 1 2  ? 9.308   -9.041  18.110  1.00 62.60  ? 1   GLY C N   1 
ATOM   221 C  CA  . GLY B 1 2  ? 9.392   -10.256 17.242  1.00 52.22  ? 1   GLY C CA  1 
ATOM   222 C  C   . GLY B 1 2  ? 8.940   -9.997  15.801  1.00 49.22  ? 1   GLY C C   1 
ATOM   223 O  O   . GLY B 1 2  ? 8.514   -8.840  15.441  1.00 44.60  ? 1   GLY C O   1 
ATOM   224 N  N   . GLU B 1 3  ? 9.052   -11.038 14.966  1.00 46.08  ? 2   GLU C N   1 
ATOM   225 C  CA  . GLU B 1 3  ? 8.837   -10.932 13.488  1.00 39.35  ? 2   GLU C CA  1 
ATOM   226 C  C   . GLU B 1 3  ? 7.378   -10.546 13.224  1.00 35.34  ? 2   GLU C C   1 
ATOM   227 O  O   . GLU B 1 3  ? 7.143   -9.668  12.393  1.00 37.43  ? 2   GLU C O   1 
ATOM   228 C  CB  . GLU B 1 3  ? 9.213   -12.217 12.741  1.00 44.20  ? 2   GLU C CB  1 
ATOM   229 C  CG  . GLU B 1 3  ? 10.663  -12.636 12.911  1.00 67.11  ? 2   GLU C CG  1 
ATOM   230 C  CD  . GLU B 1 3  ? 11.715  -11.901 12.094  1.00 72.35  ? 2   GLU C CD  1 
ATOM   231 O  OE1 . GLU B 1 3  ? 11.358  -10.989 11.331  1.00 53.07  ? 2   GLU C OE1 1 
ATOM   232 O  OE2 . GLU B 1 3  ? 12.902  -12.269 12.215  1.00 81.26  ? 2   GLU C OE2 1 
ATOM   233 N  N   . LEU B 1 4  ? 6.427   -11.196 13.899  1.00 37.81  ? 3   LEU C N   1 
ATOM   234 C  CA  . LEU B 1 4  ? 4.982   -10.899 13.724  1.00 36.77  ? 3   LEU C CA  1 
ATOM   235 C  C   . LEU B 1 4  ? 4.687   -9.463  14.155  1.00 44.26  ? 3   LEU C C   1 
ATOM   236 O  O   . LEU B 1 4  ? 3.990   -8.751  13.437  1.00 37.28  ? 3   LEU C O   1 
ATOM   237 C  CB  . LEU B 1 4  ? 4.146   -11.910 14.507  1.00 41.58  ? 3   LEU C CB  1 
ATOM   238 C  CG  . LEU B 1 4  ? 2.634   -11.703 14.442  1.00 41.98  ? 3   LEU C CG  1 
ATOM   239 C  CD1 . LEU B 1 4  ? 2.146   -11.638 13.009  1.00 50.34  ? 3   LEU C CD1 1 
ATOM   240 C  CD2 . LEU B 1 4  ? 1.928   -12.811 15.201  1.00 48.23  ? 3   LEU C CD2 1 
HETATM 241 N  N   . AIB B 1 5  ? 5.206   -9.051  15.322  1.00 37.97  ? 4   AIB C N   1 
HETATM 242 C  CA  . AIB B 1 5  ? 4.972   -7.717  15.849  1.00 41.78  ? 4   AIB C CA  1 
HETATM 243 C  C   . AIB B 1 5  ? 5.342   -6.664  14.802  1.00 41.71  ? 4   AIB C C   1 
HETATM 244 O  O   . AIB B 1 5  ? 4.521   -5.805  14.440  1.00 40.54  ? 4   AIB C O   1 
HETATM 245 C  CB1 . AIB B 1 5  ? 3.491   -7.586  16.204  1.00 42.29  ? 4   AIB C CB1 1 
HETATM 246 C  CB2 . AIB B 1 5  ? 5.861   -7.553  17.082  1.00 43.98  ? 4   AIB C CB2 1 
HETATM 247 N  N   . AIB B 1 6  ? 6.575   -6.798  14.276  1.00 37.50  ? 5   AIB C N   1 
HETATM 248 C  CA  . AIB B 1 6  ? 7.138   -5.862  13.310  1.00 40.27  ? 5   AIB C CA  1 
HETATM 249 C  C   . AIB B 1 6  ? 6.225   -5.780  12.086  1.00 36.34  ? 5   AIB C C   1 
HETATM 250 O  O   . AIB B 1 6  ? 5.917   -4.709  11.582  1.00 35.72  ? 5   AIB C O   1 
HETATM 251 C  CB1 . AIB B 1 6  ? 7.281   -4.475  13.954  1.00 44.40  ? 5   AIB C CB1 1 
HETATM 252 C  CB2 . AIB B 1 6  ? 8.484   -6.446  12.872  1.00 43.54  ? 5   AIB C CB2 1 
ATOM   253 N  N   . ILE B 1 7  ? 5.808   -6.948  11.605  1.00 34.05  ? 6   ILE C N   1 
ATOM   254 C  CA  . ILE B 1 7  ? 5.024   -7.024  10.386  1.00 33.18  ? 6   ILE C CA  1 
ATOM   255 C  C   . ILE B 1 7  ? 3.661   -6.388  10.617  1.00 36.94  ? 6   ILE C C   1 
ATOM   256 O  O   . ILE B 1 7  ? 3.196   -5.670  9.712   1.00 33.35  ? 6   ILE C O   1 
ATOM   257 C  CB  . ILE B 1 7  ? 4.965   -8.454  9.827   1.00 36.41  ? 6   ILE C CB  1 
ATOM   258 C  CG1 . ILE B 1 7  ? 6.312   -8.801  9.183   1.00 40.02  ? 6   ILE C CG1 1 
ATOM   259 C  CG2 . ILE B 1 7  ? 3.814   -8.627  8.846   1.00 40.01  ? 6   ILE C CG2 1 
ATOM   260 C  CD1 . ILE B 1 7  ? 6.527   -10.279 8.923   1.00 39.20  ? 6   ILE C CD1 1 
ATOM   261 N  N   . LYS B 1 8  ? 3.011   -6.637  11.739  1.00 35.11  ? 7   LYS C N   1 
ATOM   262 C  CA  . LYS B 1 8  ? 1.696   -6.005  12.018  1.00 34.33  ? 7   LYS C CA  1 
ATOM   263 C  C   . LYS B 1 8  ? 1.817   -4.480  12.020  1.00 39.96  ? 7   LYS C C   1 
ATOM   264 O  O   . LYS B 1 8  ? 0.864   -3.813  11.543  1.00 34.32  ? 7   LYS C O   1 
ATOM   265 C  CB  . LYS B 1 8  ? 1.121   -6.516  13.341  1.00 41.94  ? 7   LYS C CB  1 
ATOM   266 C  CG  . LYS B 1 8  ? 0.601   -7.946  13.296  1.00 40.33  ? 7   LYS C CG  1 
ATOM   267 C  CD  . LYS B 1 8  ? -0.230  -8.257  14.539  1.00 53.68  ? 7   LYS C CD  1 
ATOM   268 C  CE  . LYS B 1 8  ? -0.638  -9.701  14.685  1.00 72.70  ? 7   LYS C CE  1 
ATOM   269 N  NZ  . LYS B 1 8  ? -1.504  -9.869  15.873  1.00 67.16  ? 7   LYS C NZ  1 
ATOM   270 N  N   . GLN B 1 9  ? 2.907   -3.923  12.551  1.00 34.01  ? 8   GLN C N   1 
ATOM   271 C  CA  . GLN B 1 9  ? 3.100   -2.457  12.568  1.00 32.25  ? 8   GLN C CA  1 
ATOM   272 C  C   . GLN B 1 9  ? 3.317   -1.940  11.136  1.00 31.24  ? 8   GLN C C   1 
ATOM   273 O  O   . GLN B 1 9  ? 2.806   -0.846  10.815  1.00 32.71  ? 8   GLN C O   1 
ATOM   274 C  CB  . GLN B 1 9  ? 4.249   -2.055  13.494  1.00 38.08  ? 8   GLN C CB  1 
ATOM   275 C  CG  . GLN B 1 9  ? 4.458   -0.543  13.545  1.00 52.70  ? 8   GLN C CG  1 
ATOM   276 C  CD  . GLN B 1 9  ? 3.172   0.255   13.597  1.00 99.52  ? 8   GLN C CD  1 
ATOM   277 O  OE1 . GLN B 1 9  ? 2.972   1.209   12.837  1.00 52.85  ? 8   GLN C OE1 1 
ATOM   278 N  NE2 . GLN B 1 9  ? 2.271   -0.146  14.483  1.00 75.59  ? 8   GLN C NE2 1 
ATOM   279 N  N   . GLU B 1 10 ? 4.045   -2.680  10.315  1.00 32.49  ? 9   GLU C N   1 
ATOM   280 C  CA  . GLU B 1 10 ? 4.321   -2.300  8.907   1.00 34.12  ? 9   GLU C CA  1 
ATOM   281 C  C   . GLU B 1 10 ? 3.005   -2.332  8.132   1.00 34.19  ? 9   GLU C C   1 
ATOM   282 O  O   . GLU B 1 10 ? 2.786   -1.442  7.317   1.00 28.31  ? 9   GLU C O   1 
ATOM   283 C  CB  . GLU B 1 10 ? 5.406   -3.193  8.316   1.00 32.17  ? 9   GLU C CB  1 
ATOM   284 C  CG  . GLU B 1 10 ? 6.750   -3.051  9.035   1.00 44.63  ? 9   GLU C CG  1 
ATOM   285 C  CD  . GLU B 1 10 ? 7.816   -4.090  8.715   1.00 134.52 ? 9   GLU C CD  1 
ATOM   286 O  OE1 . GLU B 1 10 ? 7.759   -4.658  7.615   1.00 62.82  ? 9   GLU C OE1 1 
ATOM   287 O  OE2 . GLU B 1 10 ? 8.709   -4.328  9.567   1.00 57.44  ? 9   GLU C OE2 1 
ATOM   288 N  N   . LEU B 1 11 ? 2.123   -3.284  8.413   1.00 29.13  ? 10  LEU C N   1 
ATOM   289 C  CA  . LEU B 1 11 ? 0.809   -3.368  7.730   1.00 27.38  ? 10  LEU C CA  1 
ATOM   290 C  C   . LEU B 1 11 ? -0.075  -2.218  8.139   1.00 34.10  ? 10  LEU C C   1 
ATOM   291 O  O   . LEU B 1 11 ? -0.698  -1.630  7.256   1.00 28.89  ? 10  LEU C O   1 
ATOM   292 C  CB  . LEU B 1 11 ? 0.144   -4.717  8.015   1.00 28.63  ? 10  LEU C CB  1 
ATOM   293 C  CG  . LEU B 1 11 ? 0.755   -5.903  7.304   1.00 28.13  ? 10  LEU C CG  1 
ATOM   294 C  CD1 . LEU B 1 11 ? 0.150   -7.189  7.865   1.00 36.88  ? 10  LEU C CD1 1 
ATOM   295 C  CD2 . LEU B 1 11 ? 0.566   -5.852  5.786   1.00 31.58  ? 10  LEU C CD2 1 
HETATM 296 N  N   . AIB B 1 12 ? -0.110  -1.923  9.453   1.00 28.36  ? 11  AIB C N   1 
HETATM 297 C  CA  . AIB B 1 12 ? -0.850  -0.797  9.990   1.00 30.95  ? 11  AIB C CA  1 
HETATM 298 C  C   . AIB B 1 12 ? -0.402  0.451   9.223   1.00 29.07  ? 11  AIB C C   1 
HETATM 299 O  O   . AIB B 1 12 ? -1.231  1.216   8.750   1.00 27.23  ? 11  AIB C O   1 
HETATM 300 C  CB1 . AIB B 1 12 ? -2.342  -1.104  9.781   1.00 31.88  ? 11  AIB C CB1 1 
HETATM 301 C  CB2 . AIB B 1 12 ? -0.517  -0.638  11.472  1.00 35.07  ? 11  AIB C CB2 1 
HETATM 302 N  N   . AIB B 1 13 ? 0.912   0.687   9.172   1.00 28.42  ? 12  AIB C N   1 
HETATM 303 C  CA  . AIB B 1 13 ? 1.495   1.873   8.556   1.00 28.20  ? 12  AIB C CA  1 
HETATM 304 C  C   . AIB B 1 13 ? 1.010   1.997   7.111   1.00 24.69  ? 12  AIB C C   1 
HETATM 305 O  O   . AIB B 1 13 ? 0.600   3.088   6.686   1.00 23.77  ? 12  AIB C O   1 
HETATM 306 C  CB1 . AIB B 1 13 ? 1.063   3.088   9.366   1.00 30.72  ? 12  AIB C CB1 1 
HETATM 307 C  CB2 . AIB B 1 13 ? 3.020   1.736   8.545   1.00 32.97  ? 12  AIB C CB2 1 
ATOM   308 N  N   . ILE B 1 14 ? 1.041   0.898   6.368   1.00 25.31  ? 13  ILE C N   1 
ATOM   309 C  CA  . ILE B 1 14 ? 0.679   0.880   4.952   1.00 25.11  ? 13  ILE C CA  1 
ATOM   310 C  C   . ILE B 1 14 ? -0.809  1.220   4.806   1.00 24.32  ? 13  ILE C C   1 
ATOM   311 O  O   . ILE B 1 14 ? -1.157  2.046   3.950   1.00 22.51  ? 13  ILE C O   1 
ATOM   312 C  CB  . ILE B 1 14 ? 1.012   -0.457  4.289   1.00 25.67  ? 13  ILE C CB  1 
ATOM   313 C  CG1 . ILE B 1 14 ? 2.525   -0.631  4.145   1.00 26.56  ? 13  ILE C CG1 1 
ATOM   314 C  CG2 . ILE B 1 14 ? 0.310   -0.616  2.960   1.00 26.86  ? 13  ILE C CG2 1 
ATOM   315 C  CD1 . ILE B 1 14 ? 2.960   -2.092  3.957   1.00 27.00  ? 13  ILE C CD1 1 
ATOM   316 N  N   . LYS B 1 15 ? -1.676  0.587   5.597   1.00 24.35  ? 14  LYS C N   1 
ATOM   317 C  CA  . LYS B 1 15 ? -3.135  0.855   5.496   1.00 23.58  ? 14  LYS C CA  1 
ATOM   318 C  C   . LYS B 1 15 ? -3.428  2.322   5.811   1.00 22.00  ? 14  LYS C C   1 
ATOM   319 O  O   . LYS B 1 15 ? -4.329  2.865   5.162   1.00 24.39  ? 14  LYS C O   1 
ATOM   320 C  CB  . LYS B 1 15 ? -3.903  -0.131  6.368   1.00 21.58  ? 14  LYS C CB  1 
ATOM   321 C  CG  . LYS B 1 15 ? -3.881  -1.545  5.841   1.00 25.77  ? 14  LYS C CG  1 
ATOM   322 C  CD  . LYS B 1 15 ? -4.666  -2.480  6.747   1.00 27.11  ? 14  LYS C CD  1 
ATOM   323 C  CE  . LYS B 1 15 ? -4.550  -3.934  6.358   1.00 46.62  ? 14  LYS C CE  1 
ATOM   324 N  NZ  . LYS B 1 15 ? -5.392  -4.783  7.233   1.00 46.18  ? 14  LYS C NZ  1 
ATOM   325 N  N   . LYS B 1 16 ? -2.735  2.940   6.758   1.00 23.81  ? 15  LYS C N   1 
ATOM   326 C  CA  . LYS B 1 16 ? -2.912  4.359   7.111   1.00 26.94  ? 15  LYS C CA  1 
ATOM   327 C  C   . LYS B 1 16 ? -2.543  5.218   5.904   1.00 26.82  ? 15  LYS C C   1 
ATOM   328 O  O   . LYS B 1 16 ? -3.293  6.168   5.592   1.00 24.81  ? 15  LYS C O   1 
ATOM   329 C  CB  . LYS B 1 16 ? -2.032  4.705   8.299   1.00 25.64  ? 15  LYS C CB  1 
ATOM   330 C  CG  . LYS B 1 16 ? -2.079  6.144   8.761   1.00 28.48  ? 15  LYS C CG  1 
ATOM   331 C  CD  . LYS B 1 16 ? -1.101  6.436   9.862   1.00 37.00  ? 15  LYS C CD  1 
ATOM   332 C  CE  . LYS B 1 16 ? -1.212  7.854   10.377  1.00 51.69  ? 15  LYS C CE  1 
ATOM   333 N  NZ  . LYS B 1 16 ? -0.228  8.114   11.460  1.00 59.37  ? 15  LYS C NZ  1 
ATOM   334 N  N   . GLU B 1 17 ? -1.441  4.890   5.232   1.00 24.03  ? 16  GLU C N   1 
ATOM   335 C  CA  . GLU B 1 17 ? -1.015  5.678   4.041   1.00 25.96  ? 16  GLU C CA  1 
ATOM   336 C  C   . GLU B 1 17 ? -2.023  5.458   2.909   1.00 25.23  ? 16  GLU C C   1 
ATOM   337 O  O   . GLU B 1 17 ? -2.368  6.438   2.223   1.00 26.56  ? 16  GLU C O   1 
ATOM   338 C  CB  . GLU B 1 17 ? 0.384   5.256   3.600   1.00 26.00  ? 16  GLU C CB  1 
ATOM   339 C  CG  . GLU B 1 17 ? 1.450   5.495   4.649   1.00 42.59  ? 16  GLU C CG  1 
ATOM   340 C  CD  . GLU B 1 17 ? 1.850   6.942   4.822   1.00 86.42  ? 16  GLU C CD  1 
ATOM   341 O  OE1 . GLU B 1 17 ? 1.381   7.808   4.036   1.00 58.72  ? 16  GLU C OE1 1 
ATOM   342 O  OE2 . GLU B 1 17 ? 2.657   7.192   5.731   1.00 76.99  ? 16  GLU C OE2 1 
ATOM   343 N  N   . LEU B 1 18 ? -2.506  4.228   2.693   1.00 23.43  ? 17  LEU C N   1 
ATOM   344 C  CA  . LEU B 1 18 ? -3.445  3.946   1.582   1.00 23.57  ? 17  LEU C CA  1 
ATOM   345 C  C   . LEU B 1 18 ? -4.752  4.694   1.850   1.00 24.52  ? 17  LEU C C   1 
ATOM   346 O  O   . LEU B 1 18 ? -5.327  5.266   0.937   1.00 24.44  ? 17  LEU C O   1 
ATOM   347 C  CB  . LEU B 1 18 ? -3.710  2.450   1.444   1.00 26.12  ? 17  LEU C CB  1 
ATOM   348 C  CG  . LEU B 1 18 ? -2.606  1.638   0.771   1.00 30.03  ? 17  LEU C CG  1 
ATOM   349 C  CD1 . LEU B 1 18 ? -2.964  0.173   0.849   1.00 32.01  ? 17  LEU C CD1 1 
ATOM   350 C  CD2 . LEU B 1 18 ? -2.382  2.046   -0.675  1.00 32.62  ? 17  LEU C CD2 1 
HETATM 351 N  N   . AIB B 1 19 ? -5.211  4.669   3.120   1.00 26.69  ? 18  AIB C N   1 
HETATM 352 C  CA  . AIB B 1 19 ? -6.427  5.384   3.529   1.00 28.20  ? 18  AIB C CA  1 
HETATM 353 C  C   . AIB B 1 19 ? -6.292  6.862   3.143   1.00 24.30  ? 18  AIB C C   1 
HETATM 354 O  O   . AIB B 1 19 ? -7.142  7.404   2.438   1.00 27.23  ? 18  AIB C O   1 
HETATM 355 C  CB1 . AIB B 1 19 ? -6.581  5.238   5.045   1.00 29.83  ? 18  AIB C CB1 1 
HETATM 356 C  CB2 . AIB B 1 19 ? -7.592  4.734   2.801   1.00 27.75  ? 18  AIB C CB2 1 
HETATM 357 N  N   . AIB B 1 20 ? -5.203  7.496   3.581   1.00 24.53  ? 19  AIB C N   1 
HETATM 358 C  CA  . AIB B 1 20 ? -4.940  8.906   3.315   1.00 28.36  ? 19  AIB C CA  1 
HETATM 359 C  C   . AIB B 1 20 ? -5.024  9.182   1.814   1.00 28.24  ? 19  AIB C C   1 
HETATM 360 O  O   . AIB B 1 20 ? -5.659  10.136  1.376   1.00 26.11  ? 19  AIB C O   1 
HETATM 361 C  CB1 . AIB B 1 20 ? -5.972  9.778   4.053   1.00 34.66  ? 19  AIB C CB1 1 
HETATM 362 C  CB2 . AIB B 1 20 ? -3.513  9.218   3.756   1.00 28.37  ? 19  AIB C CB2 1 
ATOM   363 N  N   . ILE B 1 21 ? -4.359  8.334   1.014   1.00 24.70  ? 20  ILE C N   1 
ATOM   364 C  CA  . ILE B 1 21 ? -4.306  8.497   -0.428  1.00 26.27  ? 20  ILE C CA  1 
ATOM   365 C  C   . ILE B 1 21 ? -5.701  8.394   -1.056  1.00 25.70  ? 20  ILE C C   1 
ATOM   366 O  O   . ILE B 1 21 ? -6.040  9.217   -1.909  1.00 27.96  ? 20  ILE C O   1 
ATOM   367 C  CB  . ILE B 1 21 ? -3.335  7.479   -1.058  1.00 24.26  ? 20  ILE C CB  1 
ATOM   368 C  CG1 . ILE B 1 21 ? -1.896  7.825   -0.714  1.00 26.34  ? 20  ILE C CG1 1 
ATOM   369 C  CG2 . ILE B 1 21 ? -3.555  7.409   -2.557  1.00 28.05  ? 20  ILE C CG2 1 
ATOM   370 C  CD1 . ILE B 1 21 ? -0.927  6.659   -0.826  1.00 27.43  ? 20  ILE C CD1 1 
ATOM   371 N  N   . LYS B 1 22 ? -6.503  7.410   -0.660  1.00 25.92  ? 21  LYS C N   1 
ATOM   372 C  CA  . LYS B 1 22 ? -7.844  7.205   -1.236  1.00 29.59  ? 21  LYS C CA  1 
ATOM   373 C  C   . LYS B 1 22 ? -8.728  8.411   -0.907  1.00 27.62  ? 21  LYS C C   1 
ATOM   374 O  O   . LYS B 1 22 ? -9.512  8.833   -1.753  1.00 30.29  ? 21  LYS C O   1 
ATOM   375 C  CB  . LYS B 1 22 ? -8.467  5.897   -0.746  1.00 30.76  ? 21  LYS C CB  1 
ATOM   376 C  CG  . LYS B 1 22 ? -7.864  4.623   -1.329  1.00 35.24  ? 21  LYS C CG  1 
ATOM   377 C  CD  . LYS B 1 22 ? -8.779  3.408   -1.305  1.00 48.36  ? 21  LYS C CD  1 
ATOM   378 C  CE  . LYS B 1 22 ? -9.956  3.524   -2.249  1.00 58.22  ? 21  LYS C CE  1 
ATOM   379 N  NZ  . LYS B 1 22 ? -9.579  3.210   -3.645  1.00 57.98  ? 21  LYS C NZ  1 
HETATM 380 C  CD1 . 4BF B 1 23 ? -11.116 10.331  3.888   1.00 30.78  ? 22  4BF C CD1 1 
HETATM 381 C  CE1 . 4BF B 1 23 ? -11.932 9.627   4.761   1.00 31.67  ? 22  4BF C CE1 1 
HETATM 382 C  CZ  . 4BF B 1 23 ? -11.803 8.265   4.864   1.00 29.27  ? 22  4BF C CZ  1 
HETATM 383 BR BR  . 4BF B 1 23 ? -12.859 7.257   6.116   1.00 36.60  ? 22  4BF C BR  1 
HETATM 384 C  CE2 . 4BF B 1 23 ? -10.860 7.606   4.104   1.00 30.01  ? 22  4BF C CE2 1 
HETATM 385 C  CD2 . 4BF B 1 23 ? -10.082 8.317   3.207   1.00 34.51  ? 22  4BF C CD2 1 
HETATM 386 C  CG  . 4BF B 1 23 ? -10.196 9.688   3.068   1.00 28.16  ? 22  4BF C CG  1 
HETATM 387 C  CB  . 4BF B 1 23 ? -9.289  10.478  2.146   1.00 30.21  ? 22  4BF C CB  1 
HETATM 388 C  CA  . 4BF B 1 23 ? -9.380  10.149  0.657   1.00 29.43  ? 22  4BF C CA  1 
HETATM 389 N  N   . 4BF B 1 23 ? -8.579  8.978   0.294   1.00 28.47  ? 22  4BF C N   1 
HETATM 390 C  C   . 4BF B 1 23 ? -8.952  11.362  -0.186  1.00 33.47  ? 22  4BF C C   1 
HETATM 391 O  O   . 4BF B 1 23 ? -9.793  12.147  -0.627  1.00 33.35  ? 22  4BF C O   1 
ATOM   392 N  N   . GLU B 1 24 ? -7.636  11.526  -0.367  1.00 31.58  ? 23  GLU C N   1 
ATOM   393 C  CA  . GLU B 1 24 ? -7.067  12.628  -1.133  1.00 34.64  ? 23  GLU C CA  1 
ATOM   394 C  C   . GLU B 1 24 ? -7.483  12.514  -2.605  1.00 34.56  ? 23  GLU C C   1 
ATOM   395 O  O   . GLU B 1 24 ? -7.801  13.518  -3.229  1.00 35.81  ? 23  GLU C O   1 
ATOM   396 C  CB  . GLU B 1 24 ? -5.549  12.609  -0.972  1.00 33.84  ? 23  GLU C CB  1 
ATOM   397 C  CG  . GLU B 1 24 ? -5.048  13.222  0.323   1.00 51.27  ? 23  GLU C CG  1 
ATOM   398 C  CD  . GLU B 1 24 ? -3.531  13.175  0.496   1.00 91.74  ? 23  GLU C CD  1 
ATOM   399 O  OE1 . GLU B 1 24 ? -2.826  13.730  -0.365  1.00 75.29  ? 23  GLU C OE1 1 
ATOM   400 O  OE2 . GLU B 1 24 ? -3.054  12.551  1.474   1.00 64.66  ? 23  GLU C OE2 1 
ATOM   401 N  N   . LEU B 1 25 ? -7.475  11.309  -3.161  1.00 35.75  ? 24  LEU C N   1 
ATOM   402 C  CA  . LEU B 1 25 ? -7.889  11.027  -4.558  1.00 39.60  ? 24  LEU C CA  1 
ATOM   403 C  C   . LEU B 1 25 ? -9.367  11.345  -4.730  1.00 41.85  ? 24  LEU C C   1 
ATOM   404 O  O   . LEU B 1 25 ? -9.747  11.987  -5.702  1.00 38.05  ? 24  LEU C O   1 
ATOM   405 C  CB  . LEU B 1 25 ? -7.582  9.555   -4.825  1.00 40.85  ? 24  LEU C CB  1 
ATOM   406 C  CG  . LEU B 1 25 ? -7.710  9.044   -6.245  1.00 47.04  ? 24  LEU C CG  1 
ATOM   407 C  CD1 . LEU B 1 25 ? -7.190  10.063  -7.253  1.00 54.37  ? 24  LEU C CD1 1 
ATOM   408 C  CD2 . LEU B 1 25 ? -6.947  7.727   -6.338  1.00 51.61  ? 24  LEU C CD2 1 
HETATM 409 N  N   . AIB B 1 26 ? -10.200 10.881  -3.795  1.00 37.46  ? 25  AIB C N   1 
HETATM 410 C  CA  . AIB B 1 26 ? -11.633 11.136  -3.821  1.00 42.66  ? 25  AIB C CA  1 
HETATM 411 C  C   . AIB B 1 26 ? -11.873 12.648  -3.938  1.00 37.55  ? 25  AIB C C   1 
HETATM 412 O  O   . AIB B 1 26 ? -12.605 13.114  -4.811  1.00 41.20  ? 25  AIB C O   1 
HETATM 413 C  CB1 . AIB B 1 26 ? -12.208 10.352  -4.998  1.00 41.37  ? 25  AIB C CB1 1 
HETATM 414 C  CB2 . AIB B 1 26 ? -12.254 10.653  -2.507  1.00 39.60  ? 25  AIB C CB2 1 
HETATM 415 N  N   . AIB B 1 27 ? -11.210 13.418  -3.060  1.00 37.20  ? 26  AIB C N   1 
HETATM 416 C  CA  . AIB B 1 27 ? -11.342 14.860  -2.997  1.00 38.90  ? 26  AIB C CA  1 
HETATM 417 C  C   . AIB B 1 27 ? -11.006 15.527  -4.341  1.00 45.26  ? 26  AIB C C   1 
HETATM 418 O  O   . AIB B 1 27 ? -11.645 16.483  -4.755  1.00 44.83  ? 26  AIB C O   1 
HETATM 419 C  CB1 . AIB B 1 27 ? -12.783 15.203  -2.602  1.00 38.94  ? 26  AIB C CB1 1 
HETATM 420 C  CB2 . AIB B 1 27 ? -10.361 15.375  -1.949  1.00 38.69  ? 26  AIB C CB2 1 
ATOM   421 N  N   . ILE B 1 28 ? -9.976  15.004  -5.010  1.00 39.80  ? 27  ILE C N   1 
ATOM   422 C  CA  . ILE B 1 28 ? -9.495  15.551  -6.270  1.00 40.00  ? 27  ILE C CA  1 
ATOM   423 C  C   . ILE B 1 28 ? -10.548 15.340  -7.352  1.00 48.79  ? 27  ILE C C   1 
ATOM   424 O  O   . ILE B 1 28 ? -10.763 16.279  -8.135  1.00 50.29  ? 27  ILE C O   1 
ATOM   425 C  CB  . ILE B 1 28 ? -8.145  14.893  -6.651  1.00 44.33  ? 27  ILE C CB  1 
ATOM   426 C  CG1 . ILE B 1 28 ? -7.011  15.434  -5.780  1.00 49.82  ? 27  ILE C CG1 1 
ATOM   427 C  CG2 . ILE B 1 28 ? -7.840  15.074  -8.140  1.00 55.69  ? 27  ILE C CG2 1 
ATOM   428 C  CD1 . ILE B 1 28 ? -5.697  14.700  -5.943  1.00 54.72  ? 27  ILE C CD1 1 
ATOM   429 N  N   . LYS B 1 29 ? -11.126 14.143  -7.438  1.00 43.86  ? 28  LYS C N   1 
ATOM   430 C  CA  . LYS B 1 29 ? -12.110 13.806  -8.507  1.00 46.69  ? 28  LYS C CA  1 
ATOM   431 C  C   . LYS B 1 29 ? -13.316 14.753  -8.422  1.00 63.29  ? 28  LYS C C   1 
ATOM   432 O  O   . LYS B 1 29 ? -14.008 14.925  -9.455  1.00 58.40  ? 28  LYS C O   1 
ATOM   433 C  CB  . LYS B 1 29 ? -12.563 12.345  -8.425  1.00 51.39  ? 28  LYS C CB  1 
ATOM   434 C  CG  . LYS B 1 29 ? -11.553 11.320  -8.932  1.00 72.22  ? 28  LYS C CG  1 
ATOM   435 C  CD  . LYS B 1 29 ? -12.194 10.073  -9.507  1.00 103.75 ? 28  LYS C CD  1 
ATOM   436 C  CE  . LYS B 1 29 ? -11.197 9.120   -10.131 1.00 117.28 ? 28  LYS C CE  1 
ATOM   437 N  NZ  . LYS B 1 29 ? -10.425 8.381   -9.105  1.00 149.93 ? 28  LYS C NZ  1 
ATOM   438 N  N   . GLN B 1 30 ? -13.561 15.376  -7.261  1.00 64.14  ? 29  GLN C N   1 
ATOM   439 C  CA  . GLN B 1 30 ? -14.609 16.431  -7.103  1.00 66.34  ? 29  GLN C CA  1 
ATOM   440 C  C   . GLN B 1 30 ? -14.112 17.766  -7.684  1.00 83.89  ? 29  GLN C C   1 
ATOM   441 O  O   . GLN B 1 30 ? -13.394 18.556  -7.062  1.00 76.43  ? 29  GLN C O   1 
ATOM   442 C  CB  . GLN B 1 30 ? -15.023 16.558  -5.635  1.00 86.60  ? 29  GLN C CB  1 
ATOM   443 C  CG  . GLN B 1 30 ? -16.128 15.588  -5.236  1.00 75.74  ? 29  GLN C CG  1 
ATOM   444 C  CD  . GLN B 1 30 ? -17.502 16.094  -5.613  1.00 119.71 ? 29  GLN C CD  1 
ATOM   445 O  OE1 . GLN B 1 30 ? -17.807 17.281  -5.508  1.00 85.87  ? 29  GLN C OE1 1 
ATOM   446 N  NE2 . GLN B 1 30 ? -18.356 15.182  -6.049  1.00 101.25 ? 29  GLN C NE2 1 
HETATM 447 C  C   . ACE C 1 1  ? 11.042  -21.015 1.812   1.00 40.69  ? 0   ACE E C   1 
HETATM 448 O  O   . ACE C 1 1  ? 10.376  -20.981 0.831   1.00 48.47  ? 0   ACE E O   1 
HETATM 449 C  CH3 . ACE C 1 1  ? 11.492  -22.336 2.381   1.00 43.05  ? 0   ACE E CH3 1 
ATOM   450 N  N   . GLY C 1 2  ? 11.422  -19.946 2.473   1.00 35.47  ? 1   GLY E N   1 
ATOM   451 C  CA  . GLY C 1 2  ? 11.255  -18.622 1.857   1.00 36.95  ? 1   GLY E CA  1 
ATOM   452 C  C   . GLY C 1 2  ? 9.938   -17.937 2.162   1.00 38.41  ? 1   GLY E C   1 
ATOM   453 O  O   . GLY C 1 2  ? 9.796   -16.836 1.633   1.00 35.31  ? 1   GLY E O   1 
ATOM   454 N  N   . GLU C 1 3  ? 9.031   -18.474 3.002   1.00 32.34  ? 2   GLU E N   1 
ATOM   455 C  CA  . GLU C 1 3  ? 7.705   -17.849 3.252   1.00 30.41  ? 2   GLU E CA  1 
ATOM   456 C  C   . GLU C 1 3  ? 7.890   -16.493 3.928   1.00 31.79  ? 2   GLU E C   1 
ATOM   457 O  O   . GLU C 1 3  ? 7.237   -15.520 3.486   1.00 31.04  ? 2   GLU E O   1 
ATOM   458 C  CB  . GLU C 1 3  ? 6.794   -18.767 4.061   1.00 33.62  ? 2   GLU E CB  1 
ATOM   459 C  CG  . GLU C 1 3  ? 6.329   -19.974 3.271   1.00 45.80  ? 2   GLU E CG  1 
ATOM   460 C  CD  . GLU C 1 3  ? 5.274   -19.696 2.206   1.00 38.06  ? 2   GLU E CD  1 
ATOM   461 O  OE1 . GLU C 1 3  ? 4.531   -18.695 2.356   1.00 40.81  ? 2   GLU E OE1 1 
ATOM   462 O  OE2 . GLU C 1 3  ? 5.210   -20.475 1.234   1.00 49.55  ? 2   GLU E OE2 1 
ATOM   463 N  N   . LEU C 1 4  ? 8.721   -16.402 4.967   1.00 28.36  ? 3   LEU E N   1 
ATOM   464 C  CA  . LEU C 1 4  ? 8.922   -15.097 5.651   1.00 29.92  ? 3   LEU E CA  1 
ATOM   465 C  C   . LEU C 1 4  ? 9.684   -14.152 4.719   1.00 30.96  ? 3   LEU E C   1 
ATOM   466 O  O   . LEU C 1 4  ? 9.304   -12.977 4.615   1.00 29.39  ? 3   LEU E O   1 
ATOM   467 C  CB  . LEU C 1 4  ? 9.625   -15.261 6.995   1.00 32.15  ? 3   LEU E CB  1 
ATOM   468 C  CG  . LEU C 1 4  ? 9.908   -13.956 7.729   1.00 30.41  ? 3   LEU E CG  1 
ATOM   469 C  CD1 . LEU C 1 4  ? 8.616   -13.150 7.949   1.00 32.04  ? 3   LEU E CD1 1 
ATOM   470 C  CD2 . LEU C 1 4  ? 10.583  -14.197 9.049   1.00 34.20  ? 3   LEU E CD2 1 
HETATM 471 N  N   . AIB C 1 5  ? 10.716  -14.665 4.031   1.00 29.32  ? 4   AIB E N   1 
HETATM 472 C  CA  . AIB C 1 5  ? 11.490  -13.876 3.086   1.00 31.41  ? 4   AIB E CA  1 
HETATM 473 C  C   . AIB C 1 5  ? 10.565  -13.148 2.096   1.00 34.58  ? 4   AIB E C   1 
HETATM 474 O  O   . AIB C 1 5  ? 10.683  -11.944 1.920   1.00 32.79  ? 4   AIB E O   1 
HETATM 475 C  CB1 . AIB C 1 5  ? 12.297  -12.855 3.879   1.00 35.56  ? 4   AIB E CB1 1 
HETATM 476 C  CB2 . AIB C 1 5  ? 12.404  -14.808 2.294   1.00 36.72  ? 4   AIB E CB2 1 
HETATM 477 N  N   . AIB C 1 6  ? 9.630   -13.896 1.505   1.00 30.58  ? 5   AIB E N   1 
HETATM 478 C  CA  . AIB C 1 6  ? 8.699   -13.410 0.488   1.00 31.23  ? 5   AIB E CA  1 
HETATM 479 C  C   . AIB C 1 6  ? 7.932   -12.222 1.049   1.00 27.99  ? 5   AIB E C   1 
HETATM 480 O  O   . AIB C 1 6  ? 7.801   -11.189 0.379   1.00 29.48  ? 5   AIB E O   1 
HETATM 481 C  CB1 . AIB C 1 6  ? 9.495   -13.035 -0.753  1.00 31.04  ? 5   AIB E CB1 1 
HETATM 482 C  CB2 . AIB C 1 6  ? 7.696   -14.516 0.169   1.00 30.87  ? 5   AIB E CB2 1 
ATOM   483 N  N   . ILE C 1 7  ? 7.442   -12.358 2.279   1.00 26.41  ? 6   ILE E N   1 
ATOM   484 C  CA  . ILE C 1 7  ? 6.630   -11.322 2.900   1.00 29.67  ? 6   ILE E CA  1 
ATOM   485 C  C   . ILE C 1 7  ? 7.474   -10.048 3.051   1.00 36.19  ? 6   ILE E C   1 
ATOM   486 O  O   . ILE C 1 7  ? 6.997   -8.961  2.726   1.00 27.76  ? 6   ILE E O   1 
ATOM   487 C  CB  . ILE C 1 7  ? 6.055   -11.826 4.239   1.00 28.53  ? 6   ILE E CB  1 
ATOM   488 C  CG1 . ILE C 1 7  ? 4.963   -12.871 3.984   1.00 29.05  ? 6   ILE E CG1 1 
ATOM   489 C  CG2 . ILE C 1 7  ? 5.588   -10.678 5.116   1.00 31.85  ? 6   ILE E CG2 1 
ATOM   490 C  CD1 . ILE C 1 7  ? 4.654   -13.738 5.198   1.00 34.12  ? 6   ILE E CD1 1 
ATOM   491 N  N   . LYS C 1 8  ? 8.702   -10.161 3.537   1.00 28.43  ? 7   LYS E N   1 
ATOM   492 C  CA  . LYS C 1 8  ? 9.545   -8.961  3.763   1.00 34.07  ? 7   LYS E CA  1 
ATOM   493 C  C   . LYS C 1 8  ? 9.858   -8.285  2.419   1.00 34.27  ? 7   LYS E C   1 
ATOM   494 O  O   . LYS C 1 8  ? 9.898   -7.045  2.383   1.00 32.61  ? 7   LYS E O   1 
ATOM   495 C  CB  . LYS C 1 8  ? 10.816  -9.348  4.514   1.00 32.35  ? 7   LYS E CB  1 
ATOM   496 C  CG  . LYS C 1 8  ? 10.588  -9.782  5.948   1.00 35.08  ? 7   LYS E CG  1 
ATOM   497 C  CD  . LYS C 1 8  ? 11.897  -9.902  6.736   1.00 42.78  ? 7   LYS E CD  1 
ATOM   498 C  CE  . LYS C 1 8  ? 11.662  -10.217 8.195   1.00 62.42  ? 7   LYS E CE  1 
ATOM   499 N  NZ  . LYS C 1 8  ? 12.941  -10.364 8.929   1.00 47.65  ? 7   LYS E NZ  1 
ATOM   500 N  N   . GLN C 1 9  ? 10.079  -9.056  1.353   1.00 32.14  ? 8   GLN E N   1 
ATOM   501 C  CA  . GLN C 1 9  ? 10.381  -8.479  0.018   1.00 30.05  ? 8   GLN E CA  1 
ATOM   502 C  C   . GLN C 1 9  ? 9.120   -7.764  -0.524  1.00 33.24  ? 8   GLN E C   1 
ATOM   503 O  O   . GLN C 1 9  ? 9.264   -6.703  -1.169  1.00 32.63  ? 8   GLN E O   1 
ATOM   504 C  CB  . GLN C 1 9  ? 10.902  -9.524  -0.967  1.00 32.05  ? 8   GLN E CB  1 
ATOM   505 C  CG  . GLN C 1 9  ? 12.248  -10.131 -0.561  1.00 42.43  ? 8   GLN E CG  1 
ATOM   506 C  CD  . GLN C 1 9  ? 12.797  -11.215 -1.458  1.00 49.74  ? 8   GLN E CD  1 
ATOM   507 O  OE1 . GLN C 1 9  ? 12.361  -11.433 -2.594  1.00 52.94  ? 8   GLN E OE1 1 
ATOM   508 N  NE2 . GLN C 1 9  ? 13.791  -11.920 -0.936  1.00 44.82  ? 8   GLN E NE2 1 
ATOM   509 N  N   . GLU C 1 10 ? 7.946   -8.347  -0.315  1.00 29.93  ? 9   GLU E N   1 
ATOM   510 C  CA  . GLU C 1 10 ? 6.648   -7.760  -0.752  1.00 29.10  ? 9   GLU E CA  1 
ATOM   511 C  C   . GLU C 1 10 ? 6.438   -6.448  0.003   1.00 29.92  ? 9   GLU E C   1 
ATOM   512 O  O   . GLU C 1 10 ? 5.991   -5.457  -0.620  1.00 30.34  ? 9   GLU E O   1 
ATOM   513 C  CB  . GLU C 1 10 ? 5.515   -8.749  -0.540  1.00 27.07  ? 9   GLU E CB  1 
ATOM   514 C  CG  . GLU C 1 10 ? 5.586   -9.972  -1.436  1.00 38.02  ? 9   GLU E CG  1 
ATOM   515 C  CD  . GLU C 1 10 ? 5.071   -9.861  -2.856  1.00 63.95  ? 9   GLU E CD  1 
ATOM   516 O  OE1 . GLU C 1 10 ? 4.912   -8.723  -3.357  1.00 45.89  ? 9   GLU E OE1 1 
ATOM   517 O  OE2 . GLU C 1 10 ? 4.842   -10.933 -3.464  1.00 56.26  ? 9   GLU E OE2 1 
ATOM   518 N  N   . LEU C 1 11 ? 6.741   -6.407  1.295   1.00 29.80  ? 10  LEU E N   1 
ATOM   519 C  CA  . LEU C 1 11 ? 6.558   -5.170  2.105   1.00 32.90  ? 10  LEU E CA  1 
ATOM   520 C  C   . LEU C 1 11 ? 7.529   -4.094  1.614   1.00 32.49  ? 10  LEU E C   1 
ATOM   521 O  O   . LEU C 1 11 ? 7.123   -2.943  1.469   1.00 33.51  ? 10  LEU E O   1 
ATOM   522 C  CB  . LEU C 1 11 ? 6.720   -5.458  3.591   1.00 31.96  ? 10  LEU E CB  1 
ATOM   523 C  CG  . LEU C 1 11 ? 5.585   -6.244  4.244   1.00 29.00  ? 10  LEU E CG  1 
ATOM   524 C  CD1 . LEU C 1 11 ? 5.978   -6.677  5.645   1.00 35.41  ? 10  LEU E CD1 1 
ATOM   525 C  CD2 . LEU C 1 11 ? 4.296   -5.442  4.298   1.00 37.96  ? 10  LEU E CD2 1 
HETATM 526 N  N   . AIB C 1 12 ? 8.787   -4.481  1.363   1.00 32.45  ? 11  AIB E N   1 
HETATM 527 C  CA  . AIB C 1 12 ? 9.796   -3.567  0.835   1.00 35.75  ? 11  AIB E CA  1 
HETATM 528 C  C   . AIB C 1 12 ? 9.263   -2.917  -0.449  1.00 33.00  ? 11  AIB E C   1 
HETATM 529 O  O   . AIB C 1 12 ? 9.297   -1.698  -0.604  1.00 38.65  ? 11  AIB E O   1 
HETATM 530 C  CB1 . AIB C 1 12 ? 10.078  -2.510  1.907   1.00 37.43  ? 11  AIB E CB1 1 
HETATM 531 C  CB2 . AIB C 1 12 ? 11.074  -4.346  0.517   1.00 39.65  ? 11  AIB E CB2 1 
HETATM 532 N  N   . AIB C 1 13 ? 8.795   -3.751  -1.383  1.00 28.93  ? 12  AIB E N   1 
HETATM 533 C  CA  . AIB C 1 13 ? 8.315   -3.320  -2.683  1.00 31.71  ? 12  AIB E CA  1 
HETATM 534 C  C   . AIB C 1 13 ? 7.190   -2.292  -2.503  1.00 30.28  ? 12  AIB E C   1 
HETATM 535 O  O   . AIB C 1 13 ? 7.161   -1.309  -3.233  1.00 31.79  ? 12  AIB E O   1 
HETATM 536 C  CB1 . AIB C 1 13 ? 9.466   -2.666  -3.463  1.00 36.65  ? 12  AIB E CB1 1 
HETATM 537 C  CB2 . AIB C 1 13 ? 7.755   -4.535  -3.406  1.00 30.53  ? 12  AIB E CB2 1 
ATOM   538 N  N   . ILE C 1 14 ? 6.275   -2.529  -1.558  1.00 28.84  ? 13  ILE E N   1 
ATOM   539 C  CA  . ILE C 1 14 ? 5.126   -1.656  -1.328  1.00 27.74  ? 13  ILE E CA  1 
ATOM   540 C  C   . ILE C 1 14 ? 5.580   -0.220  -0.990  1.00 32.84  ? 13  ILE E C   1 
ATOM   541 O  O   . ILE C 1 14 ? 4.929   0.739   -1.457  1.00 26.86  ? 13  ILE E O   1 
ATOM   542 C  CB  . ILE C 1 14 ? 4.196   -2.286  -0.273  1.00 26.20  ? 13  ILE E CB  1 
ATOM   543 C  CG1 . ILE C 1 14 ? 3.421   -3.454  -0.875  1.00 28.55  ? 13  ILE E CG1 1 
ATOM   544 C  CG2 . ILE C 1 14 ? 3.281   -1.241  0.363   1.00 30.89  ? 13  ILE E CG2 1 
ATOM   545 C  CD1 . ILE C 1 14 ? 2.819   -4.407  0.124   1.00 33.29  ? 13  ILE E CD1 1 
ATOM   546 N  N   . LYS C 1 15 ? 6.691   -0.026  -0.285  1.00 31.86  ? 14  LYS E N   1 
ATOM   547 C  CA  . LYS C 1 15 ? 7.187   1.347   0.004   1.00 35.70  ? 14  LYS E CA  1 
ATOM   548 C  C   . LYS C 1 15 ? 7.510   2.102   -1.292  1.00 33.78  ? 14  LYS E C   1 
ATOM   549 O  O   . LYS C 1 15 ? 7.198   3.319   -1.366  1.00 34.59  ? 14  LYS E O   1 
ATOM   550 C  CB  . LYS C 1 15 ? 8.397   1.276   0.938   1.00 49.12  ? 14  LYS E CB  1 
ATOM   551 C  CG  . LYS C 1 15 ? 8.078   0.789   2.340   1.00 42.52  ? 14  LYS E CG  1 
ATOM   552 C  CD  . LYS C 1 15 ? 9.182   1.164   3.331   1.00 55.17  ? 14  LYS E CD  1 
ATOM   553 C  CE  . LYS C 1 15 ? 8.919   0.640   4.725   1.00 52.38  ? 14  LYS E CE  1 
ATOM   554 N  NZ  . LYS C 1 15 ? 10.047  0.938   5.633   1.00 60.55  ? 14  LYS E NZ  1 
ATOM   555 N  N   . LYS C 1 16 ? 8.117   1.453   -2.274  1.00 32.24  ? 15  LYS E N   1 
ATOM   556 C  CA  . LYS C 1 16 ? 8.433   2.091   -3.577  1.00 38.11  ? 15  LYS E CA  1 
ATOM   557 C  C   . LYS C 1 16 ? 7.123   2.441   -4.296  1.00 37.87  ? 15  LYS E C   1 
ATOM   558 O  O   . LYS C 1 16 ? 7.058   3.476   -4.962  1.00 32.88  ? 15  LYS E O   1 
ATOM   559 C  CB  . LYS C 1 16 ? 9.302   1.171   -4.442  1.00 42.45  ? 15  LYS E CB  1 
ATOM   560 C  CG  . LYS C 1 16 ? 10.764  1.112   -4.031  1.00 63.71  ? 15  LYS E CG  1 
ATOM   561 C  CD  . LYS C 1 16 ? 11.627  0.349   -5.007  1.00 53.95  ? 15  LYS E CD  1 
ATOM   562 C  CE  . LYS C 1 16 ? 13.029  0.107   -4.482  1.00 89.07  ? 15  LYS E CE  1 
ATOM   563 N  NZ  . LYS C 1 16 ? 13.904  -0.506  -5.509  1.00 69.56  ? 15  LYS E NZ  1 
ATOM   564 N  N   . GLU C 1 17 ? 6.099   1.609   -4.202  1.00 29.64  ? 16  GLU E N   1 
ATOM   565 C  CA  . GLU C 1 17 ? 4.803   1.901   -4.870  1.00 28.25  ? 16  GLU E CA  1 
ATOM   566 C  C   . GLU C 1 17 ? 4.138   3.098   -4.175  1.00 28.26  ? 16  GLU E C   1 
ATOM   567 O  O   . GLU C 1 17 ? 3.555   3.964   -4.881  1.00 26.29  ? 16  GLU E O   1 
ATOM   568 C  CB  . GLU C 1 17 ? 3.893   0.678   -4.864  1.00 31.35  ? 16  GLU E CB  1 
ATOM   569 C  CG  . GLU C 1 17 ? 4.479   -0.533  -5.567  1.00 35.68  ? 16  GLU E CG  1 
ATOM   570 C  CD  . GLU C 1 17 ? 4.566   -0.429  -7.081  1.00 62.05  ? 16  GLU E CD  1 
ATOM   571 O  OE1 . GLU C 1 17 ? 4.051   0.542   -7.637  1.00 42.00  ? 16  GLU E OE1 1 
ATOM   572 O  OE2 . GLU C 1 17 ? 5.169   -1.317  -7.698  1.00 79.69  ? 16  GLU E OE2 1 
ATOM   573 N  N   . LEU C 1 18 ? 4.210   3.173   -2.842  1.00 26.10  ? 17  LEU E N   1 
ATOM   574 C  CA  . LEU C 1 18 ? 3.607   4.319   -2.110  1.00 25.43  ? 17  LEU E CA  1 
ATOM   575 C  C   . LEU C 1 18 ? 4.341   5.603   -2.519  1.00 31.83  ? 17  LEU E C   1 
ATOM   576 O  O   . LEU C 1 18 ? 3.695   6.622   -2.751  1.00 29.22  ? 17  LEU E O   1 
ATOM   577 C  CB  . LEU C 1 18 ? 3.620   4.085   -0.605  1.00 30.27  ? 17  LEU E CB  1 
ATOM   578 C  CG  . LEU C 1 18 ? 2.617   3.050   -0.093  1.00 25.68  ? 17  LEU E CG  1 
ATOM   579 C  CD1 . LEU C 1 18 ? 2.876   2.665   1.355   1.00 32.20  ? 17  LEU E CD1 1 
ATOM   580 C  CD2 . LEU C 1 18 ? 1.174   3.511   -0.254  1.00 27.84  ? 17  LEU E CD2 1 
HETATM 581 N  N   . AIB C 1 19 ? 5.678   5.532   -2.649  1.00 30.05  ? 18  AIB E N   1 
HETATM 582 C  CA  . AIB C 1 19 ? 6.469   6.681   -3.089  1.00 27.27  ? 18  AIB E CA  1 
HETATM 583 C  C   . AIB C 1 19 ? 5.978   7.188   -4.444  1.00 28.72  ? 18  AIB E C   1 
HETATM 584 O  O   . AIB C 1 19 ? 5.707   8.390   -4.616  1.00 32.52  ? 18  AIB E O   1 
HETATM 585 C  CB1 . AIB C 1 19 ? 6.323   7.747   -2.009  1.00 32.31  ? 18  AIB E CB1 1 
HETATM 586 C  CB2 . AIB C 1 19 ? 7.926   6.274   -3.241  1.00 35.73  ? 18  AIB E CB2 1 
HETATM 587 N  N   . AIB C 1 20 ? 5.887   6.274   -5.416  1.00 29.72  ? 19  AIB E N   1 
HETATM 588 C  CA  . AIB C 1 20 ? 5.430   6.593   -6.768  1.00 29.71  ? 19  AIB E CA  1 
HETATM 589 C  C   . AIB C 1 20 ? 4.129   7.399   -6.706  1.00 28.99  ? 19  AIB E C   1 
HETATM 590 O  O   . AIB C 1 20 ? 4.001   8.461   -7.330  1.00 29.61  ? 19  AIB E O   1 
HETATM 591 C  CB1 . AIB C 1 20 ? 6.513   7.420   -7.459  1.00 32.24  ? 19  AIB E CB1 1 
HETATM 592 C  CB2 . AIB C 1 20 ? 5.135   5.289   -7.511  1.00 33.34  ? 19  AIB E CB2 1 
ATOM   593 N  N   . ILE C 1 21 ? 3.176   6.874   -5.921  1.00 28.07  ? 20  ILE E N   1 
ATOM   594 C  CA  . ILE C 1 21 ? 1.849   7.451   -5.812  1.00 28.87  ? 20  ILE E CA  1 
ATOM   595 C  C   . ILE C 1 21 ? 1.899   8.854   -5.174  1.00 28.32  ? 20  ILE E C   1 
ATOM   596 O  O   . ILE C 1 21 ? 1.222   9.770   -5.652  1.00 27.71  ? 20  ILE E O   1 
ATOM   597 C  CB  . ILE C 1 21 ? 0.947   6.492   -5.000  1.00 25.31  ? 20  ILE E CB  1 
ATOM   598 C  CG1 . ILE C 1 21 ? 0.639   5.244   -5.822  1.00 29.14  ? 20  ILE E CG1 1 
ATOM   599 C  CG2 . ILE C 1 21 ? -0.310  7.228   -4.534  1.00 31.79  ? 20  ILE E CG2 1 
ATOM   600 C  CD1 . ILE C 1 21 ? 0.113   4.099   -5.035  1.00 29.55  ? 20  ILE E CD1 1 
ATOM   601 N  N   . LYS C 1 22 ? 2.636   9.009   -4.085  1.00 27.13  ? 21  LYS E N   1 
ATOM   602 C  CA  . LYS C 1 22 ? 2.660   10.283  -3.341  1.00 27.71  ? 21  LYS E CA  1 
ATOM   603 C  C   . LYS C 1 22 ? 3.256   11.384  -4.202  1.00 34.69  ? 21  LYS E C   1 
ATOM   604 O  O   . LYS C 1 22 ? 2.797   12.516  -4.123  1.00 30.29  ? 21  LYS E O   1 
ATOM   605 C  CB  . LYS C 1 22 ? 3.410   10.124  -2.023  1.00 28.91  ? 21  LYS E CB  1 
ATOM   606 C  CG  . LYS C 1 22 ? 2.678   9.382   -0.920  1.00 39.82  ? 21  LYS E CG  1 
ATOM   607 C  CD  . LYS C 1 22 ? 3.531   9.405   0.350   1.00 52.23  ? 21  LYS E CD  1 
ATOM   608 C  CE  . LYS C 1 22 ? 2.852   8.962   1.617   1.00 87.81  ? 21  LYS E CE  1 
ATOM   609 N  NZ  . LYS C 1 22 ? 3.847   8.873   2.712   1.00 68.43  ? 21  LYS E NZ  1 
HETATM 610 C  CD1 . 4BF C 1 23 ? 7.677   10.875  -4.812  1.00 37.36  ? 22  4BF E CD1 1 
HETATM 611 C  CE1 . 4BF C 1 23 ? 8.819   11.075  -4.050  1.00 34.33  ? 22  4BF E CE1 1 
HETATM 612 C  CZ  . 4BF C 1 23 ? 9.550   12.196  -4.257  1.00 33.41  ? 22  4BF E CZ  1 
HETATM 613 BR BR  . 4BF C 1 23 ? 11.094  12.497  -3.198  1.00 59.94  ? 22  4BF E BR  1 
HETATM 614 C  CE2 . 4BF C 1 23 ? 9.179   13.155  -5.176  1.00 40.74  ? 22  4BF E CE2 1 
HETATM 615 C  CD2 . 4BF C 1 23 ? 8.037   12.932  -5.931  1.00 33.10  ? 22  4BF E CD2 1 
HETATM 616 C  CG  . 4BF C 1 23 ? 7.278   11.803  -5.764  1.00 29.71  ? 22  4BF E CG  1 
HETATM 617 C  CB  . 4BF C 1 23 ? 6.050   11.567  -6.610  1.00 34.77  ? 22  4BF E CB  1 
HETATM 618 C  CA  . 4BF C 1 23 ? 4.768   12.068  -5.948  1.00 31.16  ? 22  4BF E CA  1 
HETATM 619 N  N   . 4BF C 1 23 ? 4.229   11.061  -5.061  1.00 29.44  ? 22  4BF E N   1 
HETATM 620 C  C   . 4BF C 1 23 ? 3.734   12.532  -6.986  1.00 32.70  ? 22  4BF E C   1 
HETATM 621 O  O   . 4BF C 1 23 ? 3.700   13.707  -7.333  1.00 31.55  ? 22  4BF E O   1 
ATOM   622 N  N   . GLU C 1 24 ? 2.936   11.612  -7.515  1.00 29.87  ? 23  GLU E N   1 
ATOM   623 C  CA  . GLU C 1 24 ? 1.893   11.952  -8.472  1.00 32.56  ? 23  GLU E CA  1 
ATOM   624 C  C   . GLU C 1 24 ? 0.803   12.794  -7.814  1.00 31.79  ? 23  GLU E C   1 
ATOM   625 O  O   . GLU C 1 24 ? 0.290   13.769  -8.468  1.00 36.53  ? 23  GLU E O   1 
ATOM   626 C  CB  . GLU C 1 24 ? 1.248   10.685  -9.030  1.00 34.09  ? 23  GLU E CB  1 
ATOM   627 C  CG  . GLU C 1 24 ? 2.040   9.952   -10.052 1.00 45.79  ? 23  GLU E CG  1 
ATOM   628 C  CD  . GLU C 1 24 ? 2.651   10.825  -11.125 1.00 39.40  ? 23  GLU E CD  1 
ATOM   629 O  OE1 . GLU C 1 24 ? 1.957   11.728  -11.711 1.00 46.39  ? 23  GLU E OE1 1 
ATOM   630 O  OE2 . GLU C 1 24 ? 3.829   10.601  -11.361 1.00 40.76  ? 23  GLU E OE2 1 
ATOM   631 N  N   . LEU C 1 25 ? 0.429   12.473  -6.571  1.00 32.94  ? 24  LEU E N   1 
ATOM   632 C  CA  . LEU C 1 25 ? -0.554  13.309  -5.819  1.00 40.71  ? 24  LEU E CA  1 
ATOM   633 C  C   . LEU C 1 25 ? -0.012  14.720  -5.616  1.00 38.61  ? 24  LEU E C   1 
ATOM   634 O  O   . LEU C 1 25 ? -0.722  15.704  -5.828  1.00 46.61  ? 24  LEU E O   1 
ATOM   635 C  CB  . LEU C 1 25 ? -0.856  12.672  -4.463  1.00 36.95  ? 24  LEU E CB  1 
ATOM   636 C  CG  . LEU C 1 25 ? -1.947  11.623  -4.441  1.00 40.21  ? 24  LEU E CG  1 
ATOM   637 C  CD1 . LEU C 1 25 ? -2.113  11.083  -3.027  1.00 45.86  ? 24  LEU E CD1 1 
ATOM   638 C  CD2 . LEU C 1 25 ? -3.252  12.193  -4.944  1.00 41.46  ? 24  LEU E CD2 1 
HETATM 639 N  N   . AIB C 1 26 ? 1.249   14.802  -5.168  1.00 37.94  ? 25  AIB E N   1 
HETATM 640 C  CA  . AIB C 1 26 ? 1.917   16.072  -4.928  1.00 38.84  ? 25  AIB E CA  1 
HETATM 641 C  C   . AIB C 1 26 ? 1.804   16.941  -6.179  1.00 45.44  ? 25  AIB E C   1 
HETATM 642 O  O   . AIB C 1 26 ? 1.397   18.100  -6.102  1.00 46.42  ? 25  AIB E O   1 
HETATM 643 C  CB1 . AIB C 1 26 ? 1.233   16.717  -3.718  1.00 46.72  ? 25  AIB E CB1 1 
HETATM 644 C  CB2 . AIB C 1 26 ? 3.393   15.815  -4.620  1.00 37.19  ? 25  AIB E CB2 1 
HETATM 645 N  N   . AIB C 1 27 ? 2.167   16.364  -7.338  1.00 33.68  ? 26  AIB E N   1 
HETATM 646 C  CA  . AIB C 1 27 ? 2.193   17.079  -8.612  1.00 40.38  ? 26  AIB E CA  1 
HETATM 647 C  C   . AIB C 1 27 ? 0.837   17.691  -8.948  1.00 50.64  ? 26  AIB E C   1 
HETATM 648 O  O   . AIB C 1 27 ? 0.754   18.798  -9.483  1.00 52.23  ? 26  AIB E O   1 
HETATM 649 C  CB1 . AIB C 1 27 ? 3.252   18.171  -8.538  1.00 49.90  ? 26  AIB E CB1 1 
HETATM 650 C  CB2 . AIB C 1 27 ? 2.534   16.073  -9.706  1.00 41.87  ? 26  AIB E CB2 1 
ATOM   651 N  N   . ILE C 1 28 ? -0.228  16.947  -8.649  1.00 48.34  ? 27  ILE E N   1 
ATOM   652 C  CA  . ILE C 1 28 ? -1.584  17.387  -8.933  1.00 70.93  ? 27  ILE E CA  1 
ATOM   653 C  C   . ILE C 1 28 ? -1.935  18.615  -8.077  1.00 99.33  ? 27  ILE E C   1 
ATOM   654 O  O   . ILE C 1 28 ? -2.526  19.568  -8.607  1.00 62.83  ? 27  ILE E O   1 
ATOM   655 C  CB  . ILE C 1 28 ? -2.569  16.227  -8.725  1.00 69.45  ? 27  ILE E CB  1 
ATOM   656 C  CG1 . ILE C 1 28 ? -2.399  15.166  -9.818  1.00 59.21  ? 27  ILE E CG1 1 
ATOM   657 C  CG2 . ILE C 1 28 ? -3.992  16.753  -8.659  1.00 104.45 ? 27  ILE E CG2 1 
ATOM   658 C  CD1 . ILE C 1 28 ? -3.186  13.909  -9.594  1.00 58.82  ? 27  ILE E CD1 1 
ATOM   659 N  N   . LYS C 1 29 ? -1.578  18.600  -6.794  1.00 86.55  ? 28  LYS E N   1 
ATOM   660 C  CA  . LYS C 1 29 ? -1.624  19.784  -5.894  1.00 105.86 ? 28  LYS E CA  1 
ATOM   661 C  C   . LYS C 1 29 ? -0.410  20.681  -6.193  1.00 77.96  ? 28  LYS E C   1 
ATOM   662 O  O   . LYS C 1 29 ? -0.181  21.265  -7.262  1.00 70.84  ? 28  LYS E O   1 
ATOM   663 C  CB  . LYS C 1 29 ? -1.654  19.311  -4.434  1.00 150.90 ? 28  LYS E CB  1 
ATOM   664 C  CG  . LYS C 1 29 ? -1.961  20.373  -3.384  1.00 128.79 ? 28  LYS E CG  1 
ATOM   665 C  CD  . LYS C 1 29 ? -1.281  20.119  -2.048  1.00 141.04 ? 28  LYS E CD  1 
ATOM   666 C  CE  . LYS C 1 29 ? 0.212   20.386  -2.081  1.00 137.82 ? 28  LYS E CE  1 
ATOM   667 N  NZ  . LYS C 1 29 ? 0.953   19.488  -1.163  1.00 91.65  ? 28  LYS E NZ  1 
HETATM 668 O  O   . HOH D 2 .  ? -0.475  -12.700 -0.609  1.00 46.95  ? 101 HOH B O   1 
HETATM 669 O  O   . HOH D 2 .  ? -0.149  -4.173  -7.199  1.00 36.93  ? 102 HOH B O   1 
HETATM 670 O  O   . HOH D 2 .  ? 5.804   2.678   -11.139 1.00 37.57  ? 103 HOH B O   1 
HETATM 671 O  O   . HOH D 2 .  ? -1.975  -11.864 11.960  1.00 47.68  ? 104 HOH B O   1 
HETATM 672 O  O   . HOH D 2 .  ? -0.534  -19.171 10.880  1.00 40.12  ? 105 HOH B O   1 
HETATM 673 O  O   . HOH D 2 .  ? -7.999  -13.952 5.136   1.00 61.27  ? 106 HOH B O   1 
HETATM 674 O  O   . HOH E 2 .  ? -0.093  8.418   2.219   1.00 45.02  ? 101 HOH C O   1 
HETATM 675 O  O   . HOH E 2 .  ? 8.854   -3.272  5.738   1.00 48.29  ? 102 HOH C O   1 
HETATM 676 O  O   . HOH E 2 .  ? 9.419   -9.304  10.620  1.00 43.40  ? 103 HOH C O   1 
HETATM 677 O  O   . HOH E 2 .  ? 9.397   -6.547  16.611  1.00 47.03  ? 104 HOH C O   1 
HETATM 678 O  O   . HOH E 2 .  ? -10.605 7.196   -3.667  1.00 38.47  ? 105 HOH C O   1 
HETATM 679 O  O   . HOH E 2 .  ? -1.765  -4.705  11.453  1.00 43.85  ? 106 HOH C O   1 
HETATM 680 O  O   . HOH E 2 .  ? 9.777   -6.526  7.214   1.00 60.60  ? 107 HOH C O   1 
HETATM 681 O  O   . HOH E 2 .  ? -8.175  -3.850  7.262   1.00 49.22  ? 108 HOH C O   1 
HETATM 682 O  O   . HOH E 2 .  ? -4.961  7.974   7.295   1.00 33.57  ? 109 HOH C O   1 
HETATM 683 O  O   . HOH E 2 .  ? 6.286   -10.932 17.394  1.00 43.19  ? 110 HOH C O   1 
HETATM 684 O  O   . HOH E 2 .  ? 5.371   -0.309  6.055   1.00 40.97  ? 111 HOH C O   1 
HETATM 685 O  O   . HOH E 2 .  ? 7.391   -13.647 15.592  1.00 46.84  ? 112 HOH C O   1 
HETATM 686 O  O   . HOH E 2 .  ? -4.625  -4.093  10.229  1.00 45.87  ? 113 HOH C O   1 
HETATM 687 O  O   . HOH E 2 .  ? -0.382  5.266   13.058  1.00 44.40  ? 114 HOH C O   1 
HETATM 688 O  O   . HOH E 2 .  ? 5.298   2.293   5.012   1.00 51.57  ? 115 HOH C O   1 
HETATM 689 O  O   . HOH F 2 .  ? 5.381   9.548   -9.729  1.00 29.21  ? 101 HOH E O   1 
HETATM 690 O  O   . HOH F 2 .  ? 4.574   -6.172  -3.026  1.00 39.21  ? 102 HOH E O   1 
HETATM 691 O  O   . HOH F 2 .  ? 10.613  -5.499  4.502   1.00 41.14  ? 103 HOH E O   1 
HETATM 692 O  O   . HOH F 2 .  ? 9.008   4.413   -6.621  1.00 47.98  ? 104 HOH E O   1 
HETATM 693 O  O   . HOH F 2 .  ? 1.765   13.587  -1.794  1.00 33.66  ? 105 HOH E O   1 
HETATM 694 O  O   . HOH F 2 .  ? 4.832   -15.864 2.068   1.00 38.73  ? 106 HOH E O   1 
HETATM 695 O  O   . HOH F 2 .  ? 15.087  -11.579 1.549   1.00 56.32  ? 107 HOH E O   1 
HETATM 696 O  O   . HOH F 2 .  ? 11.415  -6.280  -3.026  1.00 41.14  ? 108 HOH E O   1 
HETATM 697 O  O   . HOH F 2 .  ? 11.888  -0.421  -0.510  1.00 46.05  ? 109 HOH E O   1 
HETATM 698 O  O   . HOH F 2 .  ? 11.799  -17.508 4.802   1.00 31.65  ? 110 HOH E O   1 
HETATM 699 O  O   . HOH F 2 .  ? 3.919   -4.518  -5.111  1.00 50.83  ? 111 HOH E O   1 
HETATM 700 O  O   . HOH F 2 .  ? 6.102   3.930   3.270   1.00 54.80  ? 112 HOH E O   1 
# 
loop_
_atom_site_anisotrop.id 
_atom_site_anisotrop.type_symbol 
_atom_site_anisotrop.pdbx_label_atom_id 
_atom_site_anisotrop.pdbx_label_alt_id 
_atom_site_anisotrop.pdbx_label_comp_id 
_atom_site_anisotrop.pdbx_label_asym_id 
_atom_site_anisotrop.pdbx_label_seq_id 
_atom_site_anisotrop.pdbx_PDB_ins_code 
_atom_site_anisotrop.U[1][1] 
_atom_site_anisotrop.U[2][2] 
_atom_site_anisotrop.U[3][3] 
_atom_site_anisotrop.U[1][2] 
_atom_site_anisotrop.U[1][3] 
_atom_site_anisotrop.U[2][3] 
_atom_site_anisotrop.pdbx_auth_seq_id 
_atom_site_anisotrop.pdbx_auth_comp_id 
_atom_site_anisotrop.pdbx_auth_asym_id 
_atom_site_anisotrop.pdbx_auth_atom_id 
1   N  N   . GLY A 2  ? 0.8223 0.8791 0.9857 -0.0996 0.0088  0.3294  1  GLY B N   
2   C  CA  . GLY A 2  ? 0.6970 0.8368 0.8615 -0.0481 0.0492  0.3306  1  GLY B CA  
3   C  C   . GLY A 2  ? 0.4790 0.6273 0.6074 -0.0124 0.0650  0.2768  1  GLY B C   
4   O  O   . GLY A 2  ? 0.4671 0.5936 0.5941 -0.0246 0.0542  0.2481  1  GLY B O   
5   N  N   . GLU A 3  ? 0.6200 0.7892 0.7104 0.0266  0.0830  0.2671  2  GLU B N   
6   C  CA  . GLU A 3  ? 0.6092 0.7687 0.6458 0.0539  0.0856  0.2251  2  GLU B CA  
7   C  C   . GLU A 3  ? 0.5347 0.6456 0.5703 0.0389  0.0651  0.1842  2  GLU B C   
8   O  O   . GLU A 3  ? 0.6028 0.7059 0.6257 0.0394  0.0602  0.1562  2  GLU B O   
9   C  CB  . GLU A 3  ? 0.7355 0.8941 0.7048 0.0886  0.0920  0.2291  2  GLU B CB  
10  C  CG  . GLU A 3  ? 0.8954 1.0366 0.8642 0.0809  0.0765  0.2340  2  GLU B CG  
11  C  CD  . GLU A 3  ? 1.5127 1.6495 1.4090 0.1081  0.0750  0.2470  2  GLU B CD  
12  O  OE1 . GLU A 3  ? 0.9287 1.0491 0.7425 0.1421  0.0856  0.2424  2  GLU B OE1 
13  O  OE2 . GLU A 3  ? 0.9895 1.1285 0.8973 0.1014  0.0636  0.2638  2  GLU B OE2 
14  N  N   . LEU A 4  ? 0.5129 0.5960 0.5605 0.0337  0.0586  0.1887  3  LEU B N   
15  C  CA  . LEU A 4  ? 0.4255 0.4781 0.4749 0.0361  0.0517  0.1675  3  LEU B CA  
16  C  C   . LEU A 4  ? 0.4637 0.4744 0.5148 0.0220  0.0498  0.1486  3  LEU B C   
17  O  O   . LEU A 4  ? 0.4886 0.4969 0.5363 0.0248  0.0473  0.1253  3  LEU B O   
18  C  CB  . LEU A 4  ? 0.4821 0.5168 0.5365 0.0522  0.0574  0.1910  3  LEU B CB  
19  C  CG  . LEU A 4  ? 0.6309 0.7138 0.6904 0.0635  0.0493  0.2132  3  LEU B CG  
20  C  CD1 . LEU A 4  ? 0.6925 0.7990 0.7193 0.0567  0.0370  0.2120  3  LEU B CD1 
21  C  CD2 . LEU A 4  ? 0.5988 0.6728 0.6691 0.0834  0.0617  0.2482  3  LEU B CD2 
22  N  N   . AIB A 5  ? 0.5429 0.5149 0.5944 0.0011  0.0435  0.1646  4  AIB B N   
23  C  CA  . AIB A 5  ? 0.6278 0.5375 0.6619 -0.0233 0.0262  0.1526  4  AIB B CA  
24  C  C   . AIB A 5  ? 0.4966 0.4596 0.5527 -0.0322 0.0249  0.1372  4  AIB B C   
25  O  O   . AIB A 5  ? 0.5491 0.4776 0.5846 -0.0306 0.0202  0.1097  4  AIB B O   
26  C  CB1 . AIB A 5  ? 0.7261 0.5466 0.7050 0.0044  0.0315  0.1301  4  AIB B CB1 
27  C  CB2 . AIB A 5  ? 0.9587 0.8379 1.0003 -0.0639 0.0024  0.1906  4  AIB B CB2 
28  N  N   . AIB A 6  ? 0.5129 0.5573 0.6002 -0.0293 0.0355  0.1577  5  AIB B N   
29  C  CA  . AIB A 6  ? 0.4310 0.5245 0.5323 -0.0263 0.0410  0.1541  5  AIB B CA  
30  C  C   . AIB A 6  ? 0.3891 0.4629 0.4632 -0.0102 0.0418  0.1094  5  AIB B C   
31  O  O   . AIB A 6  ? 0.4656 0.5552 0.5460 -0.0127 0.0412  0.1014  5  AIB B O   
32  C  CB1 . AIB A 6  ? 0.5175 0.6070 0.6496 -0.0686 0.0172  0.1788  5  AIB B CB1 
33  C  CB2 . AIB A 6  ? 0.6067 0.7683 0.7077 0.0053  0.0665  0.1819  5  AIB B CB2 
34  N  N   . ILE A 7  ? 0.4450 0.4964 0.4977 0.0046  0.0413  0.0917  6  ILE B N   
35  C  CA  . ILE A 7  ? 0.4057 0.4516 0.4461 0.0116  0.0350  0.0667  6  ILE B CA  
36  C  C   . ILE A 7  ? 0.4921 0.5095 0.5379 0.0030  0.0328  0.0511  6  ILE B C   
37  O  O   . ILE A 7  ? 0.4263 0.4518 0.4710 0.0025  0.0293  0.0348  6  ILE B O   
38  C  CB  . ILE A 7  ? 0.4101 0.4601 0.4487 0.0200  0.0278  0.0759  6  ILE B CB  
39  C  CG1 . ILE A 7  ? 0.4810 0.5417 0.4911 0.0248  0.0194  0.0882  6  ILE B CG1 
40  C  CG2 . ILE A 7  ? 0.4527 0.5112 0.4996 0.0174  0.0154  0.0699  6  ILE B CG2 
41  C  CD1 . ILE A 7  ? 0.8042 0.8485 0.7582 0.0336  0.0147  0.0734  6  ILE B CD1 
42  N  N   . LYS A 8  ? 0.5003 0.4666 0.5334 -0.0010 0.0320  0.0557  7  LYS B N   
43  C  CA  . LYS A 8  ? 0.4587 0.3653 0.4600 -0.0033 0.0261  0.0387  7  LYS B CA  
44  C  C   . LYS A 8  ? 0.4197 0.3445 0.4355 -0.0326 0.0100  0.0348  7  LYS B C   
45  O  O   . LYS A 8  ? 0.5656 0.4767 0.5674 -0.0304 0.0074  0.0167  7  LYS B O   
46  C  CB  . LYS A 8  ? 0.5881 0.3914 0.5298 0.0014  0.0209  0.0434  7  LYS B CB  
47  C  CG  . LYS A 8  ? 0.6671 0.4549 0.5920 0.0463  0.0464  0.0560  7  LYS B CG  
48  C  CD  . LYS A 8  ? 0.7867 0.4397 0.6221 0.0636  0.0444  0.0595  7  LYS B CD  
49  C  CE  . LYS A 8  ? 0.9360 0.4860 0.6752 0.1129  0.0615  0.0459  7  LYS B CE  
50  N  NZ  . LYS A 8  ? 1.1423 0.5374 0.7639 0.1530  0.0687  0.0518  7  LYS B NZ  
51  N  N   . GLN A 9  ? 0.4824 0.4499 0.5317 -0.0557 0.0020  0.0619  8  GLN B N   
52  C  CA  . GLN A 9  ? 0.4456 0.4591 0.5272 -0.0788 -0.0098 0.0792  8  GLN B CA  
53  C  C   . GLN A 9  ? 0.4171 0.4865 0.5097 -0.0487 0.0125  0.0646  8  GLN B C   
54  O  O   . GLN A 9  ? 0.3716 0.4562 0.4735 -0.0553 0.0066  0.0621  8  GLN B O   
55  C  CB  . GLN A 9  ? 0.5982 0.6664 0.7284 -0.1062 -0.0200 0.1359  8  GLN B CB  
56  C  CG  . GLN A 9  ? 0.9065 0.8920 1.0134 -0.1549 -0.0625 0.1556  8  GLN B CG  
57  C  CD  . GLN A 9  ? 1.9099 1.7780 1.9436 -0.1769 -0.0975 0.1239  8  GLN B CD  
58  O  OE1 . GLN A 9  ? 0.9662 0.8538 1.0074 -0.1885 -0.1090 0.1195  8  GLN B OE1 
59  N  NE2 . GLN A 9  ? 1.3566 1.0894 1.3028 -0.1754 -0.1126 0.1037  8  GLN B NE2 
60  N  N   . GLU A 10 ? 0.3905 0.4743 0.4685 -0.0186 0.0309  0.0572  9  GLU B N   
61  C  CA  . GLU A 10 ? 0.4078 0.4962 0.4575 0.0086  0.0400  0.0383  9  GLU B CA  
62  C  C   . GLU A 10 ? 0.3124 0.3706 0.3558 0.0006  0.0279  0.0097  9  GLU B C   
63  O  O   . GLU A 10 ? 0.3540 0.4153 0.3900 0.0069  0.0281  0.0004  9  GLU B O   
64  C  CB  . GLU A 10 ? 0.5023 0.5713 0.5098 0.0282  0.0415  0.0339  9  GLU B CB  
65  C  CG  . GLU A 10 ? 0.5577 0.6542 0.5565 0.0481  0.0599  0.0641  9  GLU B CG  
66  C  CD  . GLU A 10 ? 0.7729 0.8793 0.7235 0.0941  0.0849  0.0779  9  GLU B CD  
67  O  OE1 . GLU A 10 ? 0.7289 0.8170 0.6560 0.1067  0.0858  0.0625  9  GLU B OE1 
68  O  OE2 . GLU A 10 ? 0.8322 0.9621 0.7619 0.1255  0.1082  0.1089  9  GLU B OE2 
69  N  N   . LEU A 11 ? 0.3460 0.3792 0.3908 -0.0051 0.0227  0.0041  10 LEU B N   
70  C  CA  . LEU A 11 ? 0.3376 0.3586 0.3816 -0.0019 0.0199  -0.0071 10 LEU B CA  
71  C  C   . LEU A 11 ? 0.3644 0.3679 0.4024 -0.0102 0.0176  -0.0172 10 LEU B C   
72  O  O   . LEU A 11 ? 0.3557 0.3672 0.3956 -0.0076 0.0163  -0.0258 10 LEU B O   
73  C  CB  . LEU A 11 ? 0.3621 0.3732 0.4075 0.0125  0.0279  0.0064  10 LEU B CB  
74  C  CG  . LEU A 11 ? 0.4281 0.4728 0.4913 0.0137  0.0200  0.0269  10 LEU B CG  
75  C  CD1 . LEU A 11 ? 0.5329 0.5838 0.6078 0.0364  0.0358  0.0545  10 LEU B CD1 
76  C  CD2 . LEU A 11 ? 0.4329 0.5006 0.5088 0.0017  -0.0002 0.0337  10 LEU B CD2 
77  N  N   . AIB A 12 ? 0.3996 0.3712 0.4246 -0.0263 0.0090  -0.0112 11 AIB B N   
78  C  CA  . AIB A 12 ? 0.5070 0.4461 0.5119 -0.0462 -0.0090 -0.0150 11 AIB B CA  
79  C  C   . AIB A 12 ? 0.3709 0.3738 0.4140 -0.0519 -0.0094 -0.0091 11 AIB B C   
80  O  O   . AIB A 12 ? 0.3788 0.3747 0.4119 -0.0512 -0.0134 -0.0207 11 AIB B O   
81  C  CB1 . AIB A 12 ? 0.5324 0.4101 0.4836 -0.0220 -0.0015 -0.0333 11 AIB B CB1 
82  C  CB2 . AIB A 12 ? 0.5828 0.4827 0.5746 -0.0814 -0.0365 0.0058  11 AIB B CB2 
83  N  N   . AIB A 13 ? 0.3651 0.4276 0.4437 -0.0479 0.0002  0.0138  12 AIB B N   
84  C  CA  . AIB A 13 ? 0.3177 0.4376 0.4209 -0.0349 0.0105  0.0301  12 AIB B CA  
85  C  C   . AIB A 13 ? 0.3389 0.4377 0.4152 -0.0120 0.0186  0.0000  12 AIB B C   
86  O  O   . AIB A 13 ? 0.3144 0.4273 0.3975 -0.0104 0.0172  0.0009  12 AIB B O   
87  C  CB1 . AIB A 13 ? 0.4789 0.6251 0.6124 -0.0687 -0.0133 0.0586  12 AIB B CB1 
88  C  CB2 . AIB A 13 ? 0.3641 0.5316 0.4789 -0.0089 0.0335  0.0600  12 AIB B CB2 
89  N  N   . ILE A 14 ? 0.2975 0.3638 0.3467 -0.0006 0.0203  -0.0186 13 ILE B N   
90  C  CA  . ILE A 14 ? 0.3354 0.3757 0.3599 0.0080  0.0141  -0.0348 13 ILE B CA  
91  C  C   . ILE A 14 ? 0.3090 0.3487 0.3499 -0.0037 0.0080  -0.0417 13 ILE B C   
92  O  O   . ILE A 14 ? 0.3210 0.3573 0.3562 -0.0001 0.0045  -0.0458 13 ILE B O   
93  C  CB  . ILE A 14 ? 0.3297 0.3425 0.3298 0.0069  0.0017  -0.0363 13 ILE B CB  
94  C  CG1 . ILE A 14 ? 0.3720 0.3604 0.3197 0.0297  0.0071  -0.0338 13 ILE B CG1 
95  C  CG2 . ILE A 14 ? 0.3776 0.3696 0.3710 -0.0063 -0.0221 -0.0363 13 ILE B CG2 
96  C  CD1 . ILE A 14 ? 0.3782 0.3418 0.3001 0.0223  -0.0099 -0.0305 13 ILE B CD1 
97  N  N   . LYS A 15 ? 0.3212 0.3521 0.3666 -0.0092 0.0096  -0.0410 14 LYS B N   
98  C  CA  . LYS A 15 ? 0.3354 0.3548 0.3728 -0.0037 0.0123  -0.0435 14 LYS B CA  
99  C  C   . LYS A 15 ? 0.3221 0.3402 0.3530 -0.0137 0.0044  -0.0496 14 LYS B C   
100 O  O   . LYS A 15 ? 0.3459 0.3685 0.3754 -0.0076 0.0057  -0.0512 14 LYS B O   
101 C  CB  . LYS A 15 ? 0.4069 0.3899 0.4149 0.0119  0.0230  -0.0396 14 LYS B CB  
102 C  CG  . LYS A 15 ? 0.3940 0.4045 0.4262 0.0274  0.0339  -0.0180 14 LYS B CG  
103 C  CD  . LYS A 15 ? 0.5201 0.4950 0.5162 0.0619  0.0560  -0.0056 14 LYS B CD  
104 C  CE  . LYS A 15 ? 0.5532 0.5136 0.5154 0.1012  0.0795  0.0066  14 LYS B CE  
105 N  NZ  . LYS A 15 ? 0.6152 0.5355 0.5251 0.1586  0.1138  0.0289  14 LYS B NZ  
106 N  N   . LYS A 16 ? 0.3375 0.3598 0.3724 -0.0316 -0.0065 -0.0422 15 LYS B N   
107 C  CA  . LYS A 16 ? 0.3880 0.4274 0.4310 -0.0492 -0.0223 -0.0311 15 LYS B CA  
108 C  C   . LYS A 16 ? 0.4197 0.5049 0.4892 -0.0301 -0.0086 -0.0264 15 LYS B C   
109 O  O   . LYS A 16 ? 0.3004 0.3909 0.3688 -0.0312 -0.0138 -0.0268 15 LYS B O   
110 C  CB  . LYS A 16 ? 0.4024 0.4620 0.4671 -0.0799 -0.0431 -0.0008 15 LYS B CB  
111 C  CG  . LYS A 16 ? 0.7008 0.8037 0.7942 -0.1069 -0.0678 0.0319  15 LYS B CG  
112 C  CD  . LYS A 16 ? 1.1392 1.2891 1.2786 -0.1475 -0.0961 0.0866  15 LYS B CD  
113 C  CE  . LYS A 16 ? 1.1099 1.3672 1.3200 -0.1160 -0.0595 0.1293  15 LYS B CE  
114 N  NZ  . LYS A 16 ? 1.2284 1.5506 1.4989 -0.1554 -0.0841 0.1989  15 LYS B NZ  
115 N  N   . GLU A 17 ? 0.3396 0.4383 0.4127 -0.0083 0.0073  -0.0231 16 GLU B N   
116 C  CA  . GLU A 17 ? 0.2912 0.3926 0.3513 0.0200  0.0192  -0.0206 16 GLU B CA  
117 C  C   . GLU A 17 ? 0.3143 0.3733 0.3521 0.0180  0.0095  -0.0409 16 GLU B C   
118 O  O   . GLU A 17 ? 0.3142 0.3701 0.3450 0.0291  0.0108  -0.0383 16 GLU B O   
119 C  CB  . GLU A 17 ? 0.4073 0.5037 0.4392 0.0542  0.0384  -0.0093 16 GLU B CB  
120 C  CG  . GLU A 17 ? 0.7286 0.9043 0.8054 0.0649  0.0556  0.0368  16 GLU B CG  
121 C  CD  . GLU A 17 ? 0.3763 0.6133 0.4901 0.0759  0.0629  0.0718  16 GLU B CD  
122 O  OE1 . GLU A 17 ? 0.5471 0.7445 0.6224 0.1017  0.0696  0.0549  16 GLU B OE1 
123 O  OE2 . GLU A 17 ? 0.7948 1.1162 0.9760 0.0534  0.0555  0.1213  16 GLU B OE2 
124 N  N   . LEU A 18 ? 0.3040 0.3440 0.3411 0.0043  0.0002  -0.0489 17 LEU B N   
125 C  CA  . LEU A 18 ? 0.3191 0.3465 0.3584 -0.0036 -0.0122 -0.0451 17 LEU B CA  
126 C  C   . LEU A 18 ? 0.3203 0.3702 0.3752 -0.0031 -0.0060 -0.0423 17 LEU B C   
127 O  O   . LEU A 18 ? 0.2854 0.3318 0.3415 -0.0035 -0.0125 -0.0360 17 LEU B O   
128 C  CB  . LEU A 18 ? 0.3548 0.3920 0.4125 -0.0141 -0.0186 -0.0310 17 LEU B CB  
129 C  CG  . LEU A 18 ? 0.3547 0.3613 0.3906 -0.0248 -0.0401 -0.0268 17 LEU B CG  
130 C  CD1 . LEU A 18 ? 0.4507 0.4941 0.5231 -0.0321 -0.0407 -0.0020 17 LEU B CD1 
131 C  CD2 . LEU A 18 ? 0.3980 0.3551 0.4028 -0.0420 -0.0747 -0.0187 17 LEU B CD2 
132 N  N   . AIB A 19 ? 0.3076 0.3626 0.3580 -0.0034 0.0011  -0.0465 18 AIB B N   
133 C  CA  . AIB A 19 ? 0.3090 0.3601 0.3428 -0.0007 0.0017  -0.0466 18 AIB B CA  
134 C  C   . AIB A 19 ? 0.2944 0.3657 0.3409 -0.0050 -0.0053 -0.0430 18 AIB B C   
135 O  O   . AIB A 19 ? 0.3086 0.3861 0.3557 0.0004  -0.0046 -0.0379 18 AIB B O   
136 C  CB1 . AIB A 19 ? 0.3435 0.4039 0.3810 0.0158  0.0142  -0.0309 18 AIB B CB1 
137 C  CB2 . AIB A 19 ? 0.3552 0.3667 0.3460 -0.0078 -0.0064 -0.0547 18 AIB B CB2 
138 N  N   . AIB A 20 ? 0.2990 0.3910 0.3598 -0.0100 -0.0086 -0.0357 19 AIB B N   
139 C  CA  . AIB A 20 ? 0.2647 0.3940 0.3454 -0.0032 -0.0078 -0.0166 19 AIB B CA  
140 C  C   . AIB A 20 ? 0.2992 0.4087 0.3681 0.0197  0.0016  -0.0206 19 AIB B C   
141 O  O   . AIB A 20 ? 0.2719 0.3946 0.3459 0.0252  0.0007  -0.0113 19 AIB B O   
142 C  CB1 . AIB A 20 ? 0.2441 0.3843 0.3221 -0.0257 -0.0289 -0.0068 19 AIB B CB1 
143 C  CB2 . AIB A 20 ? 0.3124 0.4819 0.4172 0.0063  0.0015  0.0081  19 AIB B CB2 
144 N  N   . ILE A 21 ? 0.2925 0.3586 0.3353 0.0304  0.0037  -0.0310 20 ILE B N   
145 C  CA  . ILE A 21 ? 0.3429 0.3518 0.3462 0.0447  -0.0023 -0.0329 20 ILE B CA  
146 C  C   . ILE A 21 ? 0.3207 0.3290 0.3418 0.0231  -0.0176 -0.0280 20 ILE B C   
147 O  O   . ILE A 21 ? 0.3364 0.3233 0.3438 0.0312  -0.0217 -0.0206 20 ILE B O   
148 C  CB  . ILE A 21 ? 0.3717 0.3082 0.3194 0.0490  -0.0137 -0.0434 20 ILE B CB  
149 C  CG1 . ILE A 21 ? 0.4038 0.3349 0.3160 0.0900  0.0117  -0.0399 20 ILE B CG1 
150 C  CG2 . ILE A 21 ? 0.4521 0.2959 0.3403 0.0435  -0.0425 -0.0440 20 ILE B CG2 
151 C  CD1 . ILE A 21 ? 0.5036 0.3739 0.3592 0.0932  0.0026  -0.0515 20 ILE B CD1 
152 N  N   . LYS A 22 ? 0.3119 0.3465 0.3614 0.0037  -0.0212 -0.0236 21 LYS B N   
153 C  CA  . LYS A 22 ? 0.3469 0.4027 0.4222 -0.0070 -0.0269 -0.0009 21 LYS B CA  
154 C  C   . LYS A 22 ? 0.2636 0.3445 0.3410 0.0047  -0.0153 0.0002  21 LYS B C   
155 O  O   . LYS A 22 ? 0.2921 0.3773 0.3793 0.0029  -0.0205 0.0188  21 LYS B O   
156 C  CB  . LYS A 22 ? 0.2853 0.3789 0.3868 -0.0081 -0.0172 0.0159  21 LYS B CB  
157 C  CG  . LYS A 22 ? 0.3641 0.4581 0.4853 -0.0272 -0.0357 0.0375  21 LYS B CG  
158 C  CD  . LYS A 22 ? 0.3208 0.4742 0.4770 -0.0118 -0.0132 0.0701  21 LYS B CD  
159 C  CE  . LYS A 22 ? 0.3013 0.5199 0.5069 -0.0072 -0.0064 0.1289  21 LYS B CE  
160 N  NZ  . LYS A 22 ? 0.3398 0.6252 0.5771 0.0253  0.0258  0.1764  21 LYS B NZ  
161 C  CD1 . 4BF A 23 ? 0.3637 0.5194 0.4104 -0.0181 -0.0469 0.0106  22 4BF B CD1 
162 C  CE1 . 4BF A 23 ? 0.3774 0.5460 0.4106 -0.0340 -0.0714 0.0278  22 4BF B CE1 
163 C  CZ  . 4BF A 23 ? 0.4075 0.5218 0.3699 -0.0320 -0.0796 0.0133  22 4BF B CZ  
164 BR BR  . 4BF A 23 ? 0.5772 0.6891 0.4964 -0.0580 -0.1243 0.0363  22 4BF B BR  
165 C  CE2 . 4BF A 23 ? 0.3827 0.4489 0.3004 -0.0066 -0.0558 -0.0077 22 4BF B CE2 
166 C  CD2 . 4BF A 23 ? 0.3291 0.4040 0.2835 0.0032  -0.0336 -0.0153 22 4BF B CD2 
167 C  CG  . 4BF A 23 ? 0.3003 0.4111 0.3128 -0.0065 -0.0334 -0.0110 22 4BF B CG  
168 C  CB  . 4BF A 23 ? 0.2935 0.3987 0.3273 0.0021  -0.0169 -0.0195 22 4BF B CB  
169 C  CA  . 4BF A 23 ? 0.2823 0.3929 0.3396 0.0136  -0.0073 -0.0103 22 4BF B CA  
170 N  N   . 4BF A 23 ? 0.2590 0.3531 0.3250 0.0106  -0.0066 -0.0143 22 4BF B N   
171 C  C   . 4BF A 23 ? 0.2580 0.3774 0.3277 0.0215  -0.0093 0.0001  22 4BF B C   
172 O  O   . 4BF A 23 ? 0.2832 0.4140 0.3545 0.0253  -0.0103 0.0118  22 4BF B O   
173 N  N   . GLU A 24 ? 0.2841 0.3953 0.3529 0.0338  -0.0047 -0.0001 23 GLU B N   
174 C  CA  . GLU A 24 ? 0.3129 0.4209 0.3743 0.0622  0.0043  0.0156  23 GLU B CA  
175 C  C   . GLU A 24 ? 0.3865 0.4299 0.4177 0.0665  -0.0042 0.0146  23 GLU B C   
176 O  O   . GLU A 24 ? 0.4427 0.4885 0.4723 0.0819  -0.0011 0.0301  23 GLU B O   
177 C  CB  . GLU A 24 ? 0.4502 0.5466 0.4920 0.0936  0.0215  0.0209  23 GLU B CB  
178 C  CG  . GLU A 24 ? 0.9231 1.1043 1.0124 0.0906  0.0286  0.0469  23 GLU B CG  
179 C  CD  . GLU A 24 ? 2.0946 2.2815 2.1687 0.1350  0.0567  0.0667  23 GLU B CD  
180 O  OE1 . GLU A 24 ? 1.1959 1.3761 1.2429 0.1910  0.0838  0.0917  23 GLU B OE1 
181 O  OE2 . GLU A 24 ? 0.6776 0.8695 0.7563 0.1230  0.0562  0.0606  23 GLU B OE2 
182 N  N   . LEU A 25 ? 0.3898 0.3795 0.4012 0.0474  -0.0217 0.0056  24 LEU B N   
183 C  CA  . LEU A 25 ? 0.4685 0.3899 0.4536 0.0326  -0.0482 0.0178  24 LEU B CA  
184 C  C   . LEU A 25 ? 0.4189 0.3993 0.4546 0.0166  -0.0490 0.0416  24 LEU B C   
185 O  O   . LEU A 25 ? 0.5235 0.4751 0.5472 0.0200  -0.0576 0.0574  24 LEU B O   
186 C  CB  . LEU A 25 ? 0.4693 0.3422 0.4388 0.0003  -0.0789 0.0187  24 LEU B CB  
187 C  CG  . LEU A 25 ? 0.6938 0.4447 0.5642 0.0161  -0.0951 -0.0005 24 LEU B CG  
188 C  CD1 . LEU A 25 ? 0.6925 0.4042 0.5509 -0.0260 -0.1351 0.0050  24 LEU B CD1 
189 C  CD2 . LEU A 25 ? 0.7346 0.3645 0.5167 0.0337  -0.1135 0.0025  24 LEU B CD2 
190 N  N   . AIB A 26 ? 0.3128 0.3649 0.3912 0.0072  -0.0371 0.0464  25 AIB B N   
191 C  CA  . AIB A 26 ? 0.3342 0.4411 0.4421 0.0078  -0.0277 0.0723  25 AIB B CA  
192 C  C   . AIB A 26 ? 0.4023 0.5184 0.4989 0.0246  -0.0205 0.0704  25 AIB B C   
193 O  O   . AIB A 26 ? 0.3842 0.5060 0.4915 0.0239  -0.0245 0.0960  25 AIB B O   
194 C  CB1 . AIB A 26 ? 0.3734 0.4790 0.5129 -0.0181 -0.0501 0.1171  25 AIB B CB1 
195 C  CB2 . AIB A 26 ? 0.3329 0.4806 0.4393 0.0197  -0.0061 0.0654  25 AIB B CB2 
196 N  N   . AIB A 27 ? 0.3625 0.4896 0.4455 0.0359  -0.0133 0.0499  26 AIB B N   
197 C  CA  . AIB A 27 ? 0.4746 0.6320 0.5582 0.0469  -0.0116 0.0593  26 AIB B CA  
198 C  C   . AIB A 27 ? 0.5949 0.7259 0.6758 0.0650  -0.0108 0.0761  26 AIB B C   
199 O  O   . AIB A 27 ? 0.5783 0.7356 0.6670 0.0718  -0.0101 0.0950  26 AIB B O   
200 C  CB1 . AIB A 27 ? 0.7420 0.9248 0.8129 0.0436  -0.0115 0.0671  26 AIB B CB1 
201 C  CB2 . AIB A 27 ? 0.4481 0.6318 0.5369 0.0473  -0.0125 0.0545  26 AIB B CB2 
202 N  N   . ILE A 28 ? 0.5986 0.6601 0.6496 0.0765  -0.0128 0.0686  27 ILE B N   
203 C  CA  . ILE A 28 ? 0.7105 0.7003 0.7192 0.1032  -0.0139 0.0805  27 ILE B CA  
204 C  C   . ILE A 28 ? 0.7637 0.7255 0.7775 0.0779  -0.0358 0.1001  27 ILE B C   
205 O  O   . ILE A 28 ? 1.4825 1.4311 1.4861 0.0971  -0.0326 0.1188  27 ILE B O   
206 C  CB  . ILE A 28 ? 0.8440 0.7223 0.7757 0.1240  -0.0180 0.0634  27 ILE B CB  
207 C  CG1 . ILE A 28 ? 0.8776 0.7921 0.8032 0.1684  0.0150  0.0626  27 ILE B CG1 
208 C  CG2 . ILE A 28 ? 1.6566 1.3981 1.5003 0.1444  -0.0344 0.0705  27 ILE B CG2 
209 C  CD1 . ILE A 28 ? 0.9046 0.7089 0.7396 0.1954  0.0161  0.0436  27 ILE B CD1 
210 N  N   . LYS A 29 ? 0.7334 0.6974 0.7706 0.0380  -0.0563 0.1073  28 LYS B N   
211 C  CA  . LYS A 29 ? 0.9317 0.8544 0.9751 0.0038  -0.0900 0.1435  28 LYS B CA  
212 C  C   . LYS A 29 ? 0.8538 0.8419 0.9378 0.0085  -0.0786 0.1762  28 LYS B C   
213 O  O   . LYS A 29 ? 0.7094 0.7847 0.8204 0.0280  -0.0495 0.1735  28 LYS B O   
214 C  CB  . LYS A 29 ? 0.8747 0.8316 0.9627 -0.0379 -0.1097 0.1656  28 LYS B CB  
215 C  CG  . LYS A 29 ? 0.8252 0.7192 0.9149 -0.0906 -0.1658 0.2133  28 LYS B CG  
216 C  CD  . LYS A 29 ? 1.0073 0.9971 1.1828 -0.1291 -0.1781 0.2673  28 LYS B CD  
217 C  C   . ACE B 1  ? 1.4565 1.1946 1.1886 0.1601  -0.2832 0.0562  0  ACE C C   
218 O  O   . ACE B 1  ? 1.2197 0.9336 0.8991 0.1726  -0.3059 0.0402  0  ACE C O   
219 C  CH3 . ACE B 1  ? 1.8811 1.5933 1.5655 0.1798  -0.2662 0.0861  0  ACE C CH3 
220 N  N   . GLY B 2  ? 0.9218 0.7058 0.7507 0.1335  -0.2724 0.0503  1  GLY C N   
221 C  CA  . GLY B 2  ? 0.7672 0.5706 0.6462 0.1274  -0.2466 0.0629  1  GLY C CA  
222 C  C   . GLY B 2  ? 0.6999 0.5377 0.6326 0.1067  -0.2134 0.0563  1  GLY C C   
223 O  O   . GLY B 2  ? 0.6345 0.4873 0.5728 0.0925  -0.2052 0.0461  1  GLY C O   
224 N  N   . GLU B 3  ? 0.6476 0.4908 0.6120 0.1101  -0.1989 0.0601  2  GLU C N   
225 C  CA  . GLU B 3  ? 0.5400 0.4101 0.5448 0.1038  -0.1740 0.0504  2  GLU C CA  
226 C  C   . GLU B 3  ? 0.5030 0.3591 0.4805 0.0854  -0.1510 0.0497  2  GLU C C   
227 O  O   . GLU B 3  ? 0.5146 0.3967 0.5110 0.0760  -0.1370 0.0398  2  GLU C O   
228 C  CB  . GLU B 3  ? 0.5995 0.4593 0.6204 0.1240  -0.1719 0.0489  2  GLU C CB  
229 C  CG  . GLU B 3  ? 0.8706 0.7523 0.9266 0.1480  -0.1900 0.0529  2  GLU C CG  
230 C  CD  . GLU B 3  ? 0.8925 0.8408 1.0156 0.1582  -0.1811 0.0546  2  GLU C CD  
231 O  OE1 . GLU B 3  ? 0.6342 0.6099 0.7721 0.1467  -0.1599 0.0520  2  GLU C OE1 
232 O  OE2 . GLU B 3  ? 0.9812 0.9574 1.1486 0.1796  -0.1939 0.0644  2  GLU C OE2 
233 N  N   . LEU B 4  ? 0.5576 0.3783 0.5004 0.0817  -0.1458 0.0659  3  LEU C N   
234 C  CA  . LEU B 4  ? 0.5492 0.3650 0.4828 0.0650  -0.1233 0.0742  3  LEU C CA  
235 C  C   . LEU B 4  ? 0.6467 0.4803 0.5544 0.0612  -0.1153 0.0684  3  LEU C C   
236 O  O   . LEU B 4  ? 0.5487 0.3983 0.4693 0.0488  -0.0999 0.0606  3  LEU C O   
237 C  CB  . LEU B 4  ? 0.6249 0.4093 0.5454 0.0638  -0.1175 0.1074  3  LEU C CB  
238 C  CG  . LEU B 4  ? 0.6247 0.4139 0.5565 0.0472  -0.0931 0.1288  3  LEU C CG  
239 C  CD1 . LEU B 4  ? 0.7144 0.5088 0.6895 0.0311  -0.0961 0.1079  3  LEU C CD1 
240 C  CD2 . LEU B 4  ? 0.7076 0.4739 0.6507 0.0454  -0.0861 0.1756  3  LEU C CD2 
241 N  N   . AIB B 5  ? 0.5848 0.4076 0.4502 0.0761  -0.1316 0.0701  4  AIB C N   
242 C  CA  . AIB B 5  ? 0.6462 0.4680 0.4730 0.0810  -0.1355 0.0593  4  AIB C CA  
243 C  C   . AIB B 5  ? 0.6194 0.4698 0.4957 0.0640  -0.1405 0.0376  4  AIB C C   
244 O  O   . AIB B 5  ? 0.6042 0.4612 0.4751 0.0559  -0.1240 0.0325  4  AIB C O   
245 C  CB1 . AIB B 5  ? 0.6671 0.4833 0.4563 0.0847  -0.1013 0.0792  4  AIB C CB1 
246 C  CB2 . AIB B 5  ? 0.6996 0.4943 0.4770 0.1049  -0.1724 0.0543  4  AIB C CB2 
247 N  N   . AIB B 6  ? 0.5403 0.4126 0.4718 0.0611  -0.1593 0.0315  5  AIB C N   
248 C  CA  . AIB B 6  ? 0.5429 0.4514 0.5357 0.0485  -0.1613 0.0241  5  AIB C CA  
249 C  C   . AIB B 6  ? 0.4841 0.4088 0.4878 0.0390  -0.1254 0.0232  5  AIB C C   
250 O  O   . AIB B 6  ? 0.4676 0.4053 0.4842 0.0285  -0.1183 0.0189  5  AIB C O   
251 C  CB1 . AIB B 6  ? 0.6034 0.4978 0.5857 0.0442  -0.1911 0.0135  5  AIB C CB1 
252 C  CB2 . AIB B 6  ? 0.5527 0.4926 0.6089 0.0555  -0.1719 0.0314  5  AIB C CB2 
253 N  N   . ILE B 7  ? 0.4596 0.3764 0.4577 0.0444  -0.1097 0.0267  6  ILE C N   
254 C  CA  . ILE B 7  ? 0.4442 0.3669 0.4496 0.0407  -0.0883 0.0216  6  ILE C CA  
255 C  C   . ILE B 7  ? 0.5034 0.4159 0.4839 0.0270  -0.0762 0.0228  6  ILE C C   
256 O  O   . ILE B 7  ? 0.4495 0.3768 0.4406 0.0211  -0.0642 0.0163  6  ILE C O   
257 C  CB  . ILE B 7  ? 0.4924 0.3939 0.4970 0.0535  -0.0901 0.0198  6  ILE C CB  
258 C  CG1 . ILE B 7  ? 0.5221 0.4463 0.5520 0.0775  -0.0919 0.0167  6  ILE C CG1 
259 C  CG2 . ILE B 7  ? 0.5449 0.4312 0.5439 0.0491  -0.0829 0.0117  6  ILE C CG2 
260 C  CD1 . ILE B 7  ? 0.5265 0.4179 0.5449 0.1000  -0.1031 0.0116  6  ILE C CD1 
261 N  N   . LYS B 8  ? 0.4979 0.3895 0.4464 0.0271  -0.0754 0.0352  7  LYS C N   
262 C  CA  . LYS B 8  ? 0.4948 0.3859 0.4236 0.0220  -0.0571 0.0432  7  LYS C CA  
263 C  C   . LYS B 8  ? 0.5675 0.4673 0.4834 0.0222  -0.0597 0.0283  7  LYS C C   
264 O  O   . LYS B 8  ? 0.4920 0.4010 0.4106 0.0164  -0.0441 0.0272  7  LYS C O   
265 C  CB  . LYS B 8  ? 0.6089 0.4833 0.5011 0.0336  -0.0481 0.0689  7  LYS C CB  
266 C  CG  . LYS B 8  ? 0.5818 0.4467 0.5040 0.0266  -0.0432 0.0947  7  LYS C CG  
267 C  CD  . LYS B 8  ? 0.7603 0.6221 0.6568 0.0393  -0.0206 0.1356  7  LYS C CD  
268 C  CE  . LYS B 8  ? 0.9912 0.8409 0.9301 0.0300  -0.0195 0.1725  7  LYS C CE  
269 N  NZ  . LYS B 8  ? 0.9237 0.7832 0.8446 0.0463  0.0136  0.2252  7  LYS C NZ  
270 N  N   . GLN B 9  ? 0.4967 0.3900 0.4051 0.0283  -0.0848 0.0183  8  GLN C N   
271 C  CA  . GLN B 9  ? 0.4762 0.3661 0.3830 0.0261  -0.0999 0.0045  8  GLN C CA  
272 C  C   . GLN B 9  ? 0.4329 0.3551 0.3989 0.0096  -0.0898 0.0034  8  GLN C C   
273 O  O   . GLN B 9  ? 0.4520 0.3735 0.4173 0.0045  -0.0863 -0.0017 8  GLN C O   
274 C  CB  . GLN B 9  ? 0.5603 0.4280 0.4584 0.0344  -0.1433 -0.0046 8  GLN C CB  
275 C  CG  . GLN B 9  ? 0.7488 0.5996 0.6539 0.0301  -0.1726 -0.0193 8  GLN C CG  
276 C  CD  . GLN B 9  ? 1.3645 1.1976 1.2192 0.0391  -0.1533 -0.0266 8  GLN C CD  
277 O  OE1 . GLN B 9  ? 0.7598 0.6012 0.6469 0.0258  -0.1513 -0.0301 8  GLN C OE1 
278 N  NE2 . GLN B 9  ? 1.0936 0.9065 0.8720 0.0653  -0.1349 -0.0233 8  GLN C NE2 
279 N  N   . GLU B 10 ? 0.4262 0.3737 0.4343 0.0084  -0.0839 0.0098  9  GLU C N   
280 C  CA  . GLU B 10 ? 0.4211 0.4020 0.4732 0.0056  -0.0671 0.0151  9  GLU C CA  
281 C  C   . GLU B 10 ? 0.4319 0.4078 0.4590 0.0050  -0.0453 0.0096  9  GLU C C   
282 O  O   . GLU B 10 ? 0.3486 0.3384 0.3885 0.0020  -0.0349 0.0114  9  GLU C O   
283 C  CB  . GLU B 10 ? 0.3761 0.3831 0.4628 0.0192  -0.0625 0.0245  9  GLU C CB  
284 C  CG  . GLU B 10 ? 0.5139 0.5356 0.6462 0.0179  -0.0880 0.0348  9  GLU C CG  
285 C  CD  . GLU B 10 ? 1.6326 1.6808 1.7976 0.0375  -0.0837 0.0460  9  GLU C CD  
286 O  OE1 . GLU B 10 ? 0.7215 0.7846 0.8805 0.0577  -0.0565 0.0480  9  GLU C OE1 
287 O  OE2 . GLU B 10 ? 0.6473 0.6971 0.8379 0.0380  -0.1107 0.0510  9  GLU C OE2 
288 N  N   . LEU B 11 ? 0.3834 0.3393 0.3839 0.0066  -0.0420 0.0073  10 LEU C N   
289 C  CA  . LEU B 11 ? 0.3652 0.3162 0.3586 0.0032  -0.0311 0.0047  10 LEU C CA  
290 C  C   . LEU B 11 ? 0.4541 0.4061 0.4354 -0.0036 -0.0235 0.0059  10 LEU C C   
291 O  O   . LEU B 11 ? 0.3833 0.3435 0.3708 -0.0056 -0.0160 0.0023  10 LEU C O   
292 C  CB  . LEU B 11 ? 0.3883 0.3184 0.3811 0.0019  -0.0367 0.0106  10 LEU C CB  
293 C  CG  . LEU B 11 ? 0.3850 0.3005 0.3830 0.0142  -0.0499 0.0026  10 LEU C CG  
294 C  CD1 . LEU B 11 ? 0.5024 0.3887 0.5100 0.0077  -0.0634 0.0140  10 LEU C CD1 
295 C  CD2 . LEU B 11 ? 0.4316 0.3445 0.4236 0.0279  -0.0521 -0.0131 10 LEU C CD2 
296 N  N   . AIB B 12 ? 0.3944 0.3337 0.3496 0.0001  -0.0270 0.0098  11 AIB C N   
297 C  CA  . AIB B 12 ? 0.4386 0.3707 0.3666 0.0059  -0.0216 0.0080  11 AIB C CA  
298 C  C   . AIB B 12 ? 0.4073 0.3438 0.3533 -0.0006 -0.0299 -0.0027 11 AIB C C   
299 O  O   . AIB B 12 ? 0.3834 0.3231 0.3281 -0.0009 -0.0201 -0.0044 11 AIB C O   
300 C  CB1 . AIB B 12 ? 0.4436 0.3880 0.3797 0.0053  0.0001  0.0214  11 AIB C CB1 
301 C  CB2 . AIB B 12 ? 0.5160 0.4219 0.3945 0.0237  -0.0336 0.0071  11 AIB C CB2 
302 N  N   . AIB B 13 ? 0.3905 0.3283 0.3611 -0.0054 -0.0491 -0.0043 12 AIB C N   
303 C  CA  . AIB B 13 ? 0.3732 0.3178 0.3801 -0.0144 -0.0592 -0.0022 12 AIB C CA  
304 C  C   . AIB B 13 ? 0.3139 0.2843 0.3397 -0.0164 -0.0337 0.0053  12 AIB C C   
305 O  O   . AIB B 13 ? 0.3018 0.2690 0.3325 -0.0196 -0.0321 0.0067  12 AIB C O   
306 C  CB1 . AIB B 13 ? 0.4285 0.3359 0.4029 -0.0093 -0.0795 -0.0148 12 AIB C CB1 
307 C  CB2 . AIB B 13 ? 0.4109 0.3718 0.4702 -0.0207 -0.0777 0.0085  12 AIB C CB2 
308 N  N   . ILE B 14 ? 0.3153 0.3027 0.3436 -0.0097 -0.0189 0.0082  13 ILE C N   
309 C  CA  . ILE B 14 ? 0.3075 0.3100 0.3363 -0.0007 -0.0015 0.0115  13 ILE C CA  
310 C  C   . ILE B 14 ? 0.3095 0.2992 0.3151 -0.0029 0.0014  0.0025  13 ILE C C   
311 O  O   . ILE B 14 ? 0.2845 0.2801 0.2907 0.0002  0.0086  0.0060  13 ILE C O   
312 C  CB  . ILE B 14 ? 0.3165 0.3227 0.3359 0.0167  0.0029  0.0084  13 ILE C CB  
313 C  CG1 . ILE B 14 ? 0.3083 0.3413 0.3595 0.0272  0.0085  0.0243  13 ILE C CG1 
314 C  CG2 . ILE B 14 ? 0.3418 0.3436 0.3351 0.0345  0.0095  0.0018  13 ILE C CG2 
315 C  CD1 . ILE B 14 ? 0.3215 0.3480 0.3561 0.0486  0.0065  0.0169  13 ILE C CD1 
316 N  N   . LYS B 15 ? 0.3185 0.2955 0.3110 -0.0064 -0.0020 -0.0024 14 LYS C N   
317 C  CA  . LYS B 15 ? 0.3101 0.2864 0.2993 -0.0075 0.0026  -0.0026 14 LYS C CA  
318 C  C   . LYS B 15 ? 0.2945 0.2674 0.2738 -0.0060 0.0066  -0.0032 14 LYS C C   
319 O  O   . LYS B 15 ? 0.3218 0.3002 0.3044 -0.0035 0.0112  -0.0032 14 LYS C O   
320 C  CB  . LYS B 15 ? 0.2832 0.2576 0.2790 -0.0104 0.0036  0.0063  14 LYS C CB  
321 C  CG  . LYS B 15 ? 0.3329 0.2994 0.3465 -0.0134 -0.0101 0.0056  14 LYS C CG  
322 C  CD  . LYS B 15 ? 0.3414 0.3080 0.3804 -0.0210 -0.0094 0.0262  14 LYS C CD  
323 C  CE  . LYS B 15 ? 0.5880 0.5334 0.6497 -0.0259 -0.0330 0.0256  14 LYS C CE  
324 N  NZ  . LYS B 15 ? 0.5664 0.5160 0.6720 -0.0376 -0.0313 0.0576  14 LYS C NZ  
325 N  N   . LYS B 16 ? 0.3268 0.2845 0.2932 -0.0049 -0.0017 -0.0058 15 LYS C N   
326 C  CA  . LYS B 16 ? 0.3784 0.3156 0.3295 0.0006  -0.0097 -0.0117 15 LYS C CA  
327 C  C   . LYS B 16 ? 0.3645 0.3091 0.3452 -0.0077 -0.0110 -0.0054 15 LYS C C   
328 O  O   . LYS B 16 ? 0.3440 0.2804 0.3180 -0.0028 -0.0089 -0.0068 15 LYS C O   
329 C  CB  . LYS B 16 ? 0.3791 0.2852 0.3098 0.0052  -0.0345 -0.0202 15 LYS C CB  
330 C  CG  . LYS B 16 ? 0.4360 0.3015 0.3446 0.0148  -0.0581 -0.0326 15 LYS C CG  
331 C  CD  . LYS B 16 ? 0.5648 0.3875 0.4535 0.0208  -0.0990 -0.0461 15 LYS C CD  
332 C  CE  . LYS B 16 ? 0.7810 0.5447 0.6380 0.0362  -0.1353 -0.0652 15 LYS C CE  
333 N  NZ  . LYS B 16 ? 0.9039 0.6130 0.7386 0.0445  -0.1906 -0.0835 15 LYS C NZ  
334 N  N   . GLU B 17 ? 0.3125 0.2753 0.3252 -0.0151 -0.0104 0.0062  16 GLU C N   
335 C  CA  . GLU B 17 ? 0.3215 0.2996 0.3651 -0.0170 -0.0026 0.0251  16 GLU C CA  
336 C  C   . GLU B 17 ? 0.3164 0.3053 0.3365 -0.0043 0.0150  0.0236  16 GLU C C   
337 O  O   . GLU B 17 ? 0.3331 0.3200 0.3558 -0.0012 0.0192  0.0329  16 GLU C O   
338 C  CB  . GLU B 17 ? 0.2984 0.3052 0.3839 -0.0183 0.0034  0.0467  16 GLU C CB  
339 C  CG  . GLU B 17 ? 0.4986 0.4965 0.6229 -0.0330 -0.0236 0.0505  16 GLU C CG  
340 C  CD  . GLU B 17 ? 1.0448 1.0238 1.2150 -0.0484 -0.0489 0.0639  16 GLU C CD  
341 O  OE1 . GLU B 17 ? 0.6920 0.6705 0.8685 -0.0480 -0.0381 0.0766  16 GLU C OE1 
342 O  OE2 . GLU B 17 ? 0.9208 0.8809 1.1234 -0.0602 -0.0853 0.0622  16 GLU C OE2 
343 N  N   . LEU B 18 ? 0.2989 0.2926 0.2986 0.0037  0.0182  0.0126  17 LEU C N   
344 C  CA  . LEU B 18 ? 0.3074 0.3017 0.2863 0.0176  0.0199  0.0070  17 LEU C CA  
345 C  C   . LEU B 18 ? 0.3219 0.3092 0.3003 0.0135  0.0158  0.0019  17 LEU C C   
346 O  O   . LEU B 18 ? 0.3240 0.3109 0.2935 0.0232  0.0160  0.0040  17 LEU C O   
347 C  CB  . LEU B 18 ? 0.3456 0.3335 0.3134 0.0238  0.0090  -0.0062 17 LEU C CB  
348 C  CG  . LEU B 18 ? 0.3997 0.3897 0.3514 0.0432  0.0129  -0.0051 17 LEU C CG  
349 C  CD1 . LEU B 18 ? 0.4351 0.4036 0.3775 0.0472  -0.0087 -0.0224 17 LEU C CD1 
350 C  CD2 . LEU B 18 ? 0.4415 0.4361 0.3616 0.0736  0.0243  0.0026  17 LEU C CD2 
351 N  N   . AIB B 19 ? 0.3493 0.3322 0.3327 0.0058  0.0144  -0.0022 18 AIB C N   
352 C  CA  . AIB B 19 ? 0.3687 0.3508 0.3515 0.0109  0.0172  -0.0027 18 AIB C CA  
353 C  C   . AIB B 19 ? 0.3266 0.2944 0.3020 0.0154  0.0160  -0.0009 18 AIB C C   
354 O  O   . AIB B 19 ? 0.3625 0.3334 0.3385 0.0231  0.0165  0.0007  18 AIB C O   
355 C  CB1 . AIB B 19 ? 0.3945 0.3718 0.3669 0.0146  0.0227  -0.0026 18 AIB C CB1 
356 C  CB2 . AIB B 19 ? 0.3517 0.3490 0.3533 0.0131  0.0119  -0.0018 18 AIB C CB2 
357 N  N   . AIB B 20 ? 0.3355 0.2849 0.3116 0.0092  0.0087  0.0009  19 AIB C N   
358 C  CA  . AIB B 20 ? 0.3889 0.3163 0.3721 0.0087  -0.0004 0.0073  19 AIB C CA  
359 C  C   . AIB B 20 ? 0.3786 0.3223 0.3718 0.0120  0.0105  0.0244  19 AIB C C   
360 O  O   . AIB B 20 ? 0.3569 0.2890 0.3458 0.0192  0.0090  0.0282  19 AIB C O   
361 C  CB1 . AIB B 20 ? 0.4861 0.3872 0.4433 0.0246  -0.0066 -0.0060 19 AIB C CB1 
362 C  CB2 . AIB B 20 ? 0.3851 0.2977 0.3949 -0.0056 -0.0174 0.0151  19 AIB C CB2 
363 N  N   . ILE B 21 ? 0.3243 0.2921 0.3219 0.0136  0.0219  0.0351  20 ILE C N   
364 C  CA  . ILE B 21 ? 0.3431 0.3239 0.3308 0.0293  0.0352  0.0533  20 ILE C CA  
365 C  C   . ILE B 21 ? 0.3477 0.3241 0.3046 0.0447  0.0291  0.0386  20 ILE C C   
366 O  O   . ILE B 21 ? 0.3818 0.3531 0.3273 0.0572  0.0320  0.0510  20 ILE C O   
367 C  CB  . ILE B 21 ? 0.3122 0.3155 0.2937 0.0418  0.0494  0.0638  20 ILE C CB  
368 C  CG1 . ILE B 21 ? 0.3163 0.3357 0.3487 0.0288  0.0576  0.0919  20 ILE C CG1 
369 C  CG2 . ILE B 21 ? 0.3724 0.3812 0.3121 0.0747  0.0619  0.0744  20 ILE C CG2 
370 C  CD1 . ILE B 21 ? 0.3213 0.3652 0.3556 0.0398  0.0696  0.0968  20 ILE C CD1 
371 N  N   . LYS B 22 ? 0.3512 0.3299 0.3034 0.0433  0.0180  0.0174  21 LYS C N   
372 C  CA  . LYS B 22 ? 0.4003 0.3787 0.3453 0.0542  0.0031  0.0067  21 LYS C CA  
373 C  C   . LYS B 22 ? 0.3722 0.3476 0.3297 0.0545  0.0038  0.0100  21 LYS C C   
374 O  O   . LYS B 22 ? 0.4095 0.3829 0.3585 0.0682  -0.0052 0.0111  21 LYS C O   
375 C  CB  . LYS B 22 ? 0.4061 0.3911 0.3713 0.0461  -0.0121 -0.0066 21 LYS C CB  
376 C  CG  . LYS B 22 ? 0.4730 0.4479 0.4178 0.0540  -0.0247 -0.0162 21 LYS C CG  
377 C  CD  . LYS B 22 ? 0.6325 0.6012 0.6038 0.0486  -0.0566 -0.0284 21 LYS C CD  
378 C  CE  . LYS B 22 ? 0.7590 0.7187 0.7343 0.0605  -0.0887 -0.0359 21 LYS C CE  
379 N  NZ  . LYS B 22 ? 0.7899 0.7156 0.6972 0.0940  -0.1113 -0.0525 21 LYS C NZ  
380 C  CD1 . 4BF B 23 ? 0.4133 0.3814 0.3748 0.0916  0.0351  -0.0003 22 4BF C CD1 
381 C  CE1 . 4BF B 23 ? 0.4080 0.4105 0.3848 0.1049  0.0552  0.0114  22 4BF C CE1 
382 C  CZ  . 4BF B 23 ? 0.3578 0.3883 0.3659 0.0859  0.0591  0.0220  22 4BF C CZ  
383 BR BR  . 4BF B 23 ? 0.4193 0.5039 0.4672 0.1021  0.0924  0.0561  22 4BF C BR  
384 C  CE2 . 4BF B 23 ? 0.3695 0.3892 0.3813 0.0593  0.0418  0.0141  22 4BF C CE2 
385 C  CD2 . 4BF B 23 ? 0.4427 0.4349 0.4336 0.0530  0.0279  0.0036  22 4BF C CD2 
386 C  CG  . 4BF B 23 ? 0.3766 0.3449 0.3482 0.0660  0.0250  0.0000  22 4BF C CG  
387 C  CB  . 4BF B 23 ? 0.4143 0.3565 0.3768 0.0575  0.0135  0.0014  22 4BF C CB  
388 C  CA  . 4BF B 23 ? 0.3970 0.3547 0.3665 0.0553  0.0105  0.0095  22 4BF C CA  
389 N  N   . 4BF B 23 ? 0.3812 0.3502 0.3502 0.0455  0.0109  0.0097  22 4BF C N   
390 C  C   . 4BF B 23 ? 0.4585 0.3941 0.4189 0.0596  0.0080  0.0225  22 4BF C C   
391 O  O   . 4BF B 23 ? 0.4603 0.3895 0.4171 0.0732  0.0039  0.0249  22 4BF C O   
392 N  N   . GLU B 24 ? 0.4353 0.3626 0.4019 0.0483  0.0113  0.0369  23 GLU C N   
393 C  CA  . GLU B 24 ? 0.4759 0.3880 0.4520 0.0488  0.0127  0.0634  23 GLU C CA  
394 C  C   . GLU B 24 ? 0.4784 0.4055 0.4289 0.0695  0.0222  0.0771  23 GLU C C   
395 O  O   . GLU B 24 ? 0.5005 0.4132 0.4469 0.0797  0.0213  0.0936  23 GLU C O   
396 C  CB  . GLU B 24 ? 0.4534 0.3687 0.4635 0.0312  0.0165  0.0853  23 GLU C CB  
397 C  CG  . GLU B 24 ? 0.6773 0.5577 0.7130 0.0138  -0.0081 0.0755  23 GLU C CG  
398 C  CD  . GLU B 24 ? 1.1694 1.0572 1.2589 -0.0072 -0.0133 0.1003  23 GLU C CD  
399 O  OE1 . GLU B 24 ? 0.9415 0.8431 1.0759 -0.0128 -0.0030 0.1431  23 GLU C OE1 
400 O  OE2 . GLU B 24 ? 0.8265 0.7115 0.9185 -0.0161 -0.0258 0.0822  23 GLU C OE2 
401 N  N   . LEU B 25 ? 0.4947 0.4423 0.4210 0.0802  0.0262  0.0690  24 LEU C N   
402 C  CA  . LEU B 25 ? 0.5580 0.5078 0.4386 0.1105  0.0251  0.0730  24 LEU C CA  
403 C  C   . LEU B 25 ? 0.5912 0.5326 0.4662 0.1195  0.0030  0.0563  24 LEU C C   
404 O  O   . LEU B 25 ? 0.5558 0.4869 0.4029 0.1418  -0.0002 0.0685  24 LEU C O   
405 C  CB  . LEU B 25 ? 0.5798 0.5384 0.4340 0.1211  0.0212  0.0566  24 LEU C CB  
406 C  CG  . LEU B 25 ? 0.6842 0.6326 0.4704 0.1632  0.0140  0.0547  24 LEU C CG  
407 C  CD1 . LEU B 25 ? 0.7867 0.7364 0.5427 0.1902  0.0408  0.0946  24 LEU C CD1 
408 C  CD2 . LEU B 25 ? 0.7502 0.7000 0.5107 0.1759  0.0152  0.0428  24 LEU C CD2 
409 N  N   . AIB B 26 ? 0.5224 0.4726 0.4282 0.1054  -0.0104 0.0337  25 AIB C N   
410 C  CA  . AIB B 26 ? 0.5807 0.5362 0.5038 0.1133  -0.0287 0.0244  25 AIB C CA  
411 C  C   . AIB B 26 ? 0.5228 0.4614 0.4425 0.1226  -0.0229 0.0383  25 AIB C C   
412 O  O   . AIB B 26 ? 0.5755 0.5086 0.4809 0.1422  -0.0362 0.0424  25 AIB C O   
413 C  CB1 . AIB B 26 ? 0.5732 0.5265 0.4720 0.1326  -0.0577 0.0142  25 AIB C CB1 
414 C  CB2 . AIB B 26 ? 0.5190 0.4963 0.4890 0.0979  -0.0271 0.0145  25 AIB C CB2 
415 N  N   . AIB B 27 ? 0.5200 0.4422 0.4512 0.1099  -0.0096 0.0447  26 AIB C N   
416 C  CA  . AIB B 27 ? 0.5512 0.4435 0.4833 0.1170  -0.0116 0.0553  26 AIB C CA  
417 C  C   . AIB B 27 ? 0.6432 0.5221 0.5544 0.1291  -0.0093 0.0838  26 AIB C C   
418 O  O   . AIB B 27 ? 0.6457 0.5065 0.5511 0.1444  -0.0172 0.0920  26 AIB C O   
419 C  CB1 . AIB B 27 ? 0.5459 0.4450 0.4887 0.1345  -0.0201 0.0414  26 AIB C CB1 
420 C  CB2 . AIB B 27 ? 0.5534 0.4174 0.4989 0.0997  -0.0106 0.0561  26 AIB C CB2 
421 N  N   . ILE B 28 ? 0.5749 0.4648 0.4725 0.1274  0.0051  0.1029  27 ILE C N   
422 C  CA  . ILE B 28 ? 0.5874 0.4721 0.4602 0.1465  0.0184  0.1411  27 ILE C CA  
423 C  C   . ILE B 28 ? 0.7161 0.6005 0.5372 0.1805  0.0043  0.1319  27 ILE C C   
424 O  O   . ILE B 28 ? 0.7471 0.6148 0.5487 0.2001  0.0057  0.1576  27 ILE C O   
425 C  CB  . ILE B 28 ? 0.6362 0.5428 0.5054 0.1463  0.0445  0.1665  27 ILE C CB  
426 C  CG1 . ILE B 28 ? 0.6842 0.5880 0.6206 0.1127  0.0522  0.1893  27 ILE C CG1 
427 C  CG2 . ILE B 28 ? 0.7948 0.7072 0.6138 0.1850  0.0659  0.2061  27 ILE C CG2 
428 C  CD1 . ILE B 28 ? 0.7300 0.6666 0.6826 0.1101  0.0775  0.2144  27 ILE C CD1 
429 N  N   . LYS B 29 ? 0.6554 0.5536 0.4574 0.1881  -0.0141 0.0994  28 LYS C N   
430 C  CA  . LYS B 29 ? 0.7095 0.6001 0.4642 0.2217  -0.0434 0.0856  28 LYS C CA  
431 C  C   . LYS B 29 ? 0.9135 0.7976 0.6934 0.2253  -0.0623 0.0829  28 LYS C C   
432 O  O   . LYS B 29 ? 0.8694 0.7405 0.6088 0.2569  -0.0858 0.0832  28 LYS C O   
433 C  CB  . LYS B 29 ? 0.7665 0.6654 0.5206 0.2207  -0.0736 0.0496  28 LYS C CB  
434 C  CG  . LYS B 29 ? 1.0502 0.9429 0.7509 0.2373  -0.0657 0.0469  28 LYS C CG  
435 C  CD  . LYS B 29 ? 1.4669 1.3409 1.1341 0.2582  -0.1152 0.0112  28 LYS C CD  
436 C  CE  . LYS B 29 ? 1.6692 1.5251 1.2616 0.2897  -0.1097 0.0054  28 LYS C CE  
437 N  NZ  . LYS B 29 ? 2.0603 1.9365 1.6999 0.2562  -0.0894 0.0014  28 LYS C NZ  
438 N  N   . GLN B 30 ? 0.9041 0.7927 0.7401 0.2015  -0.0545 0.0799  29 GLN C N   
439 C  CA  . GLN B 30 ? 0.9275 0.8078 0.7853 0.2120  -0.0661 0.0805  29 GLN C CA  
440 C  C   . GLN B 30 ? 1.1696 1.0145 1.0034 0.2231  -0.0548 0.1136  29 GLN C C   
441 O  O   . GLN B 30 ? 1.0753 0.8975 0.9308 0.2062  -0.0408 0.1282  29 GLN C O   
442 C  CB  . GLN B 30 ? 1.1629 1.0554 1.0721 0.1960  -0.0598 0.0645  29 GLN C CB  
443 C  CG  . GLN B 30 ? 0.9962 0.9322 0.9493 0.1956  -0.0739 0.0463  29 GLN C CG  
444 C  CD  . GLN B 30 ? 1.5395 1.4897 1.5189 0.2191  -0.0947 0.0479  29 GLN C CD  
445 O  OE1 . GLN B 30 ? 1.1193 1.0497 1.0934 0.2360  -0.0898 0.0552  29 GLN C OE1 
446 N  NE2 . GLN B 30 ? 1.2832 1.2652 1.2984 0.2209  -0.1240 0.0413  29 GLN C NE2 
447 C  C   . ACE C 1  ? 0.7043 0.4202 0.4213 0.1797  0.1258  0.0264  0  ACE E C   
448 O  O   . ACE C 1  ? 0.8602 0.4910 0.4902 0.1682  0.1149  0.0181  0  ACE E O   
449 C  CH3 . ACE C 1  ? 0.7453 0.4423 0.4479 0.2030  0.1399  0.0336  0  ACE E CH3 
450 N  N   . GLY C 2  ? 0.5701 0.3871 0.3907 0.1719  0.1191  0.0306  1  GLY E N   
451 C  CA  . GLY C 2  ? 0.5762 0.4123 0.4154 0.1566  0.1164  0.0275  1  GLY E CA  
452 C  C   . GLY C 2  ? 0.5881 0.4403 0.4308 0.1209  0.0736  0.0129  1  GLY E C   
453 O  O   . GLY C 2  ? 0.5405 0.4055 0.3953 0.1093  0.0715  0.0106  1  GLY E O   
454 N  N   . GLU C 3  ? 0.5092 0.3654 0.3540 0.1075  0.0476  0.0102  2  GLU E N   
455 C  CA  . GLU C 3  ? 0.4726 0.3435 0.3390 0.0807  0.0205  0.0108  2  GLU E CA  
456 C  C   . GLU C 3  ? 0.4508 0.3859 0.3709 0.0792  0.0213  0.0089  2  GLU E C   
457 O  O   . GLU C 3  ? 0.4356 0.3770 0.3665 0.0632  0.0132  0.0091  2  GLU E O   
458 C  CB  . GLU C 3  ? 0.5132 0.3757 0.3884 0.0749  0.0076  0.0216  2  GLU E CB  
459 C  CG  . GLU C 3  ? 0.7137 0.4947 0.5318 0.0645  -0.0112 0.0260  2  GLU E CG  
460 C  CD  . GLU C 3  ? 0.6387 0.3677 0.4395 0.0332  -0.0506 0.0343  2  GLU E CD  
461 O  OE1 . GLU C 3  ? 0.6350 0.4137 0.5018 0.0177  -0.0598 0.0456  2  GLU E OE1 
462 O  OE2 . GLU C 3  ? 0.8484 0.4739 0.5603 0.0260  -0.0749 0.0316  2  GLU E OE2 
463 N  N   . LEU C 4  ? 0.3882 0.3563 0.3328 0.0939  0.0233  0.0084  3  LEU E N   
464 C  CA  . LEU C 4  ? 0.3901 0.3875 0.3590 0.0906  0.0109  0.0059  3  LEU E CA  
465 C  C   . LEU C 4  ? 0.3856 0.4049 0.3858 0.0838  0.0140  0.0056  3  LEU E C   
466 O  O   . LEU C 4  ? 0.3613 0.3883 0.3671 0.0714  0.0065  0.0018  3  LEU E O   
467 C  CB  . LEU C 4  ? 0.4190 0.4166 0.3855 0.1044  -0.0060 0.0073  3  LEU E CB  
468 C  CG  . LEU C 4  ? 0.4014 0.3925 0.3615 0.0998  -0.0332 0.0040  3  LEU E CG  
469 C  CD1 . LEU C 4  ? 0.4448 0.4083 0.3641 0.0982  -0.0203 0.0013  3  LEU E CD1 
470 C  CD2 . LEU C 4  ? 0.4701 0.4288 0.4005 0.1117  -0.0663 0.0063  3  LEU E CD2 
471 N  N   . AIB C 5  ? 0.3568 0.3802 0.3769 0.0963  0.0331  0.0148  4  AIB E N   
472 C  CA  . AIB C 5  ? 0.3653 0.4050 0.4231 0.0974  0.0513  0.0251  4  AIB E CA  
473 C  C   . AIB C 5  ? 0.4296 0.4405 0.4435 0.0826  0.0558  0.0141  4  AIB E C   
474 O  O   . AIB C 5  ? 0.3886 0.4235 0.4337 0.0716  0.0505  0.0148  4  AIB E O   
475 C  CB1 . AIB C 5  ? 0.3763 0.4647 0.5099 0.0883  0.0219  0.0352  4  AIB E CB1 
476 C  CB2 . AIB C 5  ? 0.4390 0.4582 0.4978 0.1251  0.0944  0.0437  4  AIB E CB2 
477 N  N   . AIB C 6  ? 0.4215 0.3752 0.3650 0.0796  0.0559  0.0066  5  AIB E N   
478 C  CA  . AIB C 6  ? 0.4606 0.3697 0.3563 0.0636  0.0466  0.0012  5  AIB E CA  
479 C  C   . AIB C 6  ? 0.3894 0.3446 0.3292 0.0441  0.0253  -0.0014 5  AIB E C   
480 O  O   . AIB C 6  ? 0.4083 0.3630 0.3486 0.0353  0.0257  -0.0026 5  AIB E O   
481 C  CB1 . AIB C 6  ? 0.4820 0.3525 0.3447 0.0787  0.0802  0.0065  5  AIB E CB1 
482 C  CB2 . AIB C 6  ? 0.5000 0.3406 0.3322 0.0544  0.0240  0.0003  5  AIB E CB2 
483 N  N   . ILE C 7  ? 0.3515 0.3346 0.3175 0.0430  0.0137  0.0005  6  ILE E N   
484 C  CA  . ILE C 7  ? 0.3784 0.3823 0.3664 0.0356  0.0066  0.0036  6  ILE E CA  
485 C  C   . ILE C 7  ? 0.4483 0.4744 0.4523 0.0354  0.0061  -0.0034 6  ILE E C   
486 O  O   . ILE C 7  ? 0.3397 0.3677 0.3472 0.0263  0.0047  -0.0035 6  ILE E O   
487 C  CB  . ILE C 7  ? 0.3633 0.3670 0.3535 0.0470  0.0097  0.0125  6  ILE E CB  
488 C  CG1 . ILE C 7  ? 0.3714 0.3590 0.3733 0.0397  0.0059  0.0301  6  ILE E CG1 
489 C  CG2 . ILE C 7  ? 0.4078 0.4092 0.3930 0.0551  0.0172  0.0171  6  ILE E CG2 
490 C  CD1 . ILE C 7  ? 0.4362 0.4192 0.4407 0.0561  0.0188  0.0427  6  ILE E CD1 
491 N  N   . LYS C 8  ? 0.3386 0.3800 0.3614 0.0431  0.0014  -0.0043 7  LYS E N   
492 C  CA  . LYS C 8  ? 0.3942 0.4520 0.4480 0.0361  -0.0147 -0.0034 7  LYS E CA  
493 C  C   . LYS C 8  ? 0.3839 0.4545 0.4637 0.0286  0.0034  0.0011  7  LYS E C   
494 O  O   . LYS C 8  ? 0.3569 0.4323 0.4495 0.0170  -0.0074 0.0001  7  LYS E O   
495 C  CB  . LYS C 8  ? 0.3544 0.4270 0.4477 0.0413  -0.0364 0.0064  7  LYS E CB  
496 C  CG  . LYS C 8  ? 0.4171 0.4546 0.4611 0.0500  -0.0617 0.0006  7  LYS E CG  
497 C  CD  . LYS C 8  ? 0.5002 0.5410 0.5841 0.0484  -0.1051 0.0136  7  LYS E CD  
498 C  CE  . LYS C 8  ? 0.7987 0.7737 0.7991 0.0593  -0.1366 0.0058  7  LYS E CE  
499 N  NZ  . LYS C 8  ? 0.6011 0.5692 0.6401 0.0534  -0.1958 0.0220  7  LYS E NZ  
500 N  N   . GLN C 9  ? 0.3642 0.4224 0.4343 0.0384  0.0323  0.0068  8  GLN E N   
501 C  CA  . GLN C 9  ? 0.3437 0.3873 0.4107 0.0402  0.0597  0.0138  8  GLN E CA  
502 C  C   . GLN C 9  ? 0.4095 0.4252 0.4280 0.0247  0.0478  0.0014  8  GLN E C   
503 O  O   . GLN C 9  ? 0.3988 0.4151 0.4256 0.0190  0.0559  0.0040  8  GLN E O   
504 C  CB  . GLN C 9  ? 0.3970 0.3953 0.4252 0.0647  0.1005  0.0248  8  GLN E CB  
505 C  CG  . GLN C 9  ? 0.4919 0.5265 0.5935 0.0857  0.1235  0.0496  8  GLN E CG  
506 C  CD  . GLN C 9  ? 0.6208 0.5960 0.6729 0.1213  0.1785  0.0660  8  GLN E CD  
507 O  OE1 . GLN C 9  ? 0.7286 0.6124 0.6701 0.1338  0.2038  0.0594  8  GLN E OE1 
508 N  NE2 . GLN C 9  ? 0.5227 0.5340 0.6461 0.1412  0.1960  0.0908  8  GLN E NE2 
509 N  N   . GLU C 10 ? 0.3868 0.3806 0.3695 0.0182  0.0293  -0.0047 9  GLU E N   
510 C  CA  . GLU C 10 ? 0.3881 0.3638 0.3537 0.0025  0.0114  -0.0040 9  GLU E CA  
511 C  C   . GLU C 10 ? 0.3736 0.3868 0.3762 -0.0024 0.0082  -0.0046 9  GLU E C   
512 O  O   . GLU C 10 ? 0.3818 0.3889 0.3819 -0.0112 0.0062  -0.0030 9  GLU E O   
513 C  CB  . GLU C 10 ? 0.3720 0.3273 0.3293 -0.0044 -0.0101 0.0043  9  GLU E CB  
514 C  CG  . GLU C 10 ? 0.5560 0.4410 0.4475 -0.0037 -0.0193 0.0035  9  GLU E CG  
515 C  CD  . GLU C 10 ? 0.9365 0.7376 0.7554 -0.0156 -0.0435 0.0053  9  GLU E CD  
516 O  OE1 . GLU C 10 ? 0.7044 0.5109 0.5279 -0.0219 -0.0436 0.0053  9  GLU E OE1 
517 O  OE2 . GLU C 10 ? 0.8936 0.6074 0.6363 -0.0185 -0.0668 0.0066  9  GLU E OE2 
518 N  N   . LEU C 11 ? 0.3605 0.3930 0.3785 0.0051  0.0056  -0.0064 10 LEU E N   
519 C  CA  . LEU C 11 ? 0.4016 0.4320 0.4163 0.0056  0.0007  -0.0080 10 LEU E CA  
520 C  C   . LEU C 11 ? 0.3874 0.4264 0.4203 -0.0048 -0.0050 -0.0122 10 LEU E C   
521 O  O   . LEU C 11 ? 0.4068 0.4356 0.4305 -0.0103 -0.0056 -0.0130 10 LEU E O   
522 C  CB  . LEU C 11 ? 0.4051 0.4155 0.3935 0.0197  -0.0068 -0.0094 10 LEU E CB  
523 C  CG  . LEU C 11 ? 0.3771 0.3734 0.3513 0.0355  0.0109  0.0033  10 LEU E CG  
524 C  CD1 . LEU C 11 ? 0.4869 0.4454 0.4129 0.0543  0.0063  0.0003  10 LEU E CD1 
525 C  CD2 . LEU C 11 ? 0.4944 0.4780 0.4698 0.0435  0.0327  0.0213  10 LEU E CD2 
526 N  N   . AIB C 12 ? 0.3679 0.4270 0.4380 -0.0054 -0.0053 -0.0080 11 AIB E N   
527 C  CA  . AIB C 12 ? 0.3877 0.4641 0.5065 -0.0147 -0.0051 0.0015  11 AIB E CA  
528 C  C   . AIB C 12 ? 0.3635 0.4278 0.4623 -0.0178 0.0184  0.0007  11 AIB E C   
529 O  O   . AIB C 12 ? 0.4322 0.4953 0.5409 -0.0284 0.0127  0.0013  11 AIB E O   
530 C  CB1 . AIB C 12 ? 0.4141 0.4747 0.5333 -0.0270 -0.0450 -0.0010 11 AIB E CB1 
531 C  CB2 . AIB C 12 ? 0.4064 0.5112 0.5886 -0.0059 0.0106  0.0215  11 AIB E CB2 
532 N  N   . AIB C 13 ? 0.3337 0.3733 0.3922 -0.0089 0.0389  0.0000  12 AIB E N   
533 C  CA  . AIB C 13 ? 0.3958 0.3979 0.4108 -0.0100 0.0527  0.0003  12 AIB E CA  
534 C  C   . AIB C 13 ? 0.3801 0.3829 0.3875 -0.0236 0.0320  -0.0052 12 AIB E C   
535 O  O   . AIB C 13 ? 0.4057 0.3965 0.4055 -0.0285 0.0387  -0.0036 12 AIB E O   
536 C  CB1 . AIB C 13 ? 0.4478 0.4519 0.4927 -0.0031 0.0857  0.0152  12 AIB E CB1 
537 C  CB2 . AIB C 13 ? 0.4234 0.3683 0.3681 -0.0024 0.0533  -0.0016 12 AIB E CB2 
538 N  N   . ILE C 14 ? 0.3572 0.3701 0.3683 -0.0247 0.0151  -0.0061 13 ILE E N   
539 C  CA  . ILE C 14 ? 0.3430 0.3543 0.3564 -0.0281 0.0086  0.0001  13 ILE E CA  
540 C  C   . ILE C 14 ? 0.4067 0.4190 0.4221 -0.0302 0.0118  -0.0053 13 ILE E C   
541 O  O   . ILE C 14 ? 0.3359 0.3385 0.3460 -0.0335 0.0143  -0.0004 13 ILE E O   
542 C  CB  . ILE C 14 ? 0.3172 0.3348 0.3432 -0.0185 0.0079  0.0115  13 ILE E CB  
543 C  CG1 . ILE C 14 ? 0.3459 0.3561 0.3827 -0.0254 -0.0073 0.0253  13 ILE E CG1 
544 C  CG2 . ILE C 14 ? 0.3769 0.3884 0.4083 -0.0079 0.0210  0.0256  13 ILE E CG2 
545 C  CD1 . ILE C 14 ? 0.3932 0.4147 0.4568 -0.0158 -0.0036 0.0408  13 ILE E CD1 
546 N  N   . LYS C 15 ? 0.3896 0.4063 0.4144 -0.0315 0.0042  -0.0118 14 LYS E N   
547 C  CA  . LYS C 15 ? 0.4444 0.4447 0.4671 -0.0402 -0.0077 -0.0143 14 LYS E CA  
548 C  C   . LYS C 15 ? 0.4092 0.4193 0.4549 -0.0504 0.0057  -0.0095 14 LYS E C   
549 O  O   . LYS C 15 ? 0.4314 0.4216 0.4610 -0.0555 0.0032  -0.0107 14 LYS E O   
550 C  CB  . LYS C 15 ? 0.6099 0.6055 0.6511 -0.0472 -0.0379 -0.0145 14 LYS E CB  
551 C  CG  . LYS C 15 ? 0.5587 0.5134 0.5434 -0.0340 -0.0548 -0.0212 14 LYS E CG  
552 C  CD  . LYS C 15 ? 0.7356 0.6494 0.7109 -0.0465 -0.1072 -0.0211 14 LYS E CD  
553 C  CE  . LYS C 15 ? 0.7525 0.5975 0.6402 -0.0286 -0.1253 -0.0284 14 LYS E CE  
554 N  NZ  . LYS C 15 ? 0.8812 0.6686 0.7507 -0.0458 -0.1957 -0.0264 14 LYS E NZ  
555 N  N   . LYS C 16 ? 0.3769 0.4021 0.4457 -0.0482 0.0254  -0.0022 15 LYS E N   
556 C  CA  . LYS C 16 ? 0.4544 0.4685 0.5249 -0.0492 0.0502  0.0066  15 LYS E CA  
557 C  C   . LYS C 16 ? 0.4816 0.4629 0.4942 -0.0488 0.0486  0.0006  15 LYS E C   
558 O  O   . LYS C 16 ? 0.4266 0.3924 0.4300 -0.0530 0.0563  0.0035  15 LYS E O   
559 C  CB  . LYS C 16 ? 0.5088 0.5168 0.5873 -0.0337 0.0855  0.0207  15 LYS E CB  
560 C  CG  . LYS C 16 ? 0.7314 0.7824 0.9065 -0.0334 0.0951  0.0441  15 LYS E CG  
561 C  CD  . LYS C 16 ? 0.6086 0.6458 0.7953 -0.0067 0.1521  0.0700  15 LYS E CD  
562 C  CE  . LYS C 16 ? 0.9906 1.0859 1.3075 -0.0043 0.1607  0.1062  15 LYS E CE  
563 N  NZ  . LYS C 16 ? 0.7436 0.8195 1.0797 0.0327  0.2376  0.1439  15 LYS E NZ  
564 N  N   . GLU C 17 ? 0.3899 0.3606 0.3755 -0.0457 0.0346  -0.0015 16 GLU E N   
565 C  CA  . GLU C 17 ? 0.3906 0.3343 0.3483 -0.0500 0.0192  0.0047  16 GLU E CA  
566 C  C   . GLU C 17 ? 0.3764 0.3382 0.3589 -0.0507 0.0176  0.0091  16 GLU E C   
567 O  O   . GLU C 17 ? 0.3605 0.3052 0.3330 -0.0543 0.0148  0.0162  16 GLU E O   
568 C  CB  . GLU C 17 ? 0.4363 0.3677 0.3871 -0.0515 -0.0048 0.0127  16 GLU E CB  
569 C  CG  . GLU C 17 ? 0.5246 0.4097 0.4212 -0.0471 -0.0042 0.0073  16 GLU E CG  
570 C  CD  . GLU C 17 ? 0.9176 0.7154 0.7245 -0.0448 -0.0054 0.0074  16 GLU E CD  
571 O  OE1 . GLU C 17 ? 0.6727 0.4540 0.4691 -0.0518 -0.0162 0.0121  16 GLU E OE1 
572 O  OE2 . GLU C 17 ? 1.1868 0.9199 0.9211 -0.0315 0.0085  0.0041  16 GLU E OE2 
573 N  N   . LEU C 18 ? 0.3388 0.3167 0.3359 -0.0437 0.0209  0.0066  17 LEU E N   
574 C  CA  . LEU C 18 ? 0.3387 0.3013 0.3261 -0.0345 0.0289  0.0122  17 LEU E CA  
575 C  C   . LEU C 18 ? 0.4304 0.3757 0.4033 -0.0448 0.0289  0.0029  17 LEU E C   
576 O  O   . LEU C 18 ? 0.4072 0.3349 0.3681 -0.0411 0.0363  0.0099  17 LEU E O   
577 C  CB  . LEU C 18 ? 0.4140 0.3577 0.3780 -0.0182 0.0340  0.0106  17 LEU E CB  
578 C  CG  . LEU C 18 ? 0.3440 0.3012 0.3305 -0.0018 0.0464  0.0303  17 LEU E CG  
579 C  CD1 . LEU C 18 ? 0.4532 0.3754 0.3944 0.0178  0.0548  0.0258  17 LEU E CD1 
580 C  CD2 . LEU C 18 ? 0.3580 0.3192 0.3803 0.0125  0.0669  0.0644  17 LEU E CD2 
581 N  N   . AIB C 19 ? 0.3998 0.3537 0.3883 -0.0571 0.0223  -0.0057 18 AIB E N   
582 C  CA  . AIB C 19 ? 0.3641 0.3080 0.3638 -0.0702 0.0217  -0.0053 18 AIB E CA  
583 C  C   . AIB C 19 ? 0.3887 0.3253 0.3770 -0.0699 0.0396  0.0005  18 AIB E C   
584 O  O   . AIB C 19 ? 0.4488 0.3644 0.4224 -0.0728 0.0413  0.0017  18 AIB E O   
585 C  CB1 . AIB C 19 ? 0.4565 0.3544 0.4166 -0.0703 0.0044  -0.0107 18 AIB E CB1 
586 C  CB2 . AIB C 19 ? 0.4434 0.4137 0.5003 -0.0807 0.0198  0.0020  18 AIB E CB2 
587 N  N   . AIB C 20 ? 0.4047 0.3410 0.3831 -0.0651 0.0497  0.0042  19 AIB E N   
588 C  CA  . AIB C 20 ? 0.4303 0.3303 0.3681 -0.0630 0.0576  0.0096  19 AIB E CA  
589 C  C   . AIB C 20 ? 0.4263 0.3188 0.3561 -0.0637 0.0421  0.0151  19 AIB E C   
590 O  O   . AIB C 20 ? 0.4469 0.3178 0.3602 -0.0656 0.0480  0.0184  19 AIB E O   
591 C  CB1 . AIB C 20 ? 0.4633 0.3518 0.4097 -0.0645 0.0854  0.0159  19 AIB E CB1 
592 C  CB2 . AIB C 20 ? 0.5025 0.3691 0.3950 -0.0564 0.0514  0.0112  19 AIB E CB2 
593 N  N   . ILE C 21 ? 0.4012 0.3128 0.3522 -0.0587 0.0281  0.0223  20 ILE E N   
594 C  CA  . ILE C 21 ? 0.4046 0.3173 0.3750 -0.0525 0.0219  0.0426  20 ILE E CA  
595 C  C   . ILE C 21 ? 0.4044 0.3061 0.3653 -0.0440 0.0427  0.0407  20 ILE E C   
596 O  O   . ILE C 21 ? 0.4010 0.2896 0.3621 -0.0404 0.0457  0.0543  20 ILE E O   
597 C  CB  . ILE C 21 ? 0.3356 0.2748 0.3511 -0.0439 0.0158  0.0621  20 ILE E CB  
598 C  CG1 . ILE C 21 ? 0.3857 0.3168 0.4047 -0.0572 -0.0192 0.0697  20 ILE E CG1 
599 C  CG2 . ILE C 21 ? 0.3997 0.3479 0.4600 -0.0265 0.0305  0.0958  20 ILE E CG2 
600 C  CD1 . ILE C 21 ? 0.3658 0.3243 0.4324 -0.0535 -0.0260 0.0857  20 ILE E CD1 
601 N  N   . LYS C 22 ? 0.3981 0.2911 0.3414 -0.0405 0.0507  0.0261  21 LYS E N   
602 C  CA  . LYS C 22 ? 0.4341 0.2820 0.3367 -0.0313 0.0615  0.0232  21 LYS E CA  
603 C  C   . LYS C 22 ? 0.5307 0.3631 0.4240 -0.0475 0.0583  0.0163  21 LYS E C   
604 O  O   . LYS C 22 ? 0.4973 0.2928 0.3608 -0.0387 0.0687  0.0217  21 LYS E O   
605 C  CB  . LYS C 22 ? 0.4748 0.2869 0.3367 -0.0289 0.0514  0.0084  21 LYS E CB  
606 C  CG  . LYS C 22 ? 0.6249 0.4216 0.4662 -0.0015 0.0677  0.0186  21 LYS E CG  
607 C  CD  . LYS C 22 ? 0.8298 0.5579 0.5965 0.0001  0.0474  0.0008  21 LYS E CD  
608 C  CE  . LYS C 22 ? 1.3216 0.9916 1.0232 0.0372  0.0728  0.0108  21 LYS E CE  
609 N  NZ  . LYS C 22 ? 1.1319 0.7210 0.7470 0.0321  0.0344  -0.0099 21 LYS E NZ  
610 C  CD1 . 4BF C 23 ? 0.5035 0.3900 0.5257 -0.1071 0.0315  0.0120  22 4BF E CD1 
611 C  CE1 . 4BF C 23 ? 0.4487 0.3351 0.5205 -0.1273 -0.0004 0.0196  22 4BF E CE1 
612 C  CZ  . 4BF C 23 ? 0.4289 0.3002 0.5400 -0.1481 -0.0129 0.0340  22 4BF E CZ  
613 BR BR  . 4BF C 23 ? 0.7381 0.6003 0.9389 -0.1865 -0.0838 0.0565  22 4BF E BR  
614 C  CE2 . 4BF C 23 ? 0.5339 0.3888 0.6250 -0.1456 0.0137  0.0369  22 4BF E CE2 
615 C  CD2 . 4BF C 23 ? 0.4581 0.3106 0.4888 -0.1224 0.0471  0.0264  22 4BF E CD2 
616 C  CG  . 4BF C 23 ? 0.4199 0.2876 0.4212 -0.1053 0.0513  0.0161  22 4BF E CG  
617 C  CB  . 4BF C 23 ? 0.5024 0.3619 0.4566 -0.0883 0.0683  0.0143  22 4BF E CB  
618 C  CA  . 4BF C 23 ? 0.4760 0.3151 0.3927 -0.0770 0.0595  0.0114  22 4BF E CA  
619 N  N   . 4BF C 23 ? 0.4487 0.3031 0.3666 -0.0658 0.0524  0.0101  22 4BF E N   
620 C  C   . 4BF C 23 ? 0.5068 0.3324 0.4030 -0.0689 0.0677  0.0219  22 4BF E C   
621 O  O   . 4BF C 23 ? 0.5065 0.3061 0.3860 -0.0706 0.0749  0.0244  22 4BF E O   
622 N  N   . GLU C 24 ? 0.4672 0.3028 0.3649 -0.0631 0.0584  0.0306  23 GLU E N   
623 C  CA  . GLU C 24 ? 0.5126 0.3276 0.3967 -0.0598 0.0470  0.0469  23 GLU E CA  
624 C  C   . GLU C 24 ? 0.4924 0.3137 0.4015 -0.0459 0.0527  0.0655  23 GLU E C   
625 O  O   . GLU C 24 ? 0.5631 0.3625 0.4623 -0.0430 0.0531  0.0777  23 GLU E O   
626 C  CB  . GLU C 24 ? 0.5335 0.3442 0.4172 -0.0625 0.0164  0.0576  23 GLU E CB  
627 C  CG  . GLU C 24 ? 0.7184 0.4824 0.5388 -0.0665 0.0145  0.0460  23 GLU E CG  
628 C  CD  . GLU C 24 ? 0.6753 0.3855 0.4362 -0.0636 0.0365  0.0427  23 GLU E CD  
629 O  OE1 . GLU C 24 ? 0.7798 0.4616 0.5211 -0.0639 0.0238  0.0530  23 GLU E OE1 
630 O  OE2 . GLU C 24 ? 0.7027 0.4006 0.4452 -0.0585 0.0705  0.0354  23 GLU E OE2 
631 N  N   . LEU C 25 ? 0.4927 0.3324 0.4262 -0.0316 0.0640  0.0721  24 LEU E N   
632 C  CA  . LEU C 25 ? 0.5922 0.4186 0.5357 -0.0050 0.0903  0.0969  24 LEU E CA  
633 C  C   . LEU C 25 ? 0.6044 0.3775 0.4850 -0.0020 0.1076  0.0807  24 LEU E C   
634 O  O   . LEU C 25 ? 0.7140 0.4657 0.5909 0.0133  0.1239  0.0999  24 LEU E O   
635 C  CB  . LEU C 25 ? 0.5412 0.3700 0.4924 0.0177  0.1122  0.1063  24 LEU E CB  
636 C  CG  . LEU C 25 ? 0.5366 0.4151 0.5759 0.0264  0.1084  0.1452  24 LEU E CG  
637 C  CD1 . LEU C 25 ? 0.6144 0.4820 0.6461 0.0548  0.1433  0.1545  24 LEU E CD1 
638 C  CD2 . LEU C 25 ? 0.5220 0.4176 0.6356 0.0401  0.1139  0.1955  24 LEU E CD2 
639 N  N   . AIB C 26 ? 0.6178 0.3669 0.4565 -0.0178 0.0990  0.0505  25 AIB E N   
640 C  CA  . AIB C 26 ? 0.6683 0.3567 0.4506 -0.0242 0.0991  0.0365  25 AIB E CA  
641 C  C   . AIB C 26 ? 0.7481 0.4385 0.5398 -0.0329 0.1026  0.0428  25 AIB E C   
642 O  O   . AIB C 26 ? 0.7888 0.4319 0.5428 -0.0207 0.1168  0.0493  25 AIB E O   
643 C  CB1 . AIB C 26 ? 0.8167 0.4298 0.5284 0.0095  0.1234  0.0450  25 AIB E CB1 
644 C  CB2 . AIB C 26 ? 0.6485 0.3333 0.4314 -0.0526 0.0714  0.0149  25 AIB E CB2 
645 N  N   . AIB C 27 ? 0.5751 0.3041 0.4004 -0.0496 0.0929  0.0417  26 AIB E N   
646 C  CA  . AIB C 27 ? 0.6686 0.3823 0.4831 -0.0559 0.0972  0.0470  26 AIB E CA  
647 C  C   . AIB C 27 ? 0.8029 0.5056 0.6154 -0.0376 0.1000  0.0696  26 AIB E C   
648 O  O   . AIB C 27 ? 0.8419 0.5126 0.6298 -0.0363 0.1086  0.0736  26 AIB E O   
649 C  CB1 . AIB C 27 ? 0.8054 0.4862 0.6043 -0.0711 0.1035  0.0373  26 AIB E CB1 
650 C  CB2 . AIB C 27 ? 0.6818 0.4092 0.4997 -0.0637 0.0905  0.0468  26 AIB E CB2 
651 N  N   . ILE C 28 ? 0.7501 0.4830 0.6035 -0.0237 0.0923  0.0910  27 ILE E N   
652 C  CA  . ILE C 28 ? 1.0224 0.7597 0.9129 -0.0058 0.0917  0.1281  27 ILE E CA  
653 C  C   . ILE C 28 ? 1.4018 1.1033 1.2688 0.0214  0.1321  0.1380  27 ILE E C   
654 O  O   . ILE C 28 ? 0.9451 0.6284 0.8137 0.0318  0.1394  0.1580  27 ILE E O   
655 C  CB  . ILE C 28 ? 0.9616 0.7461 0.9311 0.0000  0.0725  0.1603  27 ILE E CB  
656 C  CG1 . ILE C 28 ? 0.8335 0.6184 0.7978 -0.0264 0.0214  0.1540  27 ILE E CG1 
657 C  CG2 . ILE C 28 ? 1.3736 1.1748 1.4203 0.0246  0.0820  0.2151  27 ILE E CG2 
658 C  CD1 . ILE C 28 ? 0.7911 0.6138 0.8299 -0.0296 -0.0098 0.1824  27 ILE E CD1 
659 N  N   . LYS C 29 ? 1.2620 0.9358 1.0905 0.0352  0.1562  0.1251  28 LYS E N   
660 C  CA  . LYS C 29 ? 1.5601 1.1519 1.3098 0.0619  0.1917  0.1243  28 LYS E CA  
661 C  C   . LYS C 29 ? 1.2461 0.7873 0.9289 0.0325  0.1723  0.0887  28 LYS E C   
662 O  O   . LYS C 29 ? 1.1498 0.6990 0.8428 0.0147  0.1623  0.0863  28 LYS E O   
663 C  CB  . LYS C 29 ? 2.1602 1.7099 1.8634 0.0881  0.2154  0.1235  28 LYS E CB  
664 C  CG  . LYS C 29 ? 1.9589 1.3869 1.5477 0.1307  0.2599  0.1308  28 LYS E CG  
665 C  CD  . LYS C 29 ? 2.1848 1.5167 1.6570 0.1387  0.2559  0.1049  28 LYS E CD  
666 C  CE  . LYS C 29 ? 2.1743 1.4690 1.5932 0.0881  0.1926  0.0589  28 LYS E CE  
667 N  NZ  . LYS C 29 ? 1.6097 0.8804 0.9919 0.0764  0.1617  0.0381  28 LYS E NZ  
# 
loop_
_pdbx_poly_seq_scheme.asym_id 
_pdbx_poly_seq_scheme.entity_id 
_pdbx_poly_seq_scheme.seq_id 
_pdbx_poly_seq_scheme.mon_id 
_pdbx_poly_seq_scheme.ndb_seq_num 
_pdbx_poly_seq_scheme.pdb_seq_num 
_pdbx_poly_seq_scheme.auth_seq_num 
_pdbx_poly_seq_scheme.pdb_mon_id 
_pdbx_poly_seq_scheme.auth_mon_id 
_pdbx_poly_seq_scheme.pdb_strand_id 
_pdbx_poly_seq_scheme.pdb_ins_code 
_pdbx_poly_seq_scheme.hetero 
A 1 1  ACE 1  0  ?  ?   ?   B . n 
A 1 2  GLY 2  1  1  GLY GLY B . n 
A 1 3  GLU 3  2  2  GLU GLU B . n 
A 1 4  LEU 4  3  3  LEU LEU B . n 
A 1 5  AIB 5  4  4  AIB AIB B . n 
A 1 6  AIB 6  5  5  AIB AIB B . n 
A 1 7  ILE 7  6  6  ILE ILE B . n 
A 1 8  LYS 8  7  7  LYS LYS B . n 
A 1 9  GLN 9  8  8  GLN GLN B . n 
A 1 10 GLU 10 9  9  GLU GLU B . n 
A 1 11 LEU 11 10 10 LEU LEU B . n 
A 1 12 AIB 12 11 11 AIB AIB B . n 
A 1 13 AIB 13 12 12 AIB AIB B . n 
A 1 14 ILE 14 13 13 ILE ILE B . n 
A 1 15 LYS 15 14 14 LYS LYS B . n 
A 1 16 LYS 16 15 15 LYS LYS B . n 
A 1 17 GLU 17 16 16 GLU GLU B . n 
A 1 18 LEU 18 17 17 LEU LEU B . n 
A 1 19 AIB 19 18 18 AIB AIB B . n 
A 1 20 AIB 20 19 19 AIB AIB B . n 
A 1 21 ILE 21 20 20 ILE ILE B . n 
A 1 22 LYS 22 21 21 LYS LYS B . n 
A 1 23 4BF 23 22 22 4BF 4BF B . n 
A 1 24 GLU 24 23 23 GLU GLU B . n 
A 1 25 LEU 25 24 24 LEU LEU B . n 
A 1 26 AIB 26 25 25 AIB AIB B . n 
A 1 27 AIB 27 26 26 AIB AIB B . n 
A 1 28 ILE 28 27 27 ILE ILE B . n 
A 1 29 LYS 29 28 28 LYS LYS B . n 
A 1 30 GLN 30 29 ?  ?   ?   B . n 
A 1 31 GLY 31 30 ?  ?   ?   B . n 
A 1 32 NH2 32 31 ?  ?   ?   B . n 
B 1 1  ACE 1  0  0  ACE ACE C . n 
B 1 2  GLY 2  1  1  GLY GLY C . n 
B 1 3  GLU 3  2  2  GLU GLU C . n 
B 1 4  LEU 4  3  3  LEU LEU C . n 
B 1 5  AIB 5  4  4  AIB AIB C . n 
B 1 6  AIB 6  5  5  AIB AIB C . n 
B 1 7  ILE 7  6  6  ILE ILE C . n 
B 1 8  LYS 8  7  7  LYS LYS C . n 
B 1 9  GLN 9  8  8  GLN GLN C . n 
B 1 10 GLU 10 9  9  GLU GLU C . n 
B 1 11 LEU 11 10 10 LEU LEU C . n 
B 1 12 AIB 12 11 11 AIB AIB C . n 
B 1 13 AIB 13 12 12 AIB AIB C . n 
B 1 14 ILE 14 13 13 ILE ILE C . n 
B 1 15 LYS 15 14 14 LYS LYS C . n 
B 1 16 LYS 16 15 15 LYS LYS C . n 
B 1 17 GLU 17 16 16 GLU GLU C . n 
B 1 18 LEU 18 17 17 LEU LEU C . n 
B 1 19 AIB 19 18 18 AIB AIB C . n 
B 1 20 AIB 20 19 19 AIB AIB C . n 
B 1 21 ILE 21 20 20 ILE ILE C . n 
B 1 22 LYS 22 21 21 LYS LYS C . n 
B 1 23 4BF 23 22 22 4BF 4BF C . n 
B 1 24 GLU 24 23 23 GLU GLU C . n 
B 1 25 LEU 25 24 24 LEU LEU C . n 
B 1 26 AIB 26 25 25 AIB AIB C . n 
B 1 27 AIB 27 26 26 AIB AIB C . n 
B 1 28 ILE 28 27 27 ILE ILE C . n 
B 1 29 LYS 29 28 28 LYS LYS C . n 
B 1 30 GLN 30 29 29 GLN GLN C . n 
B 1 31 GLY 31 30 ?  ?   ?   C . n 
B 1 32 NH2 32 31 ?  ?   ?   C . n 
C 1 1  ACE 1  0  0  ACE ACE E . n 
C 1 2  GLY 2  1  1  GLY GLY E . n 
C 1 3  GLU 3  2  2  GLU GLU E . n 
C 1 4  LEU 4  3  3  LEU LEU E . n 
C 1 5  AIB 5  4  4  AIB AIB E . n 
C 1 6  AIB 6  5  5  AIB AIB E . n 
C 1 7  ILE 7  6  6  ILE ILE E . n 
C 1 8  LYS 8  7  7  LYS LYS E . n 
C 1 9  GLN 9  8  8  GLN GLN E . n 
C 1 10 GLU 10 9  9  GLU GLU E . n 
C 1 11 LEU 11 10 10 LEU LEU E . n 
C 1 12 AIB 12 11 11 AIB AIB E . n 
C 1 13 AIB 13 12 12 AIB AIB E . n 
C 1 14 ILE 14 13 13 ILE ILE E . n 
C 1 15 LYS 15 14 14 LYS LYS E . n 
C 1 16 LYS 16 15 15 LYS LYS E . n 
C 1 17 GLU 17 16 16 GLU GLU E . n 
C 1 18 LEU 18 17 17 LEU LEU E . n 
C 1 19 AIB 19 18 18 AIB AIB E . n 
C 1 20 AIB 20 19 19 AIB AIB E . n 
C 1 21 ILE 21 20 20 ILE ILE E . n 
C 1 22 LYS 22 21 21 LYS LYS E . n 
C 1 23 4BF 23 22 22 4BF 4BF E . n 
C 1 24 GLU 24 23 23 GLU GLU E . n 
C 1 25 LEU 25 24 24 LEU LEU E . n 
C 1 26 AIB 26 25 25 AIB AIB E . n 
C 1 27 AIB 27 26 26 AIB AIB E . n 
C 1 28 ILE 28 27 27 ILE ILE E . n 
C 1 29 LYS 29 28 28 LYS LYS E . n 
C 1 30 GLN 30 29 ?  ?   ?   E . n 
C 1 31 GLY 31 30 ?  ?   ?   E . n 
C 1 32 NH2 32 31 ?  ?   ?   E . n 
# 
_pdbx_contact_author.id                 2 
_pdbx_contact_author.email              D.N.Woolfson@bristol.ac.uk 
_pdbx_contact_author.name_first         Derek 
_pdbx_contact_author.name_last          Woolfson 
_pdbx_contact_author.name_mi            N. 
_pdbx_contact_author.role               'principal investigator/group leader' 
_pdbx_contact_author.identifier_ORCID   0000-0002-0394-3202 
# 
loop_
_pdbx_nonpoly_scheme.asym_id 
_pdbx_nonpoly_scheme.entity_id 
_pdbx_nonpoly_scheme.mon_id 
_pdbx_nonpoly_scheme.ndb_seq_num 
_pdbx_nonpoly_scheme.pdb_seq_num 
_pdbx_nonpoly_scheme.auth_seq_num 
_pdbx_nonpoly_scheme.pdb_mon_id 
_pdbx_nonpoly_scheme.auth_mon_id 
_pdbx_nonpoly_scheme.pdb_strand_id 
_pdbx_nonpoly_scheme.pdb_ins_code 
D 2 HOH 1  101 36 HOH HOH B . 
D 2 HOH 2  102 4  HOH HOH B . 
D 2 HOH 3  103 1  HOH HOH B . 
D 2 HOH 4  104 15 HOH HOH B . 
D 2 HOH 5  105 34 HOH HOH B . 
D 2 HOH 6  106 37 HOH HOH B . 
E 2 HOH 1  101 39 HOH HOH C . 
E 2 HOH 2  102 29 HOH HOH C . 
E 2 HOH 3  103 25 HOH HOH C . 
E 2 HOH 4  104 40 HOH HOH C . 
E 2 HOH 5  105 16 HOH HOH C . 
E 2 HOH 6  106 6  HOH HOH C . 
E 2 HOH 7  107 7  HOH HOH C . 
E 2 HOH 8  108 38 HOH HOH C . 
E 2 HOH 9  109 11 HOH HOH C . 
E 2 HOH 10 110 33 HOH HOH C . 
E 2 HOH 11 111 8  HOH HOH C . 
E 2 HOH 12 112 5  HOH HOH C . 
E 2 HOH 13 113 42 HOH HOH C . 
E 2 HOH 14 114 3  HOH HOH C . 
E 2 HOH 15 115 12 HOH HOH C . 
F 2 HOH 1  101 2  HOH HOH E . 
F 2 HOH 2  102 18 HOH HOH E . 
F 2 HOH 3  103 20 HOH HOH E . 
F 2 HOH 4  104 41 HOH HOH E . 
F 2 HOH 5  105 10 HOH HOH E . 
F 2 HOH 6  106 19 HOH HOH E . 
F 2 HOH 7  107 35 HOH HOH E . 
F 2 HOH 8  108 27 HOH HOH E . 
F 2 HOH 9  109 13 HOH HOH E . 
F 2 HOH 10 110 14 HOH HOH E . 
F 2 HOH 11 111 31 HOH HOH E . 
F 2 HOH 12 112 17 HOH HOH E . 
# 
_pdbx_struct_assembly.id                   1 
_pdbx_struct_assembly.details              author_defined_assembly 
_pdbx_struct_assembly.method_details       ? 
_pdbx_struct_assembly.oligomeric_details   trimeric 
_pdbx_struct_assembly.oligomeric_count     3 
# 
_pdbx_struct_assembly_gen.assembly_id       1 
_pdbx_struct_assembly_gen.oper_expression   1 
_pdbx_struct_assembly_gen.asym_id_list      A,B,C,D,E,F 
# 
loop_
_pdbx_struct_assembly_prop.biol_id 
_pdbx_struct_assembly_prop.type 
_pdbx_struct_assembly_prop.value 
_pdbx_struct_assembly_prop.details 
1 'ABSA (A^2)' 3150 ? 
1 MORE         -31  ? 
1 'SSA (A^2)'  6140 ? 
# 
_pdbx_struct_oper_list.id                   1 
_pdbx_struct_oper_list.type                 'identity operation' 
_pdbx_struct_oper_list.name                 1_555 
_pdbx_struct_oper_list.symmetry_operation   x,y,z 
_pdbx_struct_oper_list.matrix[1][1]         1.0000000000 
_pdbx_struct_oper_list.matrix[1][2]         0.0000000000 
_pdbx_struct_oper_list.matrix[1][3]         0.0000000000 
_pdbx_struct_oper_list.vector[1]            0.0000000000 
_pdbx_struct_oper_list.matrix[2][1]         0.0000000000 
_pdbx_struct_oper_list.matrix[2][2]         1.0000000000 
_pdbx_struct_oper_list.matrix[2][3]         0.0000000000 
_pdbx_struct_oper_list.vector[2]            0.0000000000 
_pdbx_struct_oper_list.matrix[3][1]         0.0000000000 
_pdbx_struct_oper_list.matrix[3][2]         0.0000000000 
_pdbx_struct_oper_list.matrix[3][3]         1.0000000000 
_pdbx_struct_oper_list.vector[3]            0.0000000000 
# 
_pdbx_audit_revision_history.ordinal             1 
_pdbx_audit_revision_history.data_content_type   'Structure model' 
_pdbx_audit_revision_history.major_revision      1 
_pdbx_audit_revision_history.minor_revision      0 
_pdbx_audit_revision_history.revision_date       2023-02-01 
# 
_pdbx_audit_revision_details.ordinal             1 
_pdbx_audit_revision_details.revision_ordinal    1 
_pdbx_audit_revision_details.data_content_type   'Structure model' 
_pdbx_audit_revision_details.provider            repository 
_pdbx_audit_revision_details.type                'Initial release' 
_pdbx_audit_revision_details.description         ? 
_pdbx_audit_revision_details.details             ? 
# 
loop_
_pdbx_refine_tls.id 
_pdbx_refine_tls.pdbx_refine_id 
_pdbx_refine_tls.details 
_pdbx_refine_tls.method 
_pdbx_refine_tls.origin_x 
_pdbx_refine_tls.origin_y 
_pdbx_refine_tls.origin_z 
_pdbx_refine_tls.T[1][1] 
_pdbx_refine_tls.T[1][1]_esd 
_pdbx_refine_tls.T[1][2] 
_pdbx_refine_tls.T[1][2]_esd 
_pdbx_refine_tls.T[1][3] 
_pdbx_refine_tls.T[1][3]_esd 
_pdbx_refine_tls.T[2][2] 
_pdbx_refine_tls.T[2][2]_esd 
_pdbx_refine_tls.T[2][3] 
_pdbx_refine_tls.T[2][3]_esd 
_pdbx_refine_tls.T[3][3] 
_pdbx_refine_tls.T[3][3]_esd 
_pdbx_refine_tls.L[1][1] 
_pdbx_refine_tls.L[1][1]_esd 
_pdbx_refine_tls.L[1][2] 
_pdbx_refine_tls.L[1][2]_esd 
_pdbx_refine_tls.L[1][3] 
_pdbx_refine_tls.L[1][3]_esd 
_pdbx_refine_tls.L[2][2] 
_pdbx_refine_tls.L[2][2]_esd 
_pdbx_refine_tls.L[2][3] 
_pdbx_refine_tls.L[2][3]_esd 
_pdbx_refine_tls.L[3][3] 
_pdbx_refine_tls.L[3][3]_esd 
_pdbx_refine_tls.S[1][1] 
_pdbx_refine_tls.S[1][1]_esd 
_pdbx_refine_tls.S[1][2] 
_pdbx_refine_tls.S[1][2]_esd 
_pdbx_refine_tls.S[1][3] 
_pdbx_refine_tls.S[1][3]_esd 
_pdbx_refine_tls.S[2][1] 
_pdbx_refine_tls.S[2][1]_esd 
_pdbx_refine_tls.S[2][2] 
_pdbx_refine_tls.S[2][2]_esd 
_pdbx_refine_tls.S[2][3] 
_pdbx_refine_tls.S[2][3]_esd 
_pdbx_refine_tls.S[3][1] 
_pdbx_refine_tls.S[3][1]_esd 
_pdbx_refine_tls.S[3][2] 
_pdbx_refine_tls.S[3][2]_esd 
_pdbx_refine_tls.S[3][3] 
_pdbx_refine_tls.S[3][3]_esd 
1 'X-RAY DIFFRACTION' ? refined -2.8449 -3.9104 -2.6884 0.0124 ? -0.0074 ? 0.0075 ? 0.0574 ? -0.0437 ? 0.0597 ? 4.1259 ? -3.1579 ? 3.0665 ? 11.1171 ? -11.8521 ? 15.4013 ? -0.1137 ? -0.1366 ? -0.1584 ? 0.1164 ? 0.1665  ? 0.1135  ? 0.0422  ? -0.3665 ? -0.0527 ? 
2 'X-RAY DIFFRACTION' ? refined -2.4641 2.4340  4.6105  0.0225 ? -0.0053 ? 0.0062 ? 0.0048 ? -0.0013 ? 0.0150 ? 7.0921 ? -6.0636 ? 3.6969 ? 10.1673 ? -3.9367  ? 5.3580  ? 0.1047  ? 0.1245  ? 0.0876  ? 0.1031 ? -0.1546 ? -0.2295 ? -0.0472 ? 0.0876  ? 0.0498  ? 
3 'X-RAY DIFFRACTION' ? refined 5.6540  0.6072  -1.4223 0.0478 ? -0.0353 ? 0.0141 ? 0.0548 ? -0.0059 ? 0.0617 ? 1.0896 ? -2.9198 ? 0.7247 ? 18.4738 ? -7.8576  ? 5.5372  ? -0.0863 ? -0.0476 ? 0.1046  ? 0.0023 ? 0.2100  ? -0.2423 ? -0.1832 ? 0.1772  ? -0.1237 ? 
# 
loop_
_pdbx_refine_tls_group.id 
_pdbx_refine_tls_group.pdbx_refine_id 
_pdbx_refine_tls_group.refine_tls_id 
_pdbx_refine_tls_group.beg_label_asym_id 
_pdbx_refine_tls_group.beg_label_seq_id 
_pdbx_refine_tls_group.beg_auth_asym_id 
_pdbx_refine_tls_group.beg_auth_seq_id 
_pdbx_refine_tls_group.beg_PDB_ins_code 
_pdbx_refine_tls_group.end_label_asym_id 
_pdbx_refine_tls_group.end_label_seq_id 
_pdbx_refine_tls_group.end_auth_asym_id 
_pdbx_refine_tls_group.end_auth_seq_id 
_pdbx_refine_tls_group.end_PDB_ins_code 
_pdbx_refine_tls_group.selection 
_pdbx_refine_tls_group.selection_details 
1 'X-RAY DIFFRACTION' 1 ? ? B 1 ? ? ? B 28 ? ? ? 
2 'X-RAY DIFFRACTION' 2 ? ? C 0 ? ? ? C 29 ? ? ? 
3 'X-RAY DIFFRACTION' 3 ? ? E 0 ? ? ? E 28 ? ? ? 
# 
loop_
_software.citation_id 
_software.classification 
_software.compiler_name 
_software.compiler_version 
_software.contact_author 
_software.contact_author_email 
_software.date 
_software.description 
_software.dependencies 
_software.hardware 
_software.language 
_software.location 
_software.mods 
_software.name 
_software.os 
_software.os_version 
_software.type 
_software.version 
_software.pdbx_ordinal 
? refinement        ? ? ? ? ? ? ? ? ? ? ? REFMAC      ? ? ? 5.8.0267 1 
? 'data extraction' ? ? ? ? ? ? ? ? ? ? ? PDB_EXTRACT ? ? ? 3.27     2 
? 'data reduction'  ? ? ? ? ? ? ? ? ? ? ? DIALS       ? ? ? .        3 
? 'data scaling'    ? ? ? ? ? ? ? ? ? ? ? Aimless     ? ? ? .        4 
? phasing           ? ? ? ? ? ? ? ? ? ? ? SHELXDE     ? ? ? .        5 
# 
_pdbx_entry_details.entry_id                 7QWC 
_pdbx_entry_details.has_ligand_of_interest   N 
_pdbx_entry_details.compound_details         ? 
_pdbx_entry_details.source_details           ? 
_pdbx_entry_details.nonpolymer_details       ? 
_pdbx_entry_details.sequence_details         ? 
# 
loop_
_pdbx_unobs_or_zero_occ_atoms.id 
_pdbx_unobs_or_zero_occ_atoms.PDB_model_num 
_pdbx_unobs_or_zero_occ_atoms.polymer_flag 
_pdbx_unobs_or_zero_occ_atoms.occupancy_flag 
_pdbx_unobs_or_zero_occ_atoms.auth_asym_id 
_pdbx_unobs_or_zero_occ_atoms.auth_comp_id 
_pdbx_unobs_or_zero_occ_atoms.auth_seq_id 
_pdbx_unobs_or_zero_occ_atoms.PDB_ins_code 
_pdbx_unobs_or_zero_occ_atoms.auth_atom_id 
_pdbx_unobs_or_zero_occ_atoms.label_alt_id 
_pdbx_unobs_or_zero_occ_atoms.label_asym_id 
_pdbx_unobs_or_zero_occ_atoms.label_comp_id 
_pdbx_unobs_or_zero_occ_atoms.label_seq_id 
_pdbx_unobs_or_zero_occ_atoms.label_atom_id 
1 1 Y 1 B LYS 28 ? CE ? A LYS 29 CE 
2 1 Y 1 B LYS 28 ? NZ ? A LYS 29 NZ 
# 
loop_
_pdbx_unobs_or_zero_occ_residues.id 
_pdbx_unobs_or_zero_occ_residues.PDB_model_num 
_pdbx_unobs_or_zero_occ_residues.polymer_flag 
_pdbx_unobs_or_zero_occ_residues.occupancy_flag 
_pdbx_unobs_or_zero_occ_residues.auth_asym_id 
_pdbx_unobs_or_zero_occ_residues.auth_comp_id 
_pdbx_unobs_or_zero_occ_residues.auth_seq_id 
_pdbx_unobs_or_zero_occ_residues.PDB_ins_code 
_pdbx_unobs_or_zero_occ_residues.label_asym_id 
_pdbx_unobs_or_zero_occ_residues.label_comp_id 
_pdbx_unobs_or_zero_occ_residues.label_seq_id 
1 1 Y 1 B ACE 0  ? A ACE 1  
2 1 Y 1 B GLN 29 ? A GLN 30 
3 1 Y 1 B GLY 30 ? A GLY 31 
4 1 Y 1 B NH2 31 ? A NH2 32 
5 1 Y 1 C GLY 30 ? B GLY 31 
6 1 Y 1 C NH2 31 ? B NH2 32 
7 1 Y 1 E GLN 29 ? C GLN 30 
8 1 Y 1 E GLY 30 ? C GLY 31 
9 1 Y 1 E NH2 31 ? C NH2 32 
# 
loop_
_pdbx_audit_support.funding_organization 
_pdbx_audit_support.country 
_pdbx_audit_support.grant_number 
_pdbx_audit_support.ordinal 
'European Research Council (ERC)'                                'United Kingdom' 340764         1 
'Engineering and Physical Sciences Research Council'             'United Kingdom' EP/G036764     2 
'Biotechnology and Biological Sciences Research Council (BBSRC)' 'United Kingdom' 'BB R00661X 1' 3 
# 
_pdbx_entity_nonpoly.entity_id   2 
_pdbx_entity_nonpoly.name        water 
_pdbx_entity_nonpoly.comp_id     HOH 
# 
_pdbx_struct_assembly_auth_evidence.id                     1 
_pdbx_struct_assembly_auth_evidence.assembly_id            1 
_pdbx_struct_assembly_auth_evidence.experimental_support   'equilibrium centrifugation' 
_pdbx_struct_assembly_auth_evidence.details                'trimeric AUC-SE' 
# 
